data_3CFI
#
_entry.id   3CFI
#
_cell.length_a   46.720
_cell.length_b   67.243
_cell.length_c   128.255
_cell.angle_alpha   96.54
_cell.angle_beta   91.62
_cell.angle_gamma   90.20
#
_symmetry.space_group_name_H-M   'P 1'
#
loop_
_entity.id
_entity.type
_entity.pdbx_description
1 polymer 'Type II secretory pathway, pseudopilin EpsI'
2 polymer 'Type II secretory pathway, PSEUDOPILIN EpsJ'
3 polymer 'Nanobody NBEPSIJ_11'
4 non-polymer 'CHLORIDE ION'
5 water water
#
loop_
_entity_poly.entity_id
_entity_poly.type
_entity_poly.pdbx_seq_one_letter_code
_entity_poly.pdbx_strand_id
1 'polypeptide(L)'
;INTVGYLEQKMFAAMVADNQMAMVMLNPKNLKASNGEEELAGQTWYWKVAPVATTQPLLKAFDVSVAAEKQASPIITVRS
YVAK
;
A,D,G,J
2 'polypeptide(L)'
;NELSQERTARLNELQRALVMMDSDFRQIALRQTRTNGEEPSKKLLHWADYLLDSDNKGIMFARLGWHNPQQQFPRGEVTK
VGYRIKDERLERVWWRYPDTPAGQEGVVTPLLSDVEELNVRFYDGKQWINEWSNELTLPAAISVELTLKDYGKIARTYLT
PEGN
;
B,E,H,K
3 'polypeptide(L)'
;QVQLQESGGGLVQPGGSLRLSCAASGFAFSGYAMSWVRQAPGKGLEWVSGINRDGSTSYTAPVKGRFTISRDNAKNILYL
QMNSLRPEDTAVYYCAKWLGGRDWYDRGQGTQVTVS
;
C,F,I,L
#
loop_
_chem_comp.id
_chem_comp.type
_chem_comp.name
_chem_comp.formula
CL non-polymer 'CHLORIDE ION' 'Cl -1'
#
# COMPACT_ATOMS: atom_id res chain seq x y z
N TYR A 6 -28.48 3.04 20.42
CA TYR A 6 -27.26 2.19 20.46
C TYR A 6 -25.99 3.01 20.30
N LEU A 7 -26.11 4.17 19.66
CA LEU A 7 -24.95 5.00 19.30
C LEU A 7 -24.27 5.67 20.49
N GLU A 8 -24.78 5.42 21.70
CA GLU A 8 -24.04 5.74 22.93
C GLU A 8 -22.68 5.05 22.88
N GLN A 9 -22.70 3.74 22.62
CA GLN A 9 -21.49 2.92 22.57
C GLN A 9 -20.49 3.44 21.53
N LYS A 10 -20.99 3.85 20.38
CA LYS A 10 -20.15 4.38 19.29
C LYS A 10 -19.45 5.67 19.70
N MET A 11 -20.18 6.55 20.37
CA MET A 11 -19.64 7.85 20.79
C MET A 11 -18.63 7.69 21.92
N PHE A 12 -19.00 6.92 22.95
CA PHE A 12 -18.16 6.74 24.13
C PHE A 12 -16.88 5.95 23.82
N ALA A 13 -16.97 4.97 22.93
CA ALA A 13 -15.78 4.22 22.50
C ALA A 13 -14.82 5.14 21.75
N ALA A 14 -15.36 6.04 20.92
CA ALA A 14 -14.55 7.02 20.19
C ALA A 14 -13.85 7.98 21.16
N MET A 15 -14.54 8.37 22.22
CA MET A 15 -13.96 9.27 23.23
C MET A 15 -12.78 8.62 23.94
N VAL A 16 -12.94 7.34 24.29
CA VAL A 16 -11.84 6.60 24.93
C VAL A 16 -10.66 6.44 23.98
N ALA A 17 -10.95 6.16 22.71
CA ALA A 17 -9.91 6.05 21.68
C ALA A 17 -9.12 7.35 21.53
N ASP A 18 -9.81 8.48 21.56
CA ASP A 18 -9.17 9.80 21.45
C ASP A 18 -8.26 10.07 22.64
N ASN A 19 -8.72 9.72 23.83
CA ASN A 19 -7.97 9.91 25.06
C ASN A 19 -6.65 9.12 25.06
N GLN A 20 -6.72 7.87 24.63
CA GLN A 20 -5.54 7.00 24.59
C GLN A 20 -4.59 7.38 23.46
N MET A 21 -5.13 7.82 22.32
CA MET A 21 -4.32 8.35 21.23
C MET A 21 -3.48 9.53 21.71
N ALA A 22 -4.09 10.38 22.54
CA ALA A 22 -3.40 11.52 23.11
C ALA A 22 -2.31 11.10 24.09
N MET A 23 -2.58 10.04 24.85
CA MET A 23 -1.63 9.56 25.87
C MET A 23 -0.37 8.96 25.25
N VAL A 24 -0.52 8.23 24.15
CA VAL A 24 0.63 7.69 23.43
C VAL A 24 1.41 8.80 22.72
N MET A 25 0.74 9.89 22.37
CA MET A 25 1.40 11.05 21.77
C MET A 25 2.25 11.83 22.78
N LEU A 26 2.01 11.62 24.08
CA LEU A 26 2.81 12.27 25.12
C LEU A 26 4.24 11.74 25.15
N ASN A 27 4.45 10.54 24.62
CA ASN A 27 5.79 10.00 24.40
C ASN A 27 6.04 9.73 22.91
N LYS A 29 7.83 7.46 21.66
CA LYS A 29 9.21 7.30 21.21
C LYS A 29 9.60 5.82 21.25
N ASN A 30 9.39 5.18 22.40
CA ASN A 30 9.53 3.73 22.52
C ASN A 30 8.35 3.04 21.85
N LEU A 31 7.14 3.53 22.14
CA LEU A 31 5.91 3.11 21.48
C LEU A 31 5.77 1.59 21.43
N LYS A 32 5.59 0.99 22.60
CA LYS A 32 5.41 -0.45 22.71
C LYS A 32 3.92 -0.79 22.69
N ALA A 33 3.61 -2.04 22.38
CA ALA A 33 2.21 -2.49 22.31
C ALA A 33 1.65 -2.66 23.71
N SER A 34 0.92 -1.65 24.17
CA SER A 34 0.32 -1.66 25.50
C SER A 34 -1.18 -1.90 25.42
N ASN A 35 -1.78 -2.15 26.59
CA ASN A 35 -3.23 -2.33 26.72
C ASN A 35 -3.69 -1.93 28.11
N GLY A 36 -4.96 -1.62 28.25
CA GLY A 36 -5.50 -1.21 29.53
C GLY A 36 -7.01 -1.00 29.55
N GLU A 37 -7.46 -0.27 30.57
CA GLU A 37 -8.88 -0.02 30.81
C GLU A 37 -9.12 1.45 31.12
N GLU A 38 -10.30 1.94 30.74
CA GLU A 38 -10.70 3.32 31.04
C GLU A 38 -12.17 3.37 31.42
N GLU A 39 -12.45 3.98 32.57
CA GLU A 39 -13.80 4.15 33.06
C GLU A 39 -14.38 5.44 32.45
N LEU A 40 -15.47 5.31 31.69
CA LEU A 40 -16.09 6.45 31.02
C LEU A 40 -17.59 6.22 30.80
N ALA A 41 -18.38 7.26 31.04
CA ALA A 41 -19.84 7.19 30.92
C ALA A 41 -20.45 6.06 31.77
N GLY A 42 -19.88 5.85 32.95
CA GLY A 42 -20.37 4.81 33.86
C GLY A 42 -20.21 3.39 33.32
N GLN A 43 -19.15 3.16 32.54
CA GLN A 43 -18.90 1.86 31.91
C GLN A 43 -17.41 1.63 31.73
N THR A 44 -17.01 0.36 31.75
CA THR A 44 -15.60 0.00 31.56
C THR A 44 -15.31 -0.22 30.08
N TRP A 45 -14.21 0.37 29.61
CA TRP A 45 -13.78 0.26 28.23
C TRP A 45 -12.37 -0.31 28.15
N TYR A 46 -12.21 -1.36 27.35
CA TYR A 46 -10.94 -2.08 27.23
C TYR A 46 -10.23 -1.66 25.95
N TRP A 47 -9.08 -1.01 26.09
CA TRP A 47 -8.35 -0.47 24.94
C TRP A 47 -7.01 -1.18 24.72
N LYS A 48 -6.54 -1.13 23.48
CA LYS A 48 -5.22 -1.64 23.10
C LYS A 48 -4.56 -0.66 22.14
N VAL A 49 -3.30 -0.31 22.41
CA VAL A 49 -2.49 0.41 21.43
C VAL A 49 -1.50 -0.60 20.85
N ALA A 50 -1.43 -0.65 19.51
CA ALA A 50 -0.59 -1.63 18.81
C ALA A 50 0.20 -0.96 17.70
N PRO A 51 1.54 -0.90 17.84
CA PRO A 51 2.41 -0.37 16.80
C PRO A 51 2.19 -1.05 15.46
N VAL A 52 2.23 -0.23 14.42
CA VAL A 52 2.07 -0.66 13.06
C VAL A 52 3.34 -0.25 12.33
N ALA A 53 4.08 -1.23 11.82
CA ALA A 53 5.28 -0.96 11.04
C ALA A 53 4.86 -0.29 9.73
N THR A 54 5.66 0.68 9.29
CA THR A 54 5.37 1.41 8.06
C THR A 54 6.32 0.98 6.94
N THR A 55 6.06 1.47 5.74
CA THR A 55 6.88 1.13 4.57
C THR A 55 8.03 2.12 4.37
N GLN A 56 8.36 2.88 5.42
CA GLN A 56 9.34 3.96 5.32
C GLN A 56 9.84 4.38 6.71
N PRO A 57 11.02 5.04 6.77
CA PRO A 57 11.57 5.49 8.05
C PRO A 57 11.00 6.85 8.49
N LEU A 58 11.51 7.38 9.61
CA LEU A 58 11.10 8.67 10.15
C LEU A 58 9.63 8.64 10.59
N LYS A 60 6.68 5.49 11.41
CA LYS A 60 6.08 5.38 12.74
C LYS A 60 4.55 5.42 12.67
N ALA A 61 3.90 4.40 13.24
CA ALA A 61 2.44 4.31 13.24
C ALA A 61 1.92 3.41 14.35
N PHE A 62 0.66 3.61 14.72
CA PHE A 62 0.03 2.75 15.73
C PHE A 62 -1.49 2.73 15.62
N ASP A 63 -2.10 1.63 16.06
CA ASP A 63 -3.55 1.46 16.07
C ASP A 63 -4.08 1.48 17.50
N VAL A 64 -5.00 2.41 17.77
CA VAL A 64 -5.74 2.41 19.03
C VAL A 64 -7.11 1.78 18.79
N SER A 65 -7.39 0.68 19.50
CA SER A 65 -8.69 0.01 19.40
C SER A 65 -9.34 -0.07 20.77
N VAL A 66 -10.66 0.08 20.82
CA VAL A 66 -11.41 -0.01 22.08
C VAL A 66 -12.58 -0.99 21.98
N ALA A 67 -12.80 -1.76 23.03
CA ALA A 67 -13.84 -2.79 23.08
C ALA A 67 -14.75 -2.60 24.29
N ALA A 68 -15.99 -3.05 24.17
CA ALA A 68 -16.96 -2.95 25.27
C ALA A 68 -16.82 -4.08 26.29
N GLU A 69 -16.24 -5.21 25.87
CA GLU A 69 -16.02 -6.35 26.76
C GLU A 69 -14.54 -6.75 26.81
N LYS A 70 -14.21 -7.62 27.75
CA LYS A 70 -12.81 -7.95 28.09
C LYS A 70 -12.00 -8.52 26.93
N GLN A 71 -12.41 -9.69 26.43
CA GLN A 71 -11.70 -10.36 25.33
C GLN A 71 -12.39 -10.20 23.97
N ALA A 72 -13.35 -9.26 23.88
CA ALA A 72 -14.21 -9.14 22.71
C ALA A 72 -13.58 -8.30 21.60
N SER A 73 -14.20 -8.35 20.42
CA SER A 73 -13.73 -7.61 19.25
C SER A 73 -14.01 -6.12 19.40
N PRO A 74 -13.08 -5.26 18.93
CA PRO A 74 -13.23 -3.82 19.15
C PRO A 74 -14.37 -3.21 18.34
N ILE A 75 -15.06 -2.23 18.93
CA ILE A 75 -16.13 -1.53 18.23
C ILE A 75 -15.60 -0.33 17.42
N ILE A 76 -14.39 0.11 17.75
CA ILE A 76 -13.69 1.12 16.94
C ILE A 76 -12.19 0.86 16.92
N THR A 77 -11.56 1.10 15.77
CA THR A 77 -10.10 1.02 15.62
C THR A 77 -9.62 2.20 14.77
N VAL A 78 -8.69 2.99 15.30
CA VAL A 78 -8.22 4.20 14.64
C VAL A 78 -6.69 4.19 14.50
N ARG A 79 -6.22 4.45 13.28
CA ARG A 79 -4.78 4.51 13.01
C ARG A 79 -4.26 5.94 13.14
N SER A 80 -3.05 6.09 13.70
CA SER A 80 -2.46 7.39 13.92
C SER A 80 -0.98 7.37 13.55
N TYR A 81 -0.52 8.44 12.90
CA TYR A 81 0.87 8.55 12.44
C TYR A 81 1.65 9.61 13.22
N VAL A 82 2.89 9.29 13.56
CA VAL A 82 3.74 10.16 14.37
C VAL A 82 5.18 10.15 13.83
N ALA A 83 6.03 11.03 14.36
CA ALA A 83 7.46 11.09 14.01
C ALA A 83 7.69 11.57 12.57
N GLU B 2 -39.78 7.57 22.05
CA GLU B 2 -40.18 8.91 22.58
C GLU B 2 -39.15 9.37 23.60
N LEU B 3 -38.89 8.50 24.58
CA LEU B 3 -37.75 8.66 25.47
C LEU B 3 -36.47 8.48 24.66
N SER B 4 -36.52 7.68 23.60
CA SER B 4 -35.33 7.46 22.79
C SER B 4 -34.91 8.73 22.04
N GLN B 5 -35.88 9.52 21.60
CA GLN B 5 -35.61 10.82 20.98
C GLN B 5 -34.88 11.75 21.96
N GLU B 6 -35.32 11.71 23.22
CA GLU B 6 -34.70 12.47 24.29
C GLU B 6 -33.24 12.05 24.52
N ARG B 7 -32.98 10.75 24.50
CA ARG B 7 -31.61 10.23 24.75
C ARG B 7 -30.69 10.44 23.55
N THR B 8 -31.27 10.41 22.35
CA THR B 8 -30.53 10.76 21.14
C THR B 8 -30.13 12.24 21.18
N ALA B 9 -31.06 13.09 21.65
CA ALA B 9 -30.81 14.52 21.77
C ALA B 9 -29.78 14.81 22.86
N ARG B 10 -29.77 13.99 23.91
CA ARG B 10 -28.83 14.12 25.01
C ARG B 10 -27.39 13.93 24.53
N LEU B 11 -27.20 12.93 23.67
CA LEU B 11 -25.88 12.66 23.10
C LEU B 11 -25.44 13.80 22.19
N ASN B 12 -26.39 14.38 21.44
CA ASN B 12 -26.09 15.56 20.62
C ASN B 12 -25.70 16.75 21.47
N GLU B 13 -26.39 16.92 22.60
CA GLU B 13 -26.07 17.99 23.54
C GLU B 13 -24.65 17.84 24.08
N LEU B 14 -24.28 16.60 24.44
CA LEU B 14 -22.94 16.32 24.93
C LEU B 14 -21.87 16.65 23.89
N GLN B 15 -22.14 16.33 22.63
CA GLN B 15 -21.21 16.62 21.55
C GLN B 15 -21.04 18.11 21.28
N ARG B 16 -22.13 18.87 21.38
CA ARG B 16 -22.06 20.33 21.27
C ARG B 16 -21.15 20.90 22.36
N ALA B 17 -21.28 20.36 23.57
CA ALA B 17 -20.46 20.77 24.71
C ALA B 17 -19.00 20.40 24.49
N LEU B 18 -18.76 19.15 24.12
CA LEU B 18 -17.39 18.64 23.92
C LEU B 18 -16.66 19.39 22.82
N VAL B 19 -17.34 19.65 21.69
CA VAL B 19 -16.73 20.37 20.57
C VAL B 19 -16.42 21.83 20.91
N MET B 20 -17.24 22.42 21.78
CA MET B 20 -16.95 23.76 22.30
C MET B 20 -15.71 23.75 23.18
N MET B 21 -15.61 22.73 24.03
CA MET B 21 -14.43 22.54 24.86
C MET B 21 -13.17 22.25 24.04
N ASP B 22 -13.32 21.51 22.94
CA ASP B 22 -12.21 21.24 22.03
C ASP B 22 -11.66 22.54 21.44
N SER B 23 -12.56 23.44 21.05
CA SER B 23 -12.18 24.70 20.42
C SER B 23 -11.44 25.65 21.38
N ASP B 24 -11.60 25.45 22.70
CA ASP B 24 -10.89 26.25 23.69
C ASP B 24 -9.61 25.57 24.14
N PHE B 25 -9.74 24.35 24.64
CA PHE B 25 -8.60 23.62 25.26
C PHE B 25 -7.51 23.21 24.27
N ARG B 26 -7.86 23.07 22.99
CA ARG B 26 -6.86 22.79 21.96
C ARG B 26 -6.16 24.06 21.49
N GLN B 27 -6.80 25.21 21.72
CA GLN B 27 -6.29 26.49 21.24
C GLN B 27 -5.86 27.40 22.39
N ILE B 28 -5.28 26.81 23.43
CA ILE B 28 -4.83 27.56 24.60
C ILE B 28 -3.68 28.46 24.21
N ALA B 29 -3.83 29.76 24.43
CA ALA B 29 -2.80 30.73 24.09
C ALA B 29 -1.76 30.82 25.20
N LEU B 30 -0.49 30.99 24.81
CA LEU B 30 0.60 31.21 25.76
C LEU B 30 0.64 32.69 26.16
N ARG B 31 -0.36 33.08 26.95
CA ARG B 31 -0.46 34.45 27.48
C ARG B 31 -1.04 34.41 28.88
N GLN B 32 -0.40 35.14 29.80
CA GLN B 32 -0.89 35.23 31.17
C GLN B 32 -2.10 36.16 31.27
N THR B 33 -3.14 35.69 31.94
CA THR B 33 -4.33 36.49 32.20
C THR B 33 -4.39 36.86 33.66
N ARG B 34 -5.16 37.90 33.97
CA ARG B 34 -5.27 38.41 35.33
C ARG B 34 -6.68 38.17 35.88
N THR B 35 -6.75 37.78 37.15
CA THR B 35 -8.01 37.77 37.91
C THR B 35 -8.03 39.08 38.71
N ASN B 36 -8.95 39.98 38.36
CA ASN B 36 -8.91 41.37 38.83
C ASN B 36 -9.74 41.59 40.10
N GLY B 37 -9.63 40.67 41.06
CA GLY B 37 -10.31 40.77 42.34
C GLY B 37 -9.37 41.22 43.45
N GLU B 38 -8.87 40.25 44.22
CA GLU B 38 -7.98 40.54 45.34
C GLU B 38 -7.23 39.27 45.79
N SER B 41 -4.40 37.13 41.43
CA SER B 41 -3.23 37.67 40.75
C SER B 41 -3.20 37.27 39.26
N LYS B 42 -2.08 36.70 38.80
CA LYS B 42 -1.74 36.63 37.37
C LYS B 42 -1.10 35.29 37.01
N LYS B 43 -1.81 34.49 36.20
CA LYS B 43 -1.38 33.14 35.84
C LYS B 43 -1.63 32.81 34.37
N LEU B 44 -1.09 31.67 33.93
CA LEU B 44 -1.39 31.12 32.59
C LEU B 44 -2.69 30.33 32.63
N LEU B 45 -2.78 29.41 33.59
CA LEU B 45 -4.00 28.64 33.83
C LEU B 45 -4.53 28.91 35.24
N HIS B 46 -5.73 29.45 35.34
CA HIS B 46 -6.39 29.69 36.62
C HIS B 46 -7.30 28.52 36.97
N TRP B 47 -7.16 27.99 38.17
CA TRP B 47 -7.91 26.79 38.58
C TRP B 47 -8.08 26.76 40.10
N ALA B 48 -9.31 26.95 40.56
CA ALA B 48 -9.61 27.01 41.98
C ALA B 48 -11.10 26.84 42.26
N ASP B 49 -11.43 26.63 43.53
CA ASP B 49 -12.83 26.53 43.95
C ASP B 49 -13.53 27.88 43.84
N TYR B 50 -14.77 27.86 43.37
CA TYR B 50 -15.63 29.04 43.29
C TYR B 50 -15.11 30.13 42.33
N LEU B 51 -14.20 29.77 41.44
CA LEU B 51 -13.68 30.70 40.44
C LEU B 51 -14.79 30.95 39.42
N LEU B 52 -14.92 32.21 39.00
CA LEU B 52 -16.01 32.64 38.13
C LEU B 52 -17.38 32.41 38.77
N ASP B 53 -17.43 32.45 40.10
CA ASP B 53 -18.66 32.16 40.85
C ASP B 53 -19.24 30.76 40.56
N SER B 54 -18.36 29.79 40.36
CA SER B 54 -18.78 28.42 40.14
C SER B 54 -19.36 27.83 41.42
N ASP B 55 -20.31 26.91 41.29
CA ASP B 55 -20.86 26.20 42.44
C ASP B 55 -19.84 25.26 43.05
N ASN B 56 -18.93 24.75 42.22
CA ASN B 56 -17.76 24.01 42.68
C ASN B 56 -16.49 24.54 41.99
N LYS B 57 -15.80 23.74 41.19
CA LYS B 57 -14.56 24.18 40.56
C LYS B 57 -14.79 25.14 39.40
N GLY B 58 -13.83 26.02 39.17
CA GLY B 58 -13.85 26.96 38.06
C GLY B 58 -12.49 27.06 37.39
N ILE B 59 -12.50 27.14 36.05
CA ILE B 59 -11.25 27.25 35.28
C ILE B 59 -11.30 28.49 34.37
N MET B 60 -10.14 29.10 34.15
CA MET B 60 -10.02 30.28 33.30
C MET B 60 -8.63 30.33 32.65
N PHE B 61 -8.58 30.67 31.36
CA PHE B 61 -7.32 30.72 30.63
C PHE B 61 -7.43 31.55 29.35
N ALA B 62 -6.28 31.84 28.75
CA ALA B 62 -6.23 32.60 27.50
C ALA B 62 -6.43 31.67 26.31
N ARG B 63 -7.11 32.17 25.27
CA ARG B 63 -7.44 31.39 24.08
C ARG B 63 -7.05 32.14 22.80
N LEU B 64 -6.60 31.39 21.80
CA LEU B 64 -6.16 31.96 20.52
C LEU B 64 -7.16 31.62 19.42
N GLY B 65 -7.90 32.62 18.93
CA GLY B 65 -8.93 32.43 17.92
C GLY B 65 -8.50 32.93 16.57
N TRP B 66 -8.80 32.17 15.51
CA TRP B 66 -8.33 32.46 14.16
C TRP B 66 -9.47 32.80 13.21
N HIS B 67 -10.62 32.16 13.41
CA HIS B 67 -11.75 32.28 12.49
C HIS B 67 -12.87 33.10 13.14
N ASN B 68 -12.49 34.23 13.72
CA ASN B 68 -13.43 35.22 14.24
C ASN B 68 -14.34 35.76 13.12
N PRO B 69 -15.67 35.53 13.22
CA PRO B 69 -16.58 36.04 12.18
C PRO B 69 -16.78 37.56 12.23
N GLN B 70 -16.85 38.11 13.45
CA GLN B 70 -17.04 39.55 13.64
C GLN B 70 -15.79 40.33 13.20
N GLN B 71 -14.67 40.08 13.87
CA GLN B 71 -13.41 40.79 13.60
C GLN B 71 -12.56 40.04 12.57
N GLN B 72 -11.48 40.68 12.10
CA GLN B 72 -10.61 40.07 11.09
C GLN B 72 -9.12 40.42 11.26
N PHE B 73 -8.44 39.60 12.06
CA PHE B 73 -6.98 39.64 12.19
C PHE B 73 -6.47 38.27 11.75
N PRO B 74 -5.65 38.22 10.69
CA PRO B 74 -5.20 36.90 10.21
C PRO B 74 -4.39 36.10 11.23
N ARG B 75 -3.56 36.78 12.02
CA ARG B 75 -2.64 36.13 12.94
C ARG B 75 -3.29 35.44 14.15
N GLY B 76 -4.56 35.77 14.41
CA GLY B 76 -5.32 35.13 15.48
C GLY B 76 -5.48 36.01 16.71
N GLU B 77 -6.73 36.29 17.07
CA GLU B 77 -7.03 37.15 18.21
C GLU B 77 -6.89 36.36 19.51
N VAL B 78 -6.25 36.98 20.50
CA VAL B 78 -6.14 36.38 21.83
C VAL B 78 -7.25 36.90 22.73
N THR B 79 -8.02 36.00 23.31
CA THR B 79 -9.11 36.36 24.21
C THR B 79 -9.14 35.42 25.40
N LYS B 80 -9.67 35.91 26.51
CA LYS B 80 -9.78 35.13 27.73
C LYS B 80 -11.06 34.28 27.70
N VAL B 81 -10.96 33.05 28.19
CA VAL B 81 -12.10 32.12 28.26
C VAL B 81 -12.11 31.37 29.58
N GLY B 82 -13.25 30.79 29.92
CA GLY B 82 -13.37 30.03 31.16
C GLY B 82 -14.57 29.10 31.20
N TYR B 83 -14.54 28.18 32.18
CA TYR B 83 -15.62 27.23 32.38
C TYR B 83 -16.00 27.15 33.85
N ARG B 84 -17.26 26.80 34.11
CA ARG B 84 -17.77 26.69 35.47
C ARG B 84 -19.05 25.85 35.51
N ILE B 85 -19.50 25.57 36.72
CA ILE B 85 -20.80 24.94 36.93
C ILE B 85 -21.71 25.90 37.71
N LYS B 86 -22.91 26.12 37.19
CA LYS B 86 -23.91 26.94 37.88
C LYS B 86 -25.29 26.35 37.69
N ASP B 87 -25.98 26.12 38.81
CA ASP B 87 -27.29 25.46 38.81
C ASP B 87 -27.26 24.14 38.04
N GLU B 88 -26.24 23.34 38.32
CA GLU B 88 -26.01 22.04 37.67
C GLU B 88 -25.98 22.09 36.15
N ARG B 89 -25.43 23.18 35.61
CA ARG B 89 -25.17 23.32 34.17
C ARG B 89 -23.69 23.63 33.97
N LEU B 90 -23.06 22.99 32.99
CA LEU B 90 -21.73 23.42 32.55
C LEU B 90 -21.93 24.69 31.75
N GLU B 91 -21.22 25.75 32.12
CA GLU B 91 -21.34 27.03 31.43
C GLU B 91 -19.98 27.51 30.97
N ARG B 92 -19.92 28.01 29.74
CA ARG B 92 -18.73 28.66 29.20
C ARG B 92 -18.81 30.16 29.45
N VAL B 93 -17.73 30.74 29.96
CA VAL B 93 -17.64 32.18 30.14
C VAL B 93 -16.60 32.72 29.16
N TRP B 94 -16.97 33.80 28.46
CA TRP B 94 -16.10 34.38 27.45
C TRP B 94 -15.95 35.89 27.62
N TRP B 95 -14.70 36.35 27.60
CA TRP B 95 -14.37 37.77 27.66
C TRP B 95 -13.92 38.24 26.29
N ARG B 96 -14.70 39.10 25.66
CA ARG B 96 -14.43 39.56 24.28
C ARG B 96 -13.31 40.60 24.19
N TYR B 97 -13.25 41.50 25.17
CA TYR B 97 -12.33 42.65 25.11
C TYR B 97 -11.25 42.55 26.20
N PRO B 98 -10.17 43.34 26.08
CA PRO B 98 -9.10 43.29 27.09
C PRO B 98 -9.50 43.72 28.50
N ASP B 99 -8.65 43.40 29.48
CA ASP B 99 -8.90 43.72 30.90
C ASP B 99 -8.68 45.21 31.19
N THR B 100 -9.67 45.83 31.82
CA THR B 100 -9.64 47.25 32.17
C THR B 100 -10.18 47.41 33.59
N PRO B 101 -9.64 48.37 34.37
CA PRO B 101 -10.23 48.67 35.69
C PRO B 101 -11.72 49.04 35.67
N ALA B 102 -12.25 49.41 34.50
CA ALA B 102 -13.69 49.57 34.32
C ALA B 102 -14.42 48.23 34.51
N GLY B 103 -13.89 47.19 33.89
CA GLY B 103 -14.55 45.88 33.86
C GLY B 103 -15.32 45.72 32.56
N GLN B 104 -15.78 44.51 32.27
CA GLN B 104 -16.53 44.26 31.04
C GLN B 104 -17.67 43.26 31.23
N GLU B 105 -18.59 43.25 30.27
CA GLU B 105 -19.71 42.33 30.26
C GLU B 105 -19.24 40.97 29.77
N GLY B 106 -19.20 39.99 30.67
CA GLY B 106 -18.84 38.63 30.30
C GLY B 106 -20.01 37.95 29.60
N VAL B 107 -19.69 37.04 28.67
CA VAL B 107 -20.70 36.27 27.95
C VAL B 107 -20.80 34.88 28.55
N VAL B 108 -21.84 34.64 29.34
CA VAL B 108 -22.05 33.33 29.95
C VAL B 108 -23.01 32.52 29.10
N THR B 109 -22.54 31.36 28.64
CA THR B 109 -23.31 30.49 27.76
C THR B 109 -23.39 29.09 28.35
N PRO B 110 -24.61 28.62 28.67
CA PRO B 110 -24.74 27.25 29.17
C PRO B 110 -24.57 26.23 28.03
N LEU B 111 -23.63 25.30 28.21
CA LEU B 111 -23.33 24.29 27.20
C LEU B 111 -24.06 22.97 27.43
N LEU B 112 -24.03 22.48 28.68
CA LEU B 112 -24.52 21.16 29.00
C LEU B 112 -25.33 21.16 30.30
N SER B 113 -26.55 20.63 30.23
CA SER B 113 -27.43 20.53 31.37
C SER B 113 -27.08 19.32 32.24
N ASP B 114 -27.70 19.25 33.42
CA ASP B 114 -27.52 18.14 34.35
C ASP B 114 -26.05 17.71 34.52
N VAL B 115 -25.19 18.71 34.77
CA VAL B 115 -23.78 18.47 35.08
C VAL B 115 -23.50 18.89 36.53
N GLU B 116 -23.20 17.91 37.38
CA GLU B 116 -22.95 18.17 38.80
C GLU B 116 -21.61 18.84 39.03
N GLU B 117 -20.54 18.20 38.56
CA GLU B 117 -19.18 18.56 38.94
C GLU B 117 -18.27 18.82 37.73
N LEU B 118 -17.38 19.79 37.88
CA LEU B 118 -16.30 20.02 36.92
C LEU B 118 -14.99 19.69 37.63
N ASN B 119 -14.12 18.96 36.94
CA ASN B 119 -12.83 18.61 37.49
C ASN B 119 -11.78 18.60 36.38
N VAL B 120 -10.59 19.08 36.69
CA VAL B 120 -9.51 19.17 35.70
C VAL B 120 -8.21 18.69 36.31
N ARG B 121 -7.49 17.85 35.57
CA ARG B 121 -6.20 17.34 35.99
C ARG B 121 -5.15 17.72 34.94
N PHE B 122 -3.93 17.99 35.39
CA PHE B 122 -2.86 18.50 34.53
C PHE B 122 -1.70 17.52 34.47
N TYR B 123 -1.22 17.25 33.25
CA TYR B 123 -0.10 16.34 33.01
C TYR B 123 1.17 17.14 32.75
N ASP B 124 2.10 17.08 33.71
CA ASP B 124 3.34 17.85 33.67
C ASP B 124 4.34 17.37 32.62
N GLY B 125 4.21 16.10 32.25
CA GLY B 125 5.20 15.43 31.40
C GLY B 125 5.36 13.97 31.77
N LYS B 126 5.19 13.65 33.06
CA LYS B 126 5.30 12.26 33.54
C LYS B 126 4.14 11.79 34.45
N GLN B 127 3.32 12.71 34.96
CA GLN B 127 2.33 12.37 35.98
C GLN B 127 1.15 13.36 35.99
N TRP B 128 -0.06 12.86 36.25
CA TRP B 128 -1.23 13.74 36.38
C TRP B 128 -1.34 14.32 37.79
N ILE B 129 -1.41 15.65 37.88
CA ILE B 129 -1.51 16.35 39.17
C ILE B 129 -2.80 17.16 39.28
N ASN B 130 -3.12 17.57 40.50
CA ASN B 130 -4.41 18.19 40.83
C ASN B 130 -4.44 19.70 40.69
N GLU B 131 -3.28 20.35 40.74
CA GLU B 131 -3.17 21.80 40.60
C GLU B 131 -2.13 22.15 39.54
N TRP B 132 -2.04 23.44 39.20
CA TRP B 132 -0.99 23.92 38.30
C TRP B 132 -0.46 25.29 38.74
N SER B 133 0.61 25.25 39.54
CA SER B 133 1.21 26.45 40.11
C SER B 133 2.20 27.13 39.16
N ASN B 134 2.65 26.41 38.14
CA ASN B 134 3.64 26.95 37.20
C ASN B 134 3.00 28.00 36.27
N GLU B 135 3.36 29.26 36.48
CA GLU B 135 2.82 30.36 35.70
C GLU B 135 3.65 30.67 34.44
N LEU B 136 4.81 30.03 34.31
CA LEU B 136 5.74 30.31 33.21
C LEU B 136 5.47 29.45 31.97
N THR B 137 5.11 28.19 32.18
CA THR B 137 4.86 27.25 31.08
C THR B 137 3.60 26.42 31.30
N LEU B 138 2.96 26.01 30.20
CA LEU B 138 1.73 25.20 30.24
C LEU B 138 2.03 23.73 30.54
N PRO B 139 1.01 22.99 31.00
CA PRO B 139 1.19 21.55 31.19
C PRO B 139 1.12 20.83 29.85
N ALA B 140 1.84 19.71 29.74
CA ALA B 140 1.90 18.95 28.49
C ALA B 140 0.51 18.50 28.03
N ALA B 141 -0.33 18.11 28.97
CA ALA B 141 -1.69 17.68 28.67
C ALA B 141 -2.69 18.11 29.76
N ILE B 142 -3.94 18.29 29.36
CA ILE B 142 -5.02 18.66 30.28
C ILE B 142 -6.19 17.69 30.12
N SER B 143 -6.66 17.14 31.24
CA SER B 143 -7.81 16.21 31.23
C SER B 143 -9.00 16.86 31.90
N VAL B 144 -10.00 17.22 31.11
CA VAL B 144 -11.23 17.82 31.64
C VAL B 144 -12.27 16.72 31.91
N GLU B 145 -12.65 16.57 33.17
CA GLU B 145 -13.61 15.55 33.60
C GLU B 145 -14.94 16.18 34.02
N LEU B 146 -16.02 15.78 33.35
CA LEU B 146 -17.37 16.24 33.66
C LEU B 146 -18.17 15.12 34.31
N THR B 147 -18.78 15.40 35.47
CA THR B 147 -19.64 14.43 36.15
C THR B 147 -21.10 14.74 35.83
N LEU B 148 -21.67 13.98 34.91
CA LEU B 148 -23.07 14.12 34.52
C LEU B 148 -24.00 13.33 35.44
N LYS B 149 -25.21 13.86 35.64
CA LYS B 149 -26.18 13.22 36.53
C LYS B 149 -26.64 11.85 35.99
N ASP B 150 -26.75 11.74 34.67
CA ASP B 150 -27.23 10.52 34.03
C ASP B 150 -26.12 9.54 33.68
N TYR B 151 -25.07 10.03 33.03
CA TYR B 151 -23.97 9.19 32.55
C TYR B 151 -22.79 9.08 33.51
N GLY B 152 -22.70 9.96 34.50
CA GLY B 152 -21.59 9.93 35.45
C GLY B 152 -20.36 10.61 34.89
N LYS B 153 -19.19 10.09 35.22
CA LYS B 153 -17.92 10.71 34.84
C LYS B 153 -17.57 10.47 33.38
N ILE B 154 -17.37 11.55 32.64
CA ILE B 154 -16.79 11.49 31.30
C ILE B 154 -15.60 12.43 31.23
N ALA B 155 -14.48 11.94 30.71
CA ALA B 155 -13.24 12.72 30.65
C ALA B 155 -12.76 12.89 29.21
N ARG B 156 -12.10 14.01 28.96
CA ARG B 156 -11.52 14.31 27.65
C ARG B 156 -10.12 14.90 27.80
N THR B 157 -9.14 14.29 27.12
CA THR B 157 -7.74 14.74 27.20
C THR B 157 -7.39 15.70 26.05
N TYR B 158 -6.62 16.73 26.38
CA TYR B 158 -6.18 17.73 25.41
C TYR B 158 -4.68 17.93 25.49
N LEU B 159 -4.01 17.82 24.35
CA LEU B 159 -2.58 18.14 24.26
C LEU B 159 -2.42 19.64 24.03
N THR B 160 -1.51 20.26 24.77
CA THR B 160 -1.23 21.69 24.63
C THR B 160 -0.09 21.91 23.65
N PRO B 161 -0.19 22.91 22.76
CA PRO B 161 0.99 23.35 22.01
C PRO B 161 2.03 23.98 22.93
N GLU B 162 3.31 23.76 22.64
CA GLU B 162 4.39 24.24 23.49
C GLU B 162 4.94 25.59 23.00
N GLY B 163 5.51 26.34 23.93
CA GLY B 163 6.11 27.64 23.65
C GLY B 163 6.79 28.23 24.87
N VAL C 2 -37.85 39.23 32.22
CA VAL C 2 -36.75 39.97 32.90
C VAL C 2 -36.35 39.29 34.21
N GLN C 3 -35.06 39.29 34.49
CA GLN C 3 -34.54 38.67 35.71
C GLN C 3 -34.18 39.71 36.77
N LEU C 4 -33.71 40.88 36.36
CA LEU C 4 -33.29 41.92 37.29
C LEU C 4 -33.91 43.27 36.95
N GLN C 5 -34.78 43.76 37.83
CA GLN C 5 -35.42 45.07 37.66
C GLN C 5 -35.03 46.00 38.80
N GLU C 6 -34.52 47.19 38.45
CA GLU C 6 -34.07 48.17 39.45
C GLU C 6 -35.17 49.16 39.83
N SER C 7 -35.06 49.72 41.03
CA SER C 7 -35.99 50.74 41.54
C SER C 7 -35.27 51.73 42.45
N GLY C 8 -35.86 52.90 42.63
CA GLY C 8 -35.36 53.91 43.56
C GLY C 8 -34.30 54.82 42.99
N GLY C 9 -34.56 55.37 41.79
CA GLY C 9 -33.65 56.34 41.16
C GLY C 9 -34.06 57.76 41.51
N GLY C 10 -33.79 58.69 40.60
CA GLY C 10 -34.27 60.07 40.74
C GLY C 10 -33.19 61.10 41.05
N LEU C 11 -33.62 62.33 41.30
CA LEU C 11 -32.72 63.45 41.59
C LEU C 11 -32.56 63.65 43.09
N VAL C 12 -31.33 63.94 43.51
CA VAL C 12 -31.02 64.28 44.90
C VAL C 12 -29.97 65.38 44.93
N GLN C 13 -30.05 66.24 45.94
CA GLN C 13 -29.09 67.32 46.11
C GLN C 13 -27.71 66.75 46.44
N PRO C 14 -26.64 67.33 45.85
CA PRO C 14 -25.27 66.89 46.17
C PRO C 14 -25.05 66.74 47.68
N GLY C 15 -24.50 65.60 48.08
CA GLY C 15 -24.33 65.28 49.48
C GLY C 15 -25.48 64.48 50.07
N GLY C 16 -26.56 64.34 49.30
CA GLY C 16 -27.73 63.58 49.72
C GLY C 16 -27.51 62.08 49.64
N SER C 17 -28.45 61.33 50.19
CA SER C 17 -28.39 59.86 50.18
C SER C 17 -29.49 59.27 49.30
N LEU C 18 -29.29 58.03 48.87
CA LEU C 18 -30.26 57.33 48.04
C LEU C 18 -30.03 55.81 48.12
N ARG C 19 -31.12 55.05 48.09
CA ARG C 19 -31.05 53.59 48.17
C ARG C 19 -31.62 52.95 46.90
N LEU C 20 -30.74 52.42 46.05
CA LEU C 20 -31.19 51.68 44.87
C LEU C 20 -31.58 50.26 45.30
N SER C 21 -32.58 49.72 44.62
CA SER C 21 -33.06 48.36 44.87
C SER C 21 -33.05 47.58 43.55
N CYS C 22 -32.98 46.24 43.65
CA CYS C 22 -32.97 45.37 42.46
C CYS C 22 -33.84 44.13 42.70
N ALA C 23 -34.97 44.06 42.03
CA ALA C 23 -35.88 42.92 42.12
C ALA C 23 -35.35 41.74 41.30
N ALA C 24 -34.93 40.68 41.98
CA ALA C 24 -34.41 39.48 41.32
C ALA C 24 -35.52 38.44 41.13
N SER C 25 -35.50 37.76 39.99
CA SER C 25 -36.50 36.74 39.67
C SER C 25 -36.04 35.83 38.55
N GLY C 26 -36.59 34.62 38.53
CA GLY C 26 -36.32 33.65 37.45
C GLY C 26 -35.03 32.83 37.58
N PHE C 27 -34.33 32.97 38.70
CA PHE C 27 -33.11 32.17 38.96
C PHE C 27 -32.79 32.07 40.46
N ALA C 28 -31.90 31.15 40.81
CA ALA C 28 -31.55 30.88 42.20
C ALA C 28 -30.67 31.99 42.80
N PHE C 29 -31.30 33.14 43.05
CA PHE C 29 -30.62 34.36 43.49
C PHE C 29 -29.60 34.16 44.60
N SER C 30 -29.97 33.39 45.62
CA SER C 30 -29.15 33.23 46.82
C SER C 30 -27.79 32.61 46.54
N GLY C 31 -27.71 31.76 45.51
CA GLY C 31 -26.47 31.09 45.14
C GLY C 31 -25.59 31.84 44.16
N TYR C 32 -26.02 33.02 43.73
CA TYR C 32 -25.26 33.83 42.78
C TYR C 32 -24.51 34.98 43.44
N ALA C 33 -23.35 35.32 42.88
CA ALA C 33 -22.65 36.54 43.24
C ALA C 33 -23.26 37.63 42.39
N MET C 34 -23.57 38.76 43.03
CA MET C 34 -24.25 39.86 42.35
C MET C 34 -23.42 41.12 42.40
N SER C 35 -23.71 42.07 41.51
CA SER C 35 -22.94 43.32 41.41
C SER C 35 -23.80 44.50 40.99
N TRP C 36 -23.25 45.70 41.17
CA TRP C 36 -23.81 46.92 40.61
C TRP C 36 -22.83 47.51 39.60
N VAL C 37 -23.37 48.00 38.49
CA VAL C 37 -22.58 48.58 37.41
C VAL C 37 -23.23 49.89 37.00
N ARG C 38 -22.42 50.89 36.63
CA ARG C 38 -22.95 52.19 36.23
C ARG C 38 -22.36 52.69 34.91
N GLN C 39 -23.11 53.57 34.24
CA GLN C 39 -22.64 54.25 33.04
C GLN C 39 -22.85 55.75 33.18
N ALA C 40 -21.79 56.47 33.52
CA ALA C 40 -21.84 57.92 33.60
C ALA C 40 -21.83 58.50 32.18
N PRO C 41 -22.40 59.70 32.00
CA PRO C 41 -22.46 60.29 30.66
C PRO C 41 -21.06 60.56 30.12
N GLY C 42 -20.82 60.16 28.86
CA GLY C 42 -19.51 60.32 28.23
C GLY C 42 -18.50 59.24 28.54
N LYS C 43 -18.95 58.17 29.20
CA LYS C 43 -18.10 57.05 29.57
C LYS C 43 -18.80 55.73 29.27
N GLY C 44 -18.02 54.67 29.13
CA GLY C 44 -18.57 53.32 28.95
C GLY C 44 -19.11 52.76 30.26
N LEU C 45 -19.58 51.51 30.20
CA LEU C 45 -20.07 50.85 31.41
C LEU C 45 -18.89 50.55 32.33
N GLU C 46 -19.06 50.82 33.62
CA GLU C 46 -18.00 50.63 34.60
C GLU C 46 -18.52 49.94 35.86
N TRP C 47 -17.75 48.97 36.36
CA TRP C 47 -18.11 48.20 37.55
C TRP C 47 -18.00 49.07 38.79
N VAL C 48 -19.04 49.03 39.62
CA VAL C 48 -19.11 49.85 40.83
C VAL C 48 -18.82 49.03 42.08
N SER C 49 -19.63 48.00 42.32
CA SER C 49 -19.52 47.19 43.52
C SER C 49 -20.02 45.78 43.27
N GLY C 50 -19.68 44.87 44.18
CA GLY C 50 -20.07 43.47 44.06
C GLY C 50 -20.20 42.76 45.40
N ILE C 51 -21.16 41.83 45.48
CA ILE C 51 -21.36 41.05 46.69
C ILE C 51 -21.39 39.55 46.37
N ASN C 52 -20.61 38.79 47.13
CA ASN C 52 -20.48 37.35 46.95
C ASN C 52 -21.71 36.61 47.51
N ARG C 53 -21.81 35.32 47.20
CA ARG C 53 -22.90 34.48 47.72
C ARG C 53 -22.84 34.35 49.24
N ASP C 54 -21.63 34.33 49.80
CA ASP C 54 -21.45 34.18 51.25
C ASP C 54 -21.67 35.49 52.02
N GLY C 55 -21.59 36.63 51.33
CA GLY C 55 -21.82 37.94 51.94
C GLY C 55 -20.65 38.91 51.82
N SER C 56 -19.48 38.40 51.42
CA SER C 56 -18.30 39.24 51.24
C SER C 56 -18.54 40.27 50.14
N THR C 57 -18.03 41.48 50.35
CA THR C 57 -18.26 42.60 49.43
C THR C 57 -16.96 43.13 48.83
N SER C 58 -17.12 43.93 47.77
CA SER C 58 -15.98 44.57 47.11
C SER C 58 -16.43 45.88 46.45
N TYR C 59 -15.56 46.89 46.49
CA TYR C 59 -15.90 48.23 46.01
C TYR C 59 -14.76 48.86 45.21
N THR C 60 -15.11 49.69 44.25
CA THR C 60 -14.12 50.49 43.51
C THR C 60 -13.63 51.63 44.41
N ALA C 61 -12.39 52.04 44.20
CA ALA C 61 -11.77 53.07 45.05
C ALA C 61 -12.63 54.35 45.14
N PRO C 62 -13.09 54.88 43.98
CA PRO C 62 -13.85 56.14 44.02
C PRO C 62 -15.24 56.07 44.66
N VAL C 63 -15.63 54.92 45.19
CA VAL C 63 -16.91 54.78 45.92
C VAL C 63 -16.79 54.06 47.27
N LYS C 64 -15.62 53.47 47.56
CA LYS C 64 -15.41 52.72 48.81
C LYS C 64 -15.66 53.59 50.04
N GLY C 65 -16.14 52.94 51.10
CA GLY C 65 -16.51 53.61 52.33
C GLY C 65 -17.52 54.74 52.17
N ARG C 66 -18.38 54.63 51.17
CA ARG C 66 -19.35 55.67 50.83
C ARG C 66 -20.62 55.04 50.26
N PHE C 67 -20.43 54.13 49.32
CA PHE C 67 -21.49 53.21 48.89
C PHE C 67 -21.43 51.92 49.71
N THR C 68 -22.58 51.27 49.87
CA THR C 68 -22.66 50.00 50.60
C THR C 68 -23.60 49.03 49.89
N ILE C 69 -23.06 47.88 49.49
CA ILE C 69 -23.84 46.84 48.81
C ILE C 69 -24.34 45.83 49.85
N SER C 70 -25.58 45.39 49.68
CA SER C 70 -26.18 44.38 50.55
C SER C 70 -27.24 43.60 49.81
N ARG C 71 -27.69 42.50 50.42
CA ARG C 71 -28.63 41.60 49.78
C ARG C 71 -29.63 41.00 50.77
N ASP C 72 -30.86 40.79 50.30
CA ASP C 72 -31.91 40.12 51.09
C ASP C 72 -32.32 38.85 50.37
N ASN C 73 -31.83 37.71 50.86
CA ASN C 73 -32.09 36.41 50.23
C ASN C 73 -33.52 35.91 50.43
N ALA C 74 -34.24 36.47 51.40
CA ALA C 74 -35.64 36.11 51.64
C ALA C 74 -36.52 36.60 50.50
N LYS C 75 -36.41 37.89 50.16
CA LYS C 75 -37.22 38.51 49.11
C LYS C 75 -36.52 38.55 47.75
N ASN C 76 -35.29 38.05 47.69
CA ASN C 76 -34.46 38.11 46.47
C ASN C 76 -34.32 39.55 45.97
N ILE C 77 -33.73 40.40 46.80
CA ILE C 77 -33.50 41.80 46.46
C ILE C 77 -32.06 42.21 46.77
N LEU C 78 -31.41 42.87 45.81
CA LEU C 78 -30.08 43.42 45.99
C LEU C 78 -30.20 44.93 46.21
N TYR C 79 -29.48 45.46 47.19
CA TYR C 79 -29.54 46.88 47.53
C TYR C 79 -28.20 47.57 47.30
N LEU C 80 -28.27 48.88 47.11
CA LEU C 80 -27.08 49.72 47.06
C LEU C 80 -27.35 51.03 47.81
N GLN C 81 -26.90 51.10 49.05
CA GLN C 81 -27.06 52.30 49.86
C GLN C 81 -25.99 53.31 49.45
N MET C 82 -26.41 54.39 48.79
CA MET C 82 -25.51 55.43 48.31
C MET C 82 -25.57 56.62 49.24
N ASN C 83 -24.43 56.99 49.83
CA ASN C 83 -24.33 58.11 50.74
C ASN C 83 -23.32 59.13 50.23
N SER C 84 -23.47 60.38 50.68
CA SER C 84 -22.56 61.47 50.31
C SER C 84 -22.42 61.58 48.79
N LEU C 85 -23.56 61.57 48.09
CA LEU C 85 -23.59 61.49 46.63
C LEU C 85 -22.99 62.73 45.96
N ARG C 86 -21.92 62.52 45.18
CA ARG C 86 -21.25 63.59 44.45
C ARG C 86 -21.83 63.71 43.03
N PRO C 87 -21.62 64.87 42.37
CA PRO C 87 -22.03 65.04 40.97
C PRO C 87 -21.44 63.99 40.02
N GLU C 88 -20.20 63.57 40.29
CA GLU C 88 -19.51 62.58 39.47
C GLU C 88 -20.21 61.21 39.45
N ASP C 89 -21.05 60.96 40.45
CA ASP C 89 -21.81 59.71 40.55
C ASP C 89 -23.02 59.67 39.62
N THR C 90 -23.39 60.82 39.04
CA THR C 90 -24.51 60.89 38.11
C THR C 90 -24.27 59.91 36.97
N ALA C 91 -25.11 58.87 36.92
CA ALA C 91 -24.98 57.82 35.91
C ALA C 91 -26.23 56.95 35.87
N VAL C 92 -26.29 56.08 34.87
CA VAL C 92 -27.35 55.06 34.78
C VAL C 92 -26.85 53.82 35.52
N TYR C 93 -27.45 53.52 36.67
CA TYR C 93 -27.01 52.41 37.52
C TYR C 93 -27.73 51.12 37.15
N TYR C 94 -26.94 50.12 36.76
CA TYR C 94 -27.45 48.81 36.38
C TYR C 94 -27.15 47.76 37.44
N CYS C 95 -28.05 46.79 37.54
CA CYS C 95 -27.93 45.66 38.46
C CYS C 95 -27.59 44.43 37.62
N ALA C 96 -26.54 43.70 38.01
CA ALA C 96 -26.09 42.54 37.21
C ALA C 96 -25.53 41.40 38.06
N LYS C 97 -25.46 40.22 37.45
CA LYS C 97 -24.81 39.07 38.04
C LYS C 97 -23.31 39.25 37.95
N TRP C 98 -22.58 38.69 38.91
CA TRP C 98 -21.16 38.99 39.10
C TRP C 98 -20.29 37.74 38.87
N LEU C 99 -19.20 37.92 38.14
CA LEU C 99 -18.26 36.83 37.83
C LEU C 99 -17.05 36.79 38.76
N GLY C 100 -17.03 37.68 39.75
CA GLY C 100 -15.80 37.99 40.47
C GLY C 100 -15.04 39.09 39.73
N GLY C 101 -13.91 39.51 40.28
CA GLY C 101 -13.15 40.62 39.72
C GLY C 101 -14.02 41.86 39.56
N ARG C 102 -14.05 42.41 38.35
CA ARG C 102 -14.90 43.56 38.06
C ARG C 102 -15.79 43.27 36.85
N ASP C 103 -16.04 42.00 36.58
CA ASP C 103 -16.74 41.59 35.37
C ASP C 103 -18.16 41.10 35.67
N TRP C 104 -19.11 41.46 34.83
CA TRP C 104 -20.53 41.20 35.09
C TRP C 104 -21.20 40.52 33.89
N TYR C 105 -22.46 40.13 34.06
CA TYR C 105 -23.25 39.55 32.97
C TYR C 105 -24.73 39.55 33.33
N ASP C 106 -25.60 39.33 32.34
CA ASP C 106 -27.06 39.44 32.51
C ASP C 106 -27.45 40.75 33.16
N ARG C 107 -27.02 41.84 32.54
CA ARG C 107 -27.24 43.19 33.07
C ARG C 107 -28.71 43.58 32.97
N GLY C 108 -29.21 44.25 33.99
CA GLY C 108 -30.60 44.73 34.02
C GLY C 108 -30.82 45.95 33.14
N GLN C 109 -32.04 46.46 33.14
CA GLN C 109 -32.41 47.61 32.30
C GLN C 109 -31.86 48.92 32.87
N GLY C 110 -31.89 49.06 34.20
CA GLY C 110 -31.23 50.18 34.88
C GLY C 110 -32.15 51.27 35.38
N THR C 111 -31.63 52.12 36.27
CA THR C 111 -32.35 53.30 36.76
C THR C 111 -31.44 54.53 36.77
N GLN C 112 -32.02 55.69 36.45
CA GLN C 112 -31.25 56.92 36.34
C GLN C 112 -31.08 57.57 37.70
N VAL C 113 -29.84 57.76 38.11
CA VAL C 113 -29.51 58.53 39.31
C VAL C 113 -28.74 59.78 38.87
N THR C 114 -29.21 60.94 39.31
CA THR C 114 -28.72 62.26 38.86
C THR C 114 -28.43 63.21 40.02
N VAL C 115 -27.35 63.98 39.88
CA VAL C 115 -27.01 65.03 40.85
C VAL C 115 -25.97 65.99 40.26
N SER C 116 -26.08 67.27 40.59
CA SER C 116 -25.04 68.26 40.21
C SER C 116 -25.14 69.52 41.06
N ILE D 1 22.30 6.03 -26.20
CA ILE D 1 23.63 5.44 -26.54
C ILE D 1 23.66 3.94 -26.26
N ASN D 2 22.96 3.49 -25.21
CA ASN D 2 22.95 2.07 -24.85
C ASN D 2 21.76 1.63 -23.99
N THR D 3 21.00 0.66 -24.50
CA THR D 3 19.94 0.01 -23.75
C THR D 3 20.55 -0.88 -22.66
N VAL D 4 21.76 -1.39 -22.89
CA VAL D 4 22.51 -2.11 -21.84
C VAL D 4 22.81 -1.14 -20.71
N GLY D 5 22.74 -1.64 -19.49
CA GLY D 5 22.80 -0.78 -18.30
C GLY D 5 21.41 -0.70 -17.70
N TYR D 6 20.40 -0.60 -18.56
CA TYR D 6 19.00 -0.67 -18.15
C TYR D 6 18.51 -2.11 -18.16
N LEU D 7 19.00 -2.90 -19.11
CA LEU D 7 18.69 -4.34 -19.16
C LEU D 7 19.30 -5.04 -17.94
N GLU D 8 20.43 -4.50 -17.49
CA GLU D 8 21.08 -4.88 -16.24
C GLU D 8 20.20 -4.51 -15.03
N GLN D 9 19.73 -3.26 -14.99
CA GLN D 9 18.87 -2.77 -13.91
C GLN D 9 17.61 -3.62 -13.73
N LYS D 10 16.98 -3.99 -14.84
CA LYS D 10 15.76 -4.79 -14.84
C LYS D 10 15.99 -6.17 -14.21
N MET D 11 17.12 -6.80 -14.56
CA MET D 11 17.44 -8.13 -14.05
C MET D 11 17.84 -8.10 -12.58
N PHE D 12 18.71 -7.16 -12.22
CA PHE D 12 19.21 -7.07 -10.84
C PHE D 12 18.14 -6.63 -9.85
N ALA D 13 17.24 -5.75 -10.29
CA ALA D 13 16.11 -5.34 -9.45
C ALA D 13 15.19 -6.53 -9.19
N ALA D 14 14.98 -7.37 -10.21
CA ALA D 14 14.15 -8.56 -10.09
C ALA D 14 14.77 -9.58 -9.13
N MET D 15 16.11 -9.68 -9.15
CA MET D 15 16.84 -10.58 -8.26
C MET D 15 16.66 -10.16 -6.80
N VAL D 16 16.78 -8.85 -6.55
CA VAL D 16 16.57 -8.30 -5.21
C VAL D 16 15.13 -8.54 -4.73
N ALA D 17 14.16 -8.32 -5.63
CA ALA D 17 12.77 -8.54 -5.30
C ALA D 17 12.49 -10.00 -4.94
N ASP D 18 13.11 -10.94 -5.65
CA ASP D 18 12.98 -12.37 -5.36
C ASP D 18 13.54 -12.73 -3.99
N ASN D 19 14.71 -12.17 -3.67
CA ASN D 19 15.37 -12.43 -2.40
C ASN D 19 14.54 -11.95 -1.21
N GLN D 20 13.95 -10.76 -1.32
CA GLN D 20 13.13 -10.19 -0.25
C GLN D 20 11.76 -10.87 -0.14
N MET D 21 11.20 -11.29 -1.28
CA MET D 21 9.98 -12.11 -1.27
C MET D 21 10.19 -13.40 -0.49
N ALA D 22 11.36 -14.01 -0.65
CA ALA D 22 11.70 -15.23 0.07
C ALA D 22 11.88 -14.97 1.56
N MET D 23 12.43 -13.81 1.91
CA MET D 23 12.68 -13.47 3.31
C MET D 23 11.38 -13.21 4.10
N VAL D 24 10.39 -12.59 3.46
CA VAL D 24 9.08 -12.40 4.11
C VAL D 24 8.33 -13.73 4.21
N MET D 25 8.62 -14.66 3.31
CA MET D 25 8.02 -16.00 3.35
C MET D 25 8.59 -16.85 4.49
N LEU D 26 9.73 -16.47 5.04
CA LEU D 26 10.31 -17.17 6.19
C LEU D 26 9.49 -16.99 7.47
N ASN D 27 8.80 -15.86 7.59
CA ASN D 27 7.87 -15.62 8.70
C ASN D 27 6.53 -15.13 8.16
N PRO D 28 5.68 -16.05 7.66
CA PRO D 28 4.36 -15.70 7.15
C PRO D 28 3.27 -15.87 8.21
N ASN D 30 3.43 -11.65 11.99
CA ASN D 30 3.64 -12.51 10.83
C ASN D 30 3.96 -11.72 9.56
N LEU D 31 2.93 -11.34 8.80
CA LEU D 31 3.11 -10.54 7.59
C LEU D 31 3.19 -9.07 7.97
N LYS D 32 4.31 -8.44 7.67
CA LYS D 32 4.64 -7.12 8.19
C LYS D 32 5.04 -6.16 7.07
N ALA D 33 4.78 -4.88 7.28
CA ALA D 33 5.27 -3.84 6.38
C ALA D 33 6.68 -3.48 6.80
N SER D 34 7.60 -3.45 5.84
CA SER D 34 9.00 -3.17 6.14
C SER D 34 9.72 -2.58 4.93
N ASN D 35 10.90 -2.04 5.19
CA ASN D 35 11.74 -1.49 4.14
C ASN D 35 13.22 -1.66 4.47
N GLY D 36 14.05 -1.63 3.45
CA GLY D 36 15.50 -1.77 3.65
C GLY D 36 16.33 -1.64 2.40
N GLU D 37 17.57 -2.12 2.49
CA GLU D 37 18.55 -2.01 1.42
C GLU D 37 19.25 -3.35 1.18
N GLU D 38 19.63 -3.60 -0.07
CA GLU D 38 20.37 -4.80 -0.43
C GLU D 38 21.47 -4.46 -1.42
N GLU D 39 22.70 -4.87 -1.10
CA GLU D 39 23.84 -4.71 -2.01
C GLU D 39 23.88 -5.88 -2.98
N LEU D 40 23.79 -5.57 -4.28
CA LEU D 40 23.81 -6.61 -5.32
C LEU D 40 24.36 -6.05 -6.63
N ALA D 41 25.18 -6.85 -7.31
CA ALA D 41 25.81 -6.45 -8.57
C ALA D 41 26.59 -5.14 -8.44
N GLY D 42 27.25 -4.95 -7.29
CA GLY D 42 28.04 -3.74 -7.04
C GLY D 42 27.23 -2.46 -7.01
N GLN D 43 25.98 -2.55 -6.53
CA GLN D 43 25.07 -1.42 -6.49
C GLN D 43 24.06 -1.55 -5.35
N THR D 44 23.64 -0.42 -4.81
CA THR D 44 22.66 -0.39 -3.72
C THR D 44 21.23 -0.41 -4.26
N TRP D 45 20.39 -1.27 -3.68
CA TRP D 45 19.00 -1.39 -4.09
C TRP D 45 18.08 -1.18 -2.89
N TYR D 46 17.12 -0.28 -3.05
CA TYR D 46 16.22 0.11 -1.96
C TYR D 46 14.87 -0.58 -2.14
N TRP D 47 14.53 -1.46 -1.21
CA TRP D 47 13.32 -2.27 -1.33
C TRP D 47 12.30 -1.92 -0.25
N LYS D 48 11.03 -2.19 -0.55
CA LYS D 48 9.96 -2.09 0.46
C LYS D 48 8.98 -3.24 0.30
N VAL D 49 8.62 -3.87 1.42
CA VAL D 49 7.53 -4.83 1.45
C VAL D 49 6.31 -4.16 2.10
N ALA D 50 5.17 -4.25 1.43
CA ALA D 50 3.95 -3.56 1.89
C ALA D 50 2.75 -4.51 1.82
N PRO D 51 2.18 -4.88 2.98
CA PRO D 51 0.95 -5.69 3.03
C PRO D 51 -0.21 -5.07 2.24
N VAL D 52 -1.09 -5.92 1.72
CA VAL D 52 -2.23 -5.49 0.91
C VAL D 52 -3.49 -6.29 1.28
N ALA D 53 -4.66 -5.68 1.09
CA ALA D 53 -5.95 -6.28 1.45
C ALA D 53 -6.23 -7.60 0.73
N THR D 54 -7.05 -8.43 1.38
CA THR D 54 -7.26 -9.83 0.98
C THR D 54 -7.96 -10.02 -0.38
N THR D 55 -9.24 -9.64 -0.46
CA THR D 55 -10.11 -9.96 -1.60
C THR D 55 -10.18 -11.47 -1.84
N LEU D 58 -9.29 -17.09 0.28
CA LEU D 58 -8.82 -15.78 0.71
C LEU D 58 -7.62 -15.87 1.66
N LEU D 59 -7.14 -14.71 2.09
CA LEU D 59 -6.14 -14.55 3.18
C LEU D 59 -4.76 -14.10 2.65
N LYS D 60 -4.24 -13.04 3.26
CA LYS D 60 -2.87 -12.52 3.04
C LYS D 60 -2.58 -11.96 1.64
N ALA D 61 -1.50 -11.21 1.54
CA ALA D 61 -1.05 -10.57 0.29
C ALA D 61 -0.12 -9.41 0.60
N PHE D 62 0.99 -9.33 -0.14
CA PHE D 62 1.97 -8.26 0.06
C PHE D 62 2.71 -7.89 -1.24
N ASP D 63 3.13 -6.64 -1.34
CA ASP D 63 3.85 -6.13 -2.51
C ASP D 63 5.31 -5.89 -2.18
N VAL D 64 6.20 -6.54 -2.91
CA VAL D 64 7.63 -6.25 -2.83
C VAL D 64 8.01 -5.34 -4.00
N SER D 65 8.51 -4.15 -3.69
CA SER D 65 8.97 -3.23 -4.73
C SER D 65 10.42 -2.84 -4.48
N VAL D 66 11.19 -2.68 -5.56
CA VAL D 66 12.61 -2.31 -5.47
C VAL D 66 12.94 -1.11 -6.38
N ALA D 67 13.77 -0.21 -5.85
CA ALA D 67 14.12 1.03 -6.55
C ALA D 67 15.63 1.20 -6.65
N ALA D 68 16.08 1.96 -7.65
CA ALA D 68 17.51 2.18 -7.90
C ALA D 68 18.08 3.32 -7.07
N GLU D 69 17.26 4.34 -6.77
CA GLU D 69 17.68 5.44 -5.89
C GLU D 69 16.96 5.33 -4.55
N LYS D 70 17.35 6.17 -3.60
CA LYS D 70 16.76 6.11 -2.26
C LYS D 70 15.32 6.62 -2.26
N GLN D 71 15.06 7.67 -3.04
CA GLN D 71 13.73 8.29 -3.13
C GLN D 71 13.03 8.06 -4.48
N ALA D 72 13.65 7.27 -5.37
CA ALA D 72 13.08 7.00 -6.70
C ALA D 72 11.92 6.01 -6.63
N SER D 73 10.96 6.17 -7.54
CA SER D 73 9.83 5.26 -7.66
C SER D 73 10.32 3.92 -8.21
N PRO D 74 9.68 2.80 -7.80
CA PRO D 74 10.23 1.45 -8.04
C PRO D 74 10.32 1.06 -9.51
N ILE D 75 11.41 0.39 -9.89
CA ILE D 75 11.56 -0.10 -11.27
C ILE D 75 10.87 -1.45 -11.45
N ILE D 76 10.59 -2.14 -10.34
CA ILE D 76 9.76 -3.36 -10.36
C ILE D 76 8.93 -3.49 -9.08
N THR D 77 7.69 -3.96 -9.23
CA THR D 77 6.80 -4.24 -8.09
C THR D 77 6.08 -5.56 -8.33
N VAL D 78 6.20 -6.49 -7.38
CA VAL D 78 5.65 -7.84 -7.53
C VAL D 78 4.75 -8.20 -6.35
N ARG D 79 3.55 -8.68 -6.67
CA ARG D 79 2.60 -9.11 -5.65
C ARG D 79 2.76 -10.58 -5.36
N SER D 80 2.61 -10.96 -4.09
CA SER D 80 2.76 -12.34 -3.66
C SER D 80 1.69 -12.69 -2.63
N TYR D 81 1.12 -13.89 -2.77
CA TYR D 81 0.06 -14.37 -1.88
C TYR D 81 0.60 -15.47 -0.97
N VAL D 82 0.45 -15.26 0.33
CA VAL D 82 0.89 -16.24 1.34
C VAL D 82 -0.31 -16.69 2.16
N ALA D 83 -1.39 -17.06 1.47
CA ALA D 83 -2.62 -17.49 2.10
C ALA D 83 -2.41 -18.74 2.94
N ASN E 1 31.48 -3.50 -34.35
CA ASN E 1 31.10 -2.14 -33.88
C ASN E 1 30.33 -2.17 -32.56
N GLU E 2 29.16 -2.81 -32.56
CA GLU E 2 28.27 -2.84 -31.40
C GLU E 2 28.38 -4.14 -30.60
N LEU E 3 29.11 -4.09 -29.49
CA LEU E 3 29.34 -5.26 -28.63
C LEU E 3 28.71 -5.12 -27.22
N SER E 4 27.71 -4.26 -27.12
CA SER E 4 26.53 -4.40 -26.25
C SER E 4 25.89 -5.78 -26.44
N GLN E 5 26.13 -6.40 -27.60
CA GLN E 5 25.71 -7.79 -27.83
C GLN E 5 26.39 -8.73 -26.84
N GLU E 6 27.66 -8.47 -26.54
CA GLU E 6 28.41 -9.22 -25.55
C GLU E 6 27.80 -9.10 -24.16
N ARG E 7 27.40 -7.89 -23.78
CA ARG E 7 26.83 -7.65 -22.45
C ARG E 7 25.41 -8.19 -22.34
N THR E 8 24.66 -8.16 -23.43
CA THR E 8 23.34 -8.77 -23.48
C THR E 8 23.46 -10.29 -23.32
N ALA E 9 24.47 -10.87 -23.96
CA ALA E 9 24.73 -12.31 -23.84
C ALA E 9 25.21 -12.69 -22.44
N ARG E 10 25.94 -11.79 -21.79
CA ARG E 10 26.43 -12.01 -20.43
C ARG E 10 25.25 -12.16 -19.45
N LEU E 11 24.24 -11.32 -19.62
CA LEU E 11 23.06 -11.40 -18.78
C LEU E 11 22.31 -12.70 -19.03
N ASN E 12 22.25 -13.13 -20.29
CA ASN E 12 21.65 -14.42 -20.63
C ASN E 12 22.41 -15.58 -19.97
N GLU E 13 23.73 -15.49 -19.98
CA GLU E 13 24.59 -16.50 -19.36
C GLU E 13 24.32 -16.58 -17.86
N LEU E 14 24.18 -15.43 -17.22
CA LEU E 14 23.89 -15.37 -15.78
C LEU E 14 22.52 -16.01 -15.46
N GLN E 15 21.54 -15.78 -16.33
CA GLN E 15 20.21 -16.36 -16.16
C GLN E 15 20.22 -17.88 -16.33
N ARG E 16 21.00 -18.38 -17.30
CA ARG E 16 21.17 -19.82 -17.46
C ARG E 16 21.72 -20.44 -16.18
N ALA E 17 22.71 -19.78 -15.59
CA ALA E 17 23.34 -20.25 -14.35
C ALA E 17 22.35 -20.21 -13.18
N LEU E 18 21.67 -19.08 -13.02
CA LEU E 18 20.73 -18.90 -11.93
C LEU E 18 19.58 -19.90 -11.98
N VAL E 19 19.01 -20.12 -13.16
CA VAL E 19 17.91 -21.07 -13.33
C VAL E 19 18.34 -22.51 -13.05
N MET E 20 19.60 -22.83 -13.39
CA MET E 20 20.16 -24.13 -13.03
C MET E 20 20.27 -24.28 -11.52
N MET E 21 20.73 -23.22 -10.86
CA MET E 21 20.82 -23.19 -9.41
C MET E 21 19.43 -23.27 -8.77
N ASP E 22 18.45 -22.62 -9.39
CA ASP E 22 17.06 -22.70 -8.91
C ASP E 22 16.57 -24.13 -8.89
N SER E 23 16.86 -24.86 -9.95
CA SER E 23 16.40 -26.25 -10.12
C SER E 23 17.01 -27.20 -9.10
N ASP E 24 18.16 -26.84 -8.54
CA ASP E 24 18.82 -27.65 -7.52
C ASP E 24 18.41 -27.22 -6.12
N PHE E 25 18.67 -25.96 -5.81
CA PHE E 25 18.50 -25.44 -4.44
C PHE E 25 17.03 -25.35 -3.99
N ARG E 26 16.09 -25.26 -4.93
CA ARG E 26 14.66 -25.31 -4.58
C ARG E 26 14.17 -26.74 -4.42
N GLN E 27 14.90 -27.70 -4.99
CA GLN E 27 14.49 -29.10 -4.97
C GLN E 27 15.43 -29.97 -4.12
N ILE E 28 15.92 -29.41 -3.01
CA ILE E 28 16.82 -30.12 -2.11
C ILE E 28 16.09 -31.27 -1.45
N ALA E 29 16.62 -32.48 -1.61
CA ALA E 29 16.01 -33.67 -1.03
C ALA E 29 16.44 -33.85 0.41
N LEU E 30 15.52 -34.33 1.24
CA LEU E 30 15.82 -34.68 2.64
C LEU E 30 16.44 -36.08 2.70
N ARG E 31 17.68 -36.16 2.22
CA ARG E 31 18.43 -37.42 2.23
C ARG E 31 19.91 -37.14 2.47
N GLN E 32 20.51 -37.87 3.39
CA GLN E 32 21.92 -37.73 3.70
C GLN E 32 22.77 -38.36 2.61
N THR E 33 23.78 -37.63 2.16
CA THR E 33 24.74 -38.15 1.19
C THR E 33 26.10 -38.33 1.86
N ARG E 34 26.94 -39.14 1.24
CA ARG E 34 28.27 -39.45 1.78
C ARG E 34 29.38 -38.86 0.91
N THR E 35 30.43 -38.34 1.55
CA THR E 35 31.69 -38.00 0.87
C THR E 35 32.75 -39.04 1.23
N ASN E 36 33.55 -39.49 0.27
CA ASN E 36 34.67 -40.40 0.60
C ASN E 36 35.97 -39.62 0.85
N SER E 41 31.90 -36.44 6.40
CA SER E 41 31.67 -37.87 6.19
C SER E 41 30.28 -38.12 5.62
N LYS E 42 29.26 -38.04 6.47
CA LYS E 42 27.86 -38.24 6.05
C LYS E 42 26.98 -37.10 6.57
N LYS E 43 26.50 -36.26 5.66
CA LYS E 43 25.71 -35.07 6.02
C LYS E 43 24.53 -34.87 5.07
N LEU E 44 23.66 -33.91 5.43
CA LEU E 44 22.58 -33.46 4.54
C LEU E 44 23.10 -32.40 3.56
N LEU E 45 23.78 -31.40 4.10
CA LEU E 45 24.44 -30.36 3.31
C LEU E 45 25.94 -30.41 3.57
N HIS E 46 26.72 -30.63 2.52
CA HIS E 46 28.17 -30.59 2.63
C HIS E 46 28.67 -29.22 2.20
N TRP E 47 29.54 -28.62 3.00
CA TRP E 47 30.02 -27.27 2.74
C TRP E 47 31.39 -27.07 3.39
N ALA E 48 32.42 -26.95 2.56
CA ALA E 48 33.79 -26.79 3.04
C ALA E 48 34.71 -26.26 1.95
N ASP E 49 35.92 -25.86 2.35
CA ASP E 49 36.94 -25.43 1.41
C ASP E 49 37.45 -26.61 0.61
N TYR E 50 37.67 -26.38 -0.69
CA TYR E 50 38.26 -27.35 -1.59
C TYR E 50 37.43 -28.62 -1.79
N LEU E 51 36.14 -28.55 -1.44
CA LEU E 51 35.22 -29.67 -1.65
C LEU E 51 34.95 -29.79 -3.14
N LEU E 52 34.91 -31.02 -3.63
CA LEU E 52 34.80 -31.32 -5.07
C LEU E 52 35.97 -30.73 -5.86
N ASP E 53 37.14 -30.62 -5.21
CA ASP E 53 38.34 -30.01 -5.79
C ASP E 53 38.12 -28.56 -6.27
N SER E 54 37.32 -27.82 -5.53
CA SER E 54 37.05 -26.42 -5.82
C SER E 54 38.30 -25.57 -5.56
N ASP E 55 38.48 -24.51 -6.34
CA ASP E 55 39.59 -23.57 -6.11
C ASP E 55 39.41 -22.84 -4.79
N ASN E 56 38.15 -22.61 -4.42
CA ASN E 56 37.82 -22.07 -3.09
C ASN E 56 36.73 -22.93 -2.44
N LYS E 57 35.54 -22.38 -2.18
CA LYS E 57 34.49 -23.13 -1.50
C LYS E 57 33.80 -24.13 -2.44
N GLY E 58 33.31 -25.22 -1.86
CA GLY E 58 32.54 -26.24 -2.60
C GLY E 58 31.33 -26.69 -1.81
N ILE E 59 30.22 -26.91 -2.51
CA ILE E 59 28.97 -27.35 -1.88
C ILE E 59 28.46 -28.63 -2.55
N MET E 60 27.83 -29.49 -1.76
CA MET E 60 27.26 -30.75 -2.25
C MET E 60 26.04 -31.14 -1.42
N PHE E 61 24.99 -31.62 -2.10
CA PHE E 61 23.76 -32.03 -1.42
C PHE E 61 22.89 -32.93 -2.29
N ALA E 62 21.88 -33.54 -1.68
CA ALA E 62 20.94 -34.42 -2.39
C ALA E 62 19.84 -33.59 -3.07
N ARG E 63 19.43 -34.02 -4.26
CA ARG E 63 18.40 -33.31 -5.03
C ARG E 63 17.29 -34.27 -5.47
N LEU E 64 16.06 -33.77 -5.52
CA LEU E 64 14.88 -34.57 -5.90
C LEU E 64 14.37 -34.11 -7.28
N GLY E 65 14.52 -34.98 -8.28
CA GLY E 65 14.14 -34.67 -9.66
C GLY E 65 12.93 -35.46 -10.13
N TRP E 66 12.17 -34.87 -11.05
CA TRP E 66 10.91 -35.50 -11.49
C TRP E 66 10.80 -35.78 -13.00
N HIS E 67 11.53 -35.01 -13.81
CA HIS E 67 11.35 -35.03 -15.27
C HIS E 67 12.67 -35.32 -15.98
N ASN E 68 13.23 -36.50 -15.69
CA ASN E 68 14.49 -36.91 -16.31
C ASN E 68 14.24 -37.40 -17.74
N PRO E 69 14.94 -36.80 -18.74
CA PRO E 69 14.78 -37.25 -20.13
C PRO E 69 15.26 -38.69 -20.38
N GLN E 70 16.24 -39.15 -19.60
CA GLN E 70 16.72 -40.54 -19.68
C GLN E 70 15.62 -41.54 -19.26
N GLN E 71 14.60 -41.06 -18.54
CA GLN E 71 13.40 -41.84 -18.21
C GLN E 71 13.70 -42.95 -17.21
N PRO E 74 7.90 -41.94 -16.18
CA PRO E 74 8.98 -41.41 -15.37
C PRO E 74 8.79 -41.68 -13.87
N ARG E 75 9.83 -41.41 -13.08
CA ARG E 75 9.79 -41.56 -11.63
C ARG E 75 10.39 -40.32 -10.94
N GLY E 76 10.06 -40.14 -9.67
CA GLY E 76 10.69 -39.11 -8.84
C GLY E 76 12.00 -39.62 -8.26
N GLU E 77 13.12 -39.24 -8.87
CA GLU E 77 14.44 -39.79 -8.51
C GLU E 77 15.23 -38.84 -7.61
N VAL E 78 15.90 -39.40 -6.60
CA VAL E 78 16.85 -38.68 -5.75
C VAL E 78 18.27 -38.87 -6.28
N THR E 79 18.97 -37.77 -6.51
CA THR E 79 20.35 -37.82 -6.99
C THR E 79 21.19 -36.77 -6.30
N LYS E 80 22.49 -37.02 -6.22
CA LYS E 80 23.44 -36.13 -5.59
C LYS E 80 23.87 -35.04 -6.57
N VAL E 81 24.00 -33.81 -6.07
CA VAL E 81 24.40 -32.67 -6.89
C VAL E 81 25.35 -31.76 -6.10
N GLY E 82 26.12 -30.93 -6.82
CA GLY E 82 27.08 -30.04 -6.19
C GLY E 82 27.52 -28.87 -7.05
N TYR E 83 28.15 -27.88 -6.40
CA TYR E 83 28.69 -26.71 -7.08
C TYR E 83 30.10 -26.40 -6.63
N ARG E 84 30.88 -25.78 -7.51
CA ARG E 84 32.27 -25.43 -7.22
C ARG E 84 32.76 -24.32 -8.15
N ILE E 85 33.97 -23.84 -7.86
CA ILE E 85 34.68 -22.93 -8.75
C ILE E 85 35.95 -23.63 -9.25
N LYS E 86 36.15 -23.63 -10.56
CA LYS E 86 37.39 -24.15 -11.15
C LYS E 86 37.80 -23.29 -12.33
N ASP E 87 39.04 -22.82 -12.31
CA ASP E 87 39.56 -21.93 -13.35
C ASP E 87 38.65 -20.72 -13.56
N GLU E 88 38.22 -20.14 -12.44
CA GLU E 88 37.31 -18.98 -12.44
C GLU E 88 36.00 -19.19 -13.22
N ARG E 89 35.49 -20.42 -13.18
CA ARG E 89 34.17 -20.75 -13.72
C ARG E 89 33.34 -21.39 -12.63
N LEU E 90 32.08 -20.99 -12.51
CA LEU E 90 31.12 -21.72 -11.68
C LEU E 90 30.77 -23.01 -12.42
N GLU E 91 30.94 -24.14 -11.75
CA GLU E 91 30.68 -25.44 -12.35
C GLU E 91 29.69 -26.23 -11.51
N ARG E 92 28.73 -26.86 -12.19
CA ARG E 92 27.81 -27.78 -11.56
C ARG E 92 28.37 -29.20 -11.67
N VAL E 93 28.35 -29.93 -10.56
CA VAL E 93 28.75 -31.33 -10.55
C VAL E 93 27.52 -32.18 -10.26
N TRP E 94 27.33 -33.23 -11.07
CA TRP E 94 26.15 -34.09 -10.96
C TRP E 94 26.52 -35.58 -10.93
N TRP E 95 25.97 -36.29 -9.95
CA TRP E 95 26.14 -37.73 -9.81
C TRP E 95 24.84 -38.42 -10.21
N ARG E 96 24.89 -39.16 -11.31
CA ARG E 96 23.68 -39.79 -11.87
C ARG E 96 23.25 -41.05 -11.12
N TYR E 97 24.23 -41.83 -10.66
CA TYR E 97 23.95 -43.14 -10.10
C TYR E 97 24.29 -43.20 -8.60
N PRO E 98 23.81 -44.26 -7.92
CA PRO E 98 24.09 -44.39 -6.49
C PRO E 98 25.57 -44.60 -6.18
N ASP E 99 26.03 -44.01 -5.07
CA ASP E 99 27.43 -44.13 -4.66
C ASP E 99 27.75 -45.59 -4.40
N THR E 100 28.91 -46.04 -4.89
CA THR E 100 29.34 -47.43 -4.76
C THR E 100 30.87 -47.47 -4.63
N PRO E 101 31.41 -48.48 -3.91
CA PRO E 101 32.86 -48.73 -3.91
C PRO E 101 33.56 -48.49 -5.26
N ALA E 102 32.92 -48.88 -6.36
CA ALA E 102 33.44 -48.61 -7.69
C ALA E 102 33.60 -47.12 -7.97
N GLY E 103 32.71 -46.33 -7.38
CA GLY E 103 32.62 -44.89 -7.63
C GLY E 103 31.83 -44.69 -8.90
N GLN E 104 31.97 -43.51 -9.50
CA GLN E 104 31.32 -43.25 -10.78
C GLN E 104 31.91 -42.05 -11.50
N GLU E 105 31.52 -41.91 -12.75
CA GLU E 105 31.91 -40.76 -13.55
C GLU E 105 30.98 -39.59 -13.25
N GLY E 106 31.51 -38.56 -12.60
CA GLY E 106 30.76 -37.36 -12.32
C GLY E 106 30.61 -36.52 -13.58
N VAL E 107 29.50 -35.81 -13.69
CA VAL E 107 29.25 -34.92 -14.82
C VAL E 107 29.52 -33.47 -14.40
N VAL E 108 30.67 -32.95 -14.83
CA VAL E 108 31.03 -31.57 -14.53
C VAL E 108 30.62 -30.67 -15.70
N THR E 109 29.77 -29.69 -15.39
CA THR E 109 29.21 -28.77 -16.37
C THR E 109 29.48 -27.32 -15.97
N PRO E 110 30.28 -26.59 -16.75
CA PRO E 110 30.51 -25.17 -16.45
C PRO E 110 29.28 -24.33 -16.78
N LEU E 111 28.76 -23.60 -15.79
CA LEU E 111 27.56 -22.78 -15.97
C LEU E 111 27.85 -21.30 -16.26
N LEU E 112 28.80 -20.73 -15.53
CA LEU E 112 29.08 -19.31 -15.61
C LEU E 112 30.57 -19.03 -15.61
N SER E 113 31.03 -18.28 -16.61
CA SER E 113 32.43 -17.88 -16.72
C SER E 113 32.73 -16.66 -15.84
N ASP E 114 34.02 -16.35 -15.73
CA ASP E 114 34.51 -15.21 -14.95
C ASP E 114 33.85 -15.09 -13.57
N VAL E 115 33.81 -16.21 -12.85
CA VAL E 115 33.31 -16.23 -11.48
C VAL E 115 34.48 -16.56 -10.54
N GLU E 116 34.85 -15.58 -9.71
CA GLU E 116 35.99 -15.73 -8.80
C GLU E 116 35.67 -16.63 -7.61
N GLU E 117 34.60 -16.28 -6.88
CA GLU E 117 34.32 -16.90 -5.59
C GLU E 117 32.90 -17.44 -5.49
N LEU E 118 32.77 -18.55 -4.76
CA LEU E 118 31.48 -19.11 -4.38
C LEU E 118 31.36 -18.97 -2.86
N ASN E 119 30.20 -18.54 -2.40
CA ASN E 119 29.94 -18.40 -0.98
C ASN E 119 28.49 -18.73 -0.69
N VAL E 120 28.25 -19.40 0.45
CA VAL E 120 26.90 -19.80 0.82
C VAL E 120 26.68 -19.52 2.30
N ARG E 121 25.52 -18.95 2.62
CA ARG E 121 25.14 -18.69 3.99
C ARG E 121 23.81 -19.39 4.26
N PHE E 122 23.65 -19.86 5.50
CA PHE E 122 22.48 -20.65 5.89
C PHE E 122 21.71 -19.93 6.98
N TYR E 123 20.40 -19.76 6.80
CA TYR E 123 19.57 -19.14 7.81
C TYR E 123 19.16 -20.19 8.86
N ASP E 124 19.38 -19.87 10.12
CA ASP E 124 19.10 -20.81 11.23
C ASP E 124 17.76 -20.56 11.94
N GLY E 125 17.04 -19.51 11.53
CA GLY E 125 15.80 -19.10 12.17
C GLY E 125 15.87 -17.66 12.64
N LYS E 126 16.93 -17.35 13.38
CA LYS E 126 17.16 -15.99 13.88
C LYS E 126 18.11 -15.22 12.95
N GLN E 127 19.24 -15.84 12.63
CA GLN E 127 20.31 -15.18 11.88
C GLN E 127 20.95 -16.11 10.84
N TRP E 128 21.53 -15.49 9.83
CA TRP E 128 22.35 -16.17 8.82
C TRP E 128 23.68 -16.59 9.42
N ILE E 129 24.05 -17.85 9.22
CA ILE E 129 25.32 -18.36 9.71
C ILE E 129 26.21 -18.88 8.58
N ASN E 130 27.46 -19.11 8.93
CA ASN E 130 28.55 -19.38 7.99
C ASN E 130 28.71 -20.87 7.64
N GLU E 131 28.30 -21.75 8.55
CA GLU E 131 28.42 -23.20 8.36
C GLU E 131 27.09 -23.86 8.66
N TRP E 132 27.00 -25.17 8.40
CA TRP E 132 25.82 -25.94 8.74
C TRP E 132 26.19 -27.34 9.24
N SER E 133 26.33 -27.44 10.56
CA SER E 133 26.75 -28.67 11.21
C SER E 133 25.60 -29.65 11.46
N ASN E 134 24.37 -29.15 11.42
CA ASN E 134 23.19 -29.99 11.70
C ASN E 134 22.92 -30.96 10.56
N GLU E 135 23.16 -32.25 10.81
CA GLU E 135 22.97 -33.28 9.78
C GLU E 135 21.56 -33.88 9.80
N LEU E 136 20.75 -33.50 10.78
CA LEU E 136 19.42 -34.08 10.98
C LEU E 136 18.33 -33.31 10.22
N THR E 137 18.44 -31.99 10.17
CA THR E 137 17.45 -31.15 9.47
C THR E 137 18.13 -30.06 8.63
N LEU E 138 17.42 -29.63 7.57
CA LEU E 138 17.92 -28.58 6.68
C LEU E 138 17.72 -27.18 7.27
N PRO E 139 18.49 -26.20 6.77
CA PRO E 139 18.25 -24.82 7.19
C PRO E 139 17.02 -24.25 6.51
N ALA E 140 16.36 -23.32 7.19
CA ALA E 140 15.12 -22.70 6.70
C ALA E 140 15.33 -22.04 5.33
N ALA E 141 16.47 -21.38 5.16
CA ALA E 141 16.80 -20.71 3.91
C ALA E 141 18.28 -20.83 3.60
N ILE E 142 18.61 -20.78 2.31
CA ILE E 142 20.00 -20.82 1.84
C ILE E 142 20.24 -19.65 0.89
N SER E 143 21.30 -18.89 1.14
CA SER E 143 21.70 -17.76 0.29
C SER E 143 23.00 -18.06 -0.46
N VAL E 144 22.89 -18.31 -1.76
CA VAL E 144 24.07 -18.56 -2.58
C VAL E 144 24.58 -17.26 -3.19
N GLU E 145 25.81 -16.90 -2.84
CA GLU E 145 26.46 -15.67 -3.28
C GLU E 145 27.60 -15.96 -4.28
N LEU E 146 27.47 -15.42 -5.49
CA LEU E 146 28.50 -15.56 -6.52
C LEU E 146 29.21 -14.23 -6.72
N THR E 147 30.55 -14.26 -6.67
CA THR E 147 31.37 -13.07 -6.92
C THR E 147 31.89 -13.09 -8.35
N LEU E 148 31.27 -12.30 -9.21
CA LEU E 148 31.66 -12.23 -10.62
C LEU E 148 32.71 -11.16 -10.83
N LYS E 149 33.61 -11.38 -11.79
CA LYS E 149 34.69 -10.45 -12.08
C LYS E 149 34.18 -9.08 -12.56
N ASP E 150 33.09 -9.10 -13.33
CA ASP E 150 32.54 -7.89 -13.93
C ASP E 150 31.51 -7.21 -13.04
N TYR E 151 30.54 -7.98 -12.54
CA TYR E 151 29.42 -7.42 -11.76
C TYR E 151 29.65 -7.43 -10.25
N GLY E 152 30.62 -8.21 -9.79
CA GLY E 152 30.86 -8.31 -8.35
C GLY E 152 29.93 -9.31 -7.69
N LYS E 153 29.52 -9.02 -6.46
CA LYS E 153 28.70 -9.94 -5.68
C LYS E 153 27.23 -9.92 -6.09
N ILE E 154 26.72 -11.09 -6.47
CA ILE E 154 25.27 -11.25 -6.65
C ILE E 154 24.81 -12.46 -5.82
N ALA E 155 23.71 -12.28 -5.09
CA ALA E 155 23.22 -13.32 -4.19
C ALA E 155 21.81 -13.74 -4.57
N ARG E 156 21.48 -15.00 -4.28
CA ARG E 156 20.15 -15.52 -4.51
C ARG E 156 19.69 -16.38 -3.32
N THR E 157 18.52 -16.06 -2.78
CA THR E 157 17.97 -16.76 -1.62
C THR E 157 17.00 -17.88 -2.02
N TYR E 158 17.10 -19.01 -1.32
CA TYR E 158 16.26 -20.17 -1.58
C TYR E 158 15.63 -20.67 -0.29
N LEU E 159 14.30 -20.82 -0.31
CA LEU E 159 13.60 -21.44 0.82
C LEU E 159 13.62 -22.95 0.64
N THR E 160 13.88 -23.66 1.73
CA THR E 160 13.96 -25.12 1.71
C THR E 160 12.66 -25.74 2.25
N PRO E 161 12.42 -27.03 1.98
CA PRO E 161 11.17 -27.64 2.43
C PRO E 161 11.12 -27.86 3.94
N GLU E 162 9.91 -27.94 4.49
CA GLU E 162 9.70 -28.26 5.89
C GLU E 162 9.98 -29.75 6.10
N GLY E 163 10.33 -30.14 7.32
CA GLY E 163 10.49 -31.56 7.66
C GLY E 163 11.92 -31.94 7.97
N ASN E 164 12.08 -32.82 8.95
CA ASN E 164 13.39 -33.29 9.41
C ASN E 164 13.65 -34.74 8.96
N VAL F 2 44.85 -33.96 -26.52
CA VAL F 2 43.54 -34.48 -26.04
C VAL F 2 43.51 -34.58 -24.52
N GLN F 3 44.11 -33.60 -23.85
CA GLN F 3 44.10 -33.45 -22.39
C GLN F 3 44.81 -34.56 -21.61
N LEU F 4 44.28 -35.78 -21.65
CA LEU F 4 44.88 -36.90 -20.92
C LEU F 4 45.13 -38.11 -21.83
N GLN F 5 46.36 -38.23 -22.32
CA GLN F 5 46.81 -39.41 -23.05
C GLN F 5 47.73 -40.20 -22.14
N GLU F 6 47.43 -41.48 -21.96
CA GLU F 6 48.18 -42.36 -21.07
C GLU F 6 49.30 -43.05 -21.84
N SER F 7 50.14 -43.78 -21.11
CA SER F 7 51.24 -44.56 -21.71
C SER F 7 51.61 -45.75 -20.81
N GLY F 8 52.51 -46.60 -21.32
CA GLY F 8 53.04 -47.73 -20.56
C GLY F 8 52.11 -48.93 -20.49
N GLY F 9 51.49 -49.26 -21.63
CA GLY F 9 50.59 -50.40 -21.71
C GLY F 9 51.35 -51.71 -21.77
N GLY F 10 51.05 -52.51 -22.79
CA GLY F 10 51.74 -53.79 -23.01
C GLY F 10 51.40 -54.85 -21.98
N LEU F 11 52.07 -56.00 -22.09
CA LEU F 11 51.84 -57.13 -21.19
C LEU F 11 53.10 -57.47 -20.39
N VAL F 12 52.89 -57.88 -19.14
CA VAL F 12 53.99 -58.31 -18.27
C VAL F 12 53.56 -59.55 -17.46
N GLN F 13 54.54 -60.34 -17.05
CA GLN F 13 54.27 -61.58 -16.32
C GLN F 13 53.87 -61.32 -14.86
N PRO F 14 53.09 -62.23 -14.26
CA PRO F 14 52.60 -62.08 -12.87
C PRO F 14 53.69 -61.87 -11.83
N GLY F 15 53.52 -60.86 -10.99
CA GLY F 15 54.53 -60.47 -10.01
C GLY F 15 55.48 -59.40 -10.51
N GLY F 16 55.39 -59.08 -11.80
CA GLY F 16 56.23 -58.05 -12.41
C GLY F 16 55.76 -56.65 -12.07
N SER F 17 56.58 -55.66 -12.41
CA SER F 17 56.25 -54.26 -12.17
C SER F 17 56.02 -53.51 -13.48
N LEU F 18 55.32 -52.37 -13.38
CA LEU F 18 55.04 -51.53 -14.53
C LEU F 18 54.71 -50.11 -14.08
N ARG F 19 55.14 -49.12 -14.86
CA ARG F 19 54.85 -47.72 -14.55
C ARG F 19 54.02 -47.08 -15.66
N LEU F 20 52.76 -46.82 -15.37
CA LEU F 20 51.88 -46.09 -16.28
C LEU F 20 52.18 -44.60 -16.16
N SER F 21 52.07 -43.89 -17.28
CA SER F 21 52.23 -42.43 -17.31
C SER F 21 51.02 -41.79 -17.94
N CYS F 22 50.83 -40.50 -17.68
CA CYS F 22 49.71 -39.74 -18.23
C CYS F 22 50.14 -38.33 -18.61
N ALA F 23 50.16 -38.06 -19.92
CA ALA F 23 50.51 -36.74 -20.44
C ALA F 23 49.33 -35.77 -20.29
N ALA F 24 49.47 -34.79 -19.41
CA ALA F 24 48.43 -33.78 -19.19
C ALA F 24 48.68 -32.55 -20.05
N SER F 25 47.58 -31.97 -20.57
CA SER F 25 47.67 -30.79 -21.45
C SER F 25 46.33 -30.07 -21.55
N GLY F 26 46.39 -28.78 -21.85
CA GLY F 26 45.18 -27.99 -22.11
C GLY F 26 44.44 -27.47 -20.88
N PHE F 27 45.02 -27.66 -19.69
CA PHE F 27 44.44 -27.12 -18.46
C PHE F 27 45.48 -26.98 -17.35
N ALA F 28 45.12 -26.26 -16.28
CA ALA F 28 46.03 -25.98 -15.18
C ALA F 28 46.25 -27.21 -14.29
N PHE F 29 47.01 -28.16 -14.81
CA PHE F 29 47.22 -29.47 -14.19
C PHE F 29 47.55 -29.42 -12.70
N SER F 30 48.45 -28.51 -12.32
CA SER F 30 48.95 -28.43 -10.95
C SER F 30 47.86 -28.16 -9.92
N GLY F 31 46.84 -27.42 -10.32
CA GLY F 31 45.73 -27.06 -9.43
C GLY F 31 44.59 -28.07 -9.36
N TYR F 32 44.70 -29.16 -10.12
CA TYR F 32 43.66 -30.18 -10.16
C TYR F 32 44.02 -31.41 -9.34
N ALA F 33 43.01 -32.03 -8.76
CA ALA F 33 43.16 -33.34 -8.13
C ALA F 33 43.01 -34.35 -9.25
N MET F 34 43.90 -35.32 -9.31
CA MET F 34 43.92 -36.31 -10.39
C MET F 34 43.74 -37.72 -9.85
N SER F 35 43.32 -38.63 -10.73
CA SER F 35 43.04 -40.02 -10.35
C SER F 35 43.36 -41.02 -11.46
N TRP F 36 43.43 -42.29 -11.06
CA TRP F 36 43.53 -43.40 -12.00
C TRP F 36 42.28 -44.26 -11.85
N VAL F 37 41.73 -44.69 -12.99
CA VAL F 37 40.54 -45.54 -13.02
C VAL F 37 40.80 -46.70 -13.97
N ARG F 38 40.24 -47.87 -13.66
CA ARG F 38 40.44 -49.05 -14.51
C ARG F 38 39.12 -49.75 -14.85
N GLN F 39 39.13 -50.49 -15.95
CA GLN F 39 38.01 -51.34 -16.35
C GLN F 39 38.52 -52.74 -16.65
N ALA F 40 38.37 -53.65 -15.69
CA ALA F 40 38.73 -55.05 -15.89
C ALA F 40 37.67 -55.74 -16.77
N PRO F 41 38.05 -56.79 -17.50
CA PRO F 41 37.09 -57.44 -18.39
C PRO F 41 35.93 -58.07 -17.60
N GLY F 42 34.70 -57.81 -18.03
CA GLY F 42 33.51 -58.31 -17.36
C GLY F 42 33.04 -57.47 -16.19
N LYS F 43 33.62 -56.28 -16.04
CA LYS F 43 33.25 -55.33 -14.99
C LYS F 43 33.14 -53.93 -15.56
N GLY F 44 32.41 -53.07 -14.84
CA GLY F 44 32.31 -51.66 -15.21
C GLY F 44 33.57 -50.90 -14.83
N LEU F 45 33.56 -49.59 -15.07
CA LEU F 45 34.68 -48.73 -14.68
C LEU F 45 34.74 -48.63 -13.16
N GLU F 46 35.95 -48.75 -12.61
CA GLU F 46 36.17 -48.74 -11.18
C GLU F 46 37.33 -47.83 -10.79
N TRP F 47 37.14 -47.04 -9.74
CA TRP F 47 38.17 -46.12 -9.26
C TRP F 47 39.30 -46.91 -8.62
N VAL F 48 40.54 -46.58 -8.99
CA VAL F 48 41.73 -47.27 -8.46
C VAL F 48 42.44 -46.44 -7.40
N SER F 49 42.90 -45.26 -7.79
CA SER F 49 43.65 -44.37 -6.90
C SER F 49 43.45 -42.91 -7.26
N GLY F 50 43.85 -42.03 -6.34
CA GLY F 50 43.70 -40.59 -6.54
C GLY F 50 44.75 -39.77 -5.80
N ILE F 51 45.15 -38.65 -6.39
CA ILE F 51 46.12 -37.74 -5.78
C ILE F 51 45.59 -36.31 -5.75
N ASN F 52 45.66 -35.69 -4.58
CA ASN F 52 45.18 -34.33 -4.40
C ASN F 52 46.19 -33.31 -4.93
N ARG F 53 45.74 -32.05 -5.04
CA ARG F 53 46.59 -30.97 -5.52
C ARG F 53 47.78 -30.72 -4.60
N ASP F 54 47.59 -30.94 -3.30
CA ASP F 54 48.67 -30.73 -2.31
C ASP F 54 49.66 -31.89 -2.27
N GLY F 55 49.25 -33.06 -2.74
CA GLY F 55 50.12 -34.24 -2.75
C GLY F 55 49.55 -35.45 -2.02
N SER F 56 48.52 -35.25 -1.21
CA SER F 56 47.88 -36.33 -0.48
C SER F 56 47.35 -37.38 -1.45
N THR F 57 47.45 -38.66 -1.07
CA THR F 57 47.01 -39.76 -1.93
C THR F 57 45.92 -40.60 -1.28
N SER F 58 45.26 -41.41 -2.11
CA SER F 58 44.25 -42.35 -1.64
C SER F 58 44.18 -43.57 -2.57
N TYR F 59 43.96 -44.75 -1.98
CA TYR F 59 43.97 -46.01 -2.71
C TYR F 59 42.82 -46.92 -2.32
N THR F 60 42.35 -47.73 -3.27
CA THR F 60 41.36 -48.77 -2.98
C THR F 60 42.04 -49.92 -2.24
N ALA F 61 41.26 -50.59 -1.38
CA ALA F 61 41.77 -51.68 -0.53
C ALA F 61 42.55 -52.73 -1.33
N PRO F 62 41.96 -53.25 -2.42
CA PRO F 62 42.68 -54.20 -3.26
C PRO F 62 44.05 -53.69 -3.75
N VAL F 63 44.14 -52.40 -4.07
CA VAL F 63 45.35 -51.84 -4.67
C VAL F 63 46.32 -51.26 -3.62
N LYS F 64 45.84 -50.98 -2.41
CA LYS F 64 46.69 -50.45 -1.32
C LYS F 64 47.98 -51.25 -1.12
N GLY F 65 49.07 -50.53 -0.83
CA GLY F 65 50.36 -51.15 -0.52
C GLY F 65 51.24 -51.44 -1.72
N ARG F 66 50.63 -51.80 -2.85
CA ARG F 66 51.33 -52.25 -4.03
C ARG F 66 51.43 -51.15 -5.09
N PHE F 67 50.31 -50.49 -5.36
CA PHE F 67 50.27 -49.38 -6.31
C PHE F 67 50.69 -48.08 -5.62
N THR F 68 51.31 -47.19 -6.38
CA THR F 68 51.73 -45.87 -5.87
C THR F 68 51.46 -44.78 -6.90
N ILE F 69 50.63 -43.81 -6.52
CA ILE F 69 50.27 -42.70 -7.38
C ILE F 69 51.21 -41.52 -7.09
N SER F 70 51.64 -40.83 -8.13
CA SER F 70 52.50 -39.66 -7.98
C SER F 70 52.32 -38.71 -9.16
N ARG F 71 52.86 -37.51 -9.03
CA ARG F 71 52.67 -36.46 -10.02
C ARG F 71 53.91 -35.59 -10.20
N ASP F 72 54.15 -35.16 -11.44
CA ASP F 72 55.24 -34.23 -11.76
C ASP F 72 54.65 -32.93 -12.32
N ASN F 73 54.59 -31.91 -11.49
CA ASN F 73 53.97 -30.64 -11.86
C ASN F 73 54.79 -29.82 -12.86
N ALA F 74 56.08 -30.13 -12.97
CA ALA F 74 56.95 -29.46 -13.93
C ALA F 74 56.57 -29.82 -15.37
N LYS F 75 56.47 -31.11 -15.64
CA LYS F 75 56.18 -31.62 -16.99
C LYS F 75 54.68 -31.93 -17.18
N ASN F 76 53.88 -31.72 -16.14
CA ASN F 76 52.44 -32.06 -16.17
C ASN F 76 52.20 -33.52 -16.52
N ILE F 77 52.74 -34.41 -15.69
CA ILE F 77 52.61 -35.86 -15.88
C ILE F 77 52.15 -36.53 -14.58
N LEU F 78 51.14 -37.39 -14.70
CA LEU F 78 50.69 -38.22 -13.58
C LEU F 78 51.21 -39.63 -13.78
N TYR F 79 51.73 -40.24 -12.72
CA TYR F 79 52.30 -41.58 -12.76
C TYR F 79 51.51 -42.56 -11.90
N LEU F 80 51.64 -43.84 -12.24
CA LEU F 80 51.13 -44.93 -11.41
C LEU F 80 52.14 -46.07 -11.42
N GLN F 81 52.92 -46.15 -10.36
CA GLN F 81 53.89 -47.22 -10.18
C GLN F 81 53.17 -48.47 -9.69
N MET F 82 53.06 -49.47 -10.57
CA MET F 82 52.37 -50.71 -10.25
C MET F 82 53.39 -51.79 -9.93
N ASN F 83 53.29 -52.35 -8.72
CA ASN F 83 54.21 -53.38 -8.23
C ASN F 83 53.44 -54.65 -7.88
N SER F 84 54.12 -55.80 -7.92
CA SER F 84 53.55 -57.10 -7.58
C SER F 84 52.22 -57.33 -8.32
N LEU F 85 52.26 -57.13 -9.63
CA LEU F 85 51.05 -57.13 -10.45
C LEU F 85 50.41 -58.52 -10.55
N ARG F 86 49.17 -58.63 -10.10
CA ARG F 86 48.43 -59.89 -10.11
C ARG F 86 47.56 -59.99 -11.38
N PRO F 87 47.13 -61.21 -11.75
CA PRO F 87 46.24 -61.37 -12.91
C PRO F 87 44.93 -60.57 -12.80
N GLU F 88 44.42 -60.41 -11.58
CA GLU F 88 43.19 -59.66 -11.34
C GLU F 88 43.29 -58.18 -11.73
N ASP F 89 44.52 -57.67 -11.81
CA ASP F 89 44.78 -56.29 -12.21
C ASP F 89 44.65 -56.06 -13.71
N THR F 90 44.59 -57.14 -14.49
CA THR F 90 44.42 -57.05 -15.94
C THR F 90 43.18 -56.22 -16.28
N ALA F 91 43.40 -55.02 -16.84
CA ALA F 91 42.32 -54.10 -17.14
C ALA F 91 42.78 -52.97 -18.08
N VAL F 92 41.83 -52.19 -18.56
CA VAL F 92 42.14 -50.98 -19.32
C VAL F 92 42.25 -49.83 -18.33
N TYR F 93 43.47 -49.32 -18.13
CA TYR F 93 43.71 -48.27 -17.14
C TYR F 93 43.57 -46.88 -17.73
N TYR F 94 42.63 -46.12 -17.17
CA TYR F 94 42.34 -44.77 -17.63
C TYR F 94 42.84 -43.73 -16.63
N CYS F 95 43.22 -42.59 -17.16
CA CYS F 95 43.71 -41.45 -16.39
C CYS F 95 42.63 -40.37 -16.42
N ALA F 96 42.25 -39.86 -15.25
CA ALA F 96 41.14 -38.90 -15.15
C ALA F 96 41.33 -37.85 -14.07
N LYS F 97 40.57 -36.76 -14.20
CA LYS F 97 40.51 -35.73 -13.16
C LYS F 97 39.65 -36.25 -12.02
N TRP F 98 39.96 -35.80 -10.81
CA TRP F 98 39.40 -36.37 -9.59
C TRP F 98 38.50 -35.38 -8.84
N LEU F 99 37.35 -35.87 -8.38
CA LEU F 99 36.39 -35.05 -7.65
C LEU F 99 36.49 -35.19 -6.13
N GLY F 100 37.39 -36.05 -5.65
CA GLY F 100 37.73 -36.09 -4.23
C GLY F 100 37.28 -37.30 -3.43
N GLY F 101 36.36 -38.10 -3.97
CA GLY F 101 35.91 -39.33 -3.32
C GLY F 101 36.47 -40.55 -4.02
N ARG F 102 35.61 -41.28 -4.72
CA ARG F 102 36.05 -42.27 -5.71
C ARG F 102 35.46 -41.91 -7.08
N ASP F 103 35.14 -40.64 -7.27
CA ASP F 103 34.44 -40.18 -8.46
C ASP F 103 35.34 -39.35 -9.36
N TRP F 104 35.22 -39.56 -10.67
CA TRP F 104 36.14 -38.97 -11.65
C TRP F 104 35.39 -38.26 -12.76
N TYR F 105 36.14 -37.60 -13.65
CA TYR F 105 35.57 -36.94 -14.83
C TYR F 105 36.68 -36.58 -15.83
N ASP F 106 36.28 -36.25 -17.06
CA ASP F 106 37.22 -36.01 -18.17
C ASP F 106 38.21 -37.17 -18.30
N ARG F 107 37.67 -38.37 -18.45
CA ARG F 107 38.46 -39.59 -18.53
C ARG F 107 39.23 -39.66 -19.83
N GLY F 108 40.48 -40.12 -19.76
CA GLY F 108 41.33 -40.28 -20.94
C GLY F 108 40.96 -41.50 -21.78
N GLN F 109 41.71 -41.72 -22.86
CA GLN F 109 41.42 -42.82 -23.78
C GLN F 109 41.85 -44.17 -23.19
N GLY F 110 42.97 -44.20 -22.49
CA GLY F 110 43.40 -45.38 -21.73
C GLY F 110 44.52 -46.19 -22.36
N THR F 111 45.13 -47.07 -21.56
CA THR F 111 46.13 -48.02 -22.04
C THR F 111 45.88 -49.42 -21.46
N GLN F 112 46.13 -50.44 -22.28
CA GLN F 112 45.85 -51.82 -21.88
C GLN F 112 47.01 -52.40 -21.08
N VAL F 113 46.72 -52.80 -19.85
CA VAL F 113 47.66 -53.54 -19.02
C VAL F 113 47.07 -54.93 -18.83
N THR F 114 47.86 -55.95 -19.17
CA THR F 114 47.39 -57.33 -19.20
C THR F 114 48.50 -58.25 -18.70
N VAL F 115 48.16 -59.09 -17.72
CA VAL F 115 49.17 -59.96 -17.08
C VAL F 115 48.67 -61.40 -16.95
N ILE G 1 -3.93 -25.51 0.33
CA ILE G 1 -3.52 -26.21 1.58
C ILE G 1 -2.41 -25.41 2.26
N ASN G 2 -1.30 -25.23 1.54
CA ASN G 2 -0.14 -24.48 2.02
C ASN G 2 0.09 -23.25 1.13
N THR G 3 1.02 -23.31 0.19
CA THR G 3 1.08 -22.37 -0.93
C THR G 3 0.43 -23.01 -2.16
N VAL G 4 0.70 -24.31 -2.35
CA VAL G 4 0.14 -25.11 -3.44
C VAL G 4 0.56 -24.57 -4.80
N GLY G 5 1.80 -24.08 -4.89
CA GLY G 5 2.33 -23.55 -6.13
C GLY G 5 1.82 -22.15 -6.44
N TYR G 6 2.19 -21.19 -5.60
CA TYR G 6 1.88 -19.78 -5.85
C TYR G 6 2.73 -19.23 -7.00
N LEU G 7 3.85 -19.90 -7.27
CA LEU G 7 4.82 -19.45 -8.26
C LEU G 7 4.31 -19.47 -9.70
N GLU G 8 3.28 -20.24 -10.00
CA GLU G 8 2.78 -20.31 -11.38
C GLU G 8 2.39 -18.92 -11.86
N GLN G 9 1.51 -18.27 -11.08
CA GLN G 9 1.02 -16.92 -11.40
C GLN G 9 2.16 -15.91 -11.54
N LYS G 10 3.13 -15.98 -10.64
CA LYS G 10 4.27 -15.07 -10.65
C LYS G 10 5.11 -15.21 -11.92
N MET G 11 5.34 -16.45 -12.34
CA MET G 11 6.15 -16.73 -13.53
C MET G 11 5.41 -16.35 -14.81
N PHE G 12 4.16 -16.77 -14.92
CA PHE G 12 3.37 -16.51 -16.14
C PHE G 12 3.06 -15.03 -16.33
N ALA G 13 2.81 -14.32 -15.24
CA ALA G 13 2.58 -12.87 -15.30
C ALA G 13 3.84 -12.15 -15.80
N ALA G 14 5.00 -12.60 -15.34
CA ALA G 14 6.28 -12.05 -15.76
C ALA G 14 6.54 -12.30 -17.24
N MET G 15 6.14 -13.48 -17.74
CA MET G 15 6.29 -13.82 -19.15
C MET G 15 5.46 -12.90 -20.03
N VAL G 16 4.22 -12.65 -19.60
CA VAL G 16 3.33 -11.75 -20.32
C VAL G 16 3.90 -10.34 -20.34
N ALA G 17 4.42 -9.89 -19.20
CA ALA G 17 5.03 -8.57 -19.07
C ALA G 17 6.21 -8.41 -20.02
N ASP G 18 7.03 -9.45 -20.13
CA ASP G 18 8.18 -9.44 -21.03
C ASP G 18 7.75 -9.33 -22.50
N ASN G 19 6.71 -10.07 -22.85
CA ASN G 19 6.19 -10.08 -24.22
C ASN G 19 5.69 -8.71 -24.65
N GLN G 20 4.96 -8.04 -23.75
CA GLN G 20 4.40 -6.72 -24.03
C GLN G 20 5.46 -5.62 -24.01
N MET G 21 6.43 -5.75 -23.10
CA MET G 21 7.60 -4.84 -23.09
C MET G 21 8.31 -4.88 -24.45
N ALA G 22 8.43 -6.08 -25.02
CA ALA G 22 9.05 -6.25 -26.34
C ALA G 22 8.21 -5.60 -27.44
N MET G 23 6.89 -5.72 -27.33
CA MET G 23 6.00 -5.20 -28.38
C MET G 23 5.94 -3.66 -28.41
N VAL G 24 6.06 -3.03 -27.25
CA VAL G 24 6.18 -1.57 -27.18
C VAL G 24 7.53 -1.10 -27.70
N MET G 25 8.55 -1.94 -27.55
CA MET G 25 9.89 -1.64 -28.07
C MET G 25 9.98 -1.71 -29.60
N LEU G 26 9.00 -2.37 -30.23
CA LEU G 26 8.93 -2.45 -31.69
C LEU G 26 8.58 -1.11 -32.36
N ASN G 27 7.73 -0.32 -31.69
CA ASN G 27 7.40 1.04 -32.14
C ASN G 27 7.40 2.00 -30.95
N PRO G 28 8.60 2.39 -30.48
CA PRO G 28 8.73 3.21 -29.28
C PRO G 28 8.38 4.69 -29.48
N LYS G 29 8.81 5.26 -30.61
CA LYS G 29 8.58 6.68 -30.90
C LYS G 29 7.12 7.08 -30.64
N ASN G 30 6.93 8.03 -29.72
CA ASN G 30 5.60 8.52 -29.34
C ASN G 30 4.69 7.42 -28.78
N LYS G 32 2.54 6.64 -26.40
CA LYS G 32 1.18 6.11 -26.42
C LYS G 32 0.96 5.09 -25.30
N ALA G 33 -0.12 5.28 -24.54
CA ALA G 33 -0.52 4.34 -23.49
C ALA G 33 -1.53 3.35 -24.05
N SER G 34 -1.39 2.08 -23.67
CA SER G 34 -2.18 0.99 -24.25
C SER G 34 -2.58 -0.04 -23.21
N ASN G 35 -3.65 -0.78 -23.50
CA ASN G 35 -4.12 -1.85 -22.64
C ASN G 35 -4.66 -3.00 -23.48
N GLY G 36 -4.59 -4.22 -22.94
CA GLY G 36 -5.10 -5.38 -23.67
C GLY G 36 -5.05 -6.69 -22.90
N GLU G 37 -5.15 -7.79 -23.64
CA GLU G 37 -5.23 -9.13 -23.07
C GLU G 37 -4.27 -10.08 -23.80
N GLU G 38 -3.73 -11.06 -23.06
CA GLU G 38 -2.87 -12.09 -23.64
C GLU G 38 -3.19 -13.45 -23.05
N GLU G 39 -3.45 -14.41 -23.92
CA GLU G 39 -3.71 -15.79 -23.51
C GLU G 39 -2.38 -16.52 -23.36
N LEU G 40 -2.11 -17.02 -22.15
CA LEU G 40 -0.86 -17.71 -21.85
C LEU G 40 -1.04 -18.72 -20.72
N ALA G 41 -0.43 -19.88 -20.86
CA ALA G 41 -0.54 -20.97 -19.88
C ALA G 41 -1.99 -21.35 -19.57
N GLY G 42 -2.83 -21.32 -20.61
CA GLY G 42 -4.25 -21.66 -20.47
C GLY G 42 -5.02 -20.72 -19.56
N GLN G 43 -4.63 -19.44 -19.58
CA GLN G 43 -5.25 -18.43 -18.70
C GLN G 43 -5.18 -17.05 -19.35
N THR G 44 -6.18 -16.22 -19.06
CA THR G 44 -6.25 -14.86 -19.58
C THR G 44 -5.49 -13.91 -18.67
N TRP G 45 -4.66 -13.06 -19.28
CA TRP G 45 -3.86 -12.07 -18.55
C TRP G 45 -4.14 -10.68 -19.09
N TYR G 46 -4.47 -9.76 -18.18
CA TYR G 46 -4.86 -8.40 -18.53
C TYR G 46 -3.70 -7.45 -18.27
N TRP G 47 -3.18 -6.86 -19.33
CA TRP G 47 -1.99 -6.01 -19.25
C TRP G 47 -2.29 -4.55 -19.56
N LYS G 48 -1.45 -3.66 -19.04
CA LYS G 48 -1.51 -2.23 -19.34
C LYS G 48 -0.09 -1.68 -19.53
N VAL G 49 0.13 -0.95 -20.62
CA VAL G 49 1.36 -0.16 -20.76
C VAL G 49 1.01 1.31 -20.51
N ALA G 50 1.78 1.96 -19.63
CA ALA G 50 1.51 3.33 -19.23
C ALA G 50 2.80 4.16 -19.24
N PRO G 51 2.89 5.17 -20.14
CA PRO G 51 4.03 6.09 -20.15
C PRO G 51 4.20 6.78 -18.78
N VAL G 52 5.42 6.98 -18.30
CA VAL G 52 5.61 7.44 -16.91
C VAL G 52 6.33 8.80 -16.76
N ALA G 53 7.64 8.83 -16.97
CA ALA G 53 8.43 10.06 -16.78
C ALA G 53 9.85 9.93 -17.33
N LEU G 59 15.26 8.80 -20.21
CA LEU G 59 14.65 9.90 -20.95
C LEU G 59 13.14 9.70 -21.11
N LYS G 60 12.74 8.61 -21.78
CA LYS G 60 11.33 8.33 -22.07
C LYS G 60 10.96 6.91 -21.60
N ALA G 61 10.28 6.82 -20.46
CA ALA G 61 10.00 5.53 -19.81
C ALA G 61 8.52 5.17 -19.77
N PHE G 62 8.25 3.90 -19.51
CA PHE G 62 6.90 3.36 -19.46
C PHE G 62 6.80 2.17 -18.49
N ASP G 63 5.61 1.96 -17.93
CA ASP G 63 5.36 0.85 -17.01
C ASP G 63 4.46 -0.20 -17.65
N VAL G 64 4.94 -1.43 -17.72
CA VAL G 64 4.13 -2.57 -18.13
C VAL G 64 3.65 -3.30 -16.87
N SER G 65 2.33 -3.37 -16.69
CA SER G 65 1.73 -4.09 -15.56
C SER G 65 0.80 -5.18 -16.07
N VAL G 66 0.75 -6.31 -15.35
CA VAL G 66 -0.11 -7.44 -15.70
C VAL G 66 -0.94 -7.89 -14.51
N ALA G 67 -2.21 -8.21 -14.75
CA ALA G 67 -3.14 -8.64 -13.70
C ALA G 67 -3.83 -9.95 -14.05
N ALA G 68 -4.30 -10.66 -13.03
CA ALA G 68 -5.01 -11.93 -13.20
C ALA G 68 -6.50 -11.71 -13.49
N GLU G 69 -7.12 -10.79 -12.75
CA GLU G 69 -8.51 -10.41 -12.98
C GLU G 69 -8.57 -9.27 -14.01
N LYS G 70 -9.78 -8.96 -14.46
CA LYS G 70 -10.00 -7.90 -15.44
C LYS G 70 -9.64 -6.51 -14.91
N GLN G 71 -9.73 -6.33 -13.59
CA GLN G 71 -9.42 -5.06 -12.93
C GLN G 71 -8.39 -5.24 -11.81
N SER G 73 -6.25 -5.45 -9.54
CA SER G 73 -4.94 -4.84 -9.38
C SER G 73 -3.81 -5.81 -9.77
N PRO G 74 -2.69 -5.27 -10.28
CA PRO G 74 -1.68 -6.11 -10.92
C PRO G 74 -0.86 -6.94 -9.96
N ILE G 75 -0.35 -8.09 -10.45
CA ILE G 75 0.56 -8.93 -9.68
C ILE G 75 2.04 -8.62 -9.97
N ILE G 76 2.31 -7.97 -11.09
CA ILE G 76 3.66 -7.53 -11.44
C ILE G 76 3.62 -6.21 -12.21
N THR G 77 4.55 -5.31 -11.92
CA THR G 77 4.70 -4.04 -12.64
C THR G 77 6.17 -3.76 -12.87
N VAL G 78 6.55 -3.56 -14.13
CA VAL G 78 7.97 -3.41 -14.53
C VAL G 78 8.19 -2.12 -15.33
N ARG G 79 9.18 -1.33 -14.91
CA ARG G 79 9.52 -0.10 -15.61
C ARG G 79 10.60 -0.36 -16.65
N SER G 80 10.49 0.31 -17.79
CA SER G 80 11.44 0.16 -18.88
C SER G 80 11.77 1.51 -19.50
N TYR G 81 13.05 1.72 -19.81
CA TYR G 81 13.52 2.97 -20.38
C TYR G 81 13.92 2.78 -21.84
N GLU H 2 4.36 -36.83 -4.02
CA GLU H 2 3.84 -35.46 -3.74
C GLU H 2 3.66 -34.68 -5.04
N LEU H 3 2.47 -34.14 -5.23
CA LEU H 3 2.17 -33.33 -6.42
C LEU H 3 2.89 -31.98 -6.39
N SER H 4 2.92 -31.31 -5.24
CA SER H 4 3.37 -29.93 -5.23
C SER H 4 4.84 -29.78 -5.59
N GLN H 5 5.67 -30.69 -5.07
CA GLN H 5 7.09 -30.74 -5.41
C GLN H 5 7.27 -30.98 -6.91
N GLU H 6 6.45 -31.85 -7.47
CA GLU H 6 6.46 -32.15 -8.90
C GLU H 6 6.09 -30.91 -9.74
N ARG H 7 5.09 -30.16 -9.30
CA ARG H 7 4.64 -28.97 -10.02
C ARG H 7 5.62 -27.80 -9.89
N THR H 8 6.28 -27.70 -8.74
CA THR H 8 7.35 -26.72 -8.54
C THR H 8 8.52 -27.04 -9.46
N ALA H 9 8.83 -28.33 -9.59
CA ALA H 9 9.91 -28.79 -10.46
C ALA H 9 9.58 -28.56 -11.93
N ARG H 10 8.29 -28.67 -12.27
CA ARG H 10 7.82 -28.46 -13.64
C ARG H 10 8.06 -27.02 -14.07
N LEU H 11 7.82 -26.08 -13.16
CA LEU H 11 8.05 -24.67 -13.45
C LEU H 11 9.54 -24.40 -13.62
N ASN H 12 10.36 -25.06 -12.82
CA ASN H 12 11.82 -24.96 -12.96
C ASN H 12 12.29 -25.52 -14.31
N GLU H 13 11.69 -26.63 -14.73
CA GLU H 13 11.99 -27.23 -16.02
C GLU H 13 11.63 -26.28 -17.17
N LEU H 14 10.48 -25.63 -17.05
CA LEU H 14 10.05 -24.66 -18.04
C LEU H 14 11.03 -23.49 -18.16
N GLN H 15 11.52 -23.01 -17.01
CA GLN H 15 12.48 -21.91 -16.98
C GLN H 15 13.83 -22.29 -17.60
N ARG H 16 14.29 -23.51 -17.34
CA ARG H 16 15.51 -24.01 -17.98
C ARG H 16 15.38 -23.98 -19.49
N ALA H 17 14.22 -24.39 -19.98
CA ALA H 17 13.93 -24.42 -21.41
C ALA H 17 13.90 -23.00 -21.97
N LEU H 18 13.14 -22.12 -21.32
CA LEU H 18 12.97 -20.75 -21.78
C LEU H 18 14.29 -19.98 -21.81
N VAL H 19 15.10 -20.13 -20.77
CA VAL H 19 16.40 -19.45 -20.69
C VAL H 19 17.37 -19.96 -21.78
N MET H 20 17.26 -21.24 -22.13
CA MET H 20 18.03 -21.78 -23.24
C MET H 20 17.58 -21.17 -24.56
N MET H 21 16.27 -21.03 -24.72
CA MET H 21 15.69 -20.39 -25.91
C MET H 21 16.08 -18.91 -25.97
N ASP H 22 16.14 -18.25 -24.82
CA ASP H 22 16.58 -16.85 -24.75
C ASP H 22 18.00 -16.70 -25.29
N SER H 23 18.87 -17.62 -24.89
CA SER H 23 20.29 -17.56 -25.28
C SER H 23 20.52 -17.78 -26.78
N ASP H 24 19.55 -18.41 -27.46
CA ASP H 24 19.63 -18.61 -28.91
C ASP H 24 18.92 -17.50 -29.66
N PHE H 25 17.64 -17.32 -29.38
CA PHE H 25 16.80 -16.40 -30.14
C PHE H 25 17.14 -14.92 -29.95
N ARG H 26 17.76 -14.57 -28.83
CA ARG H 26 18.24 -13.19 -28.62
C ARG H 26 19.61 -12.96 -29.25
N GLN H 27 20.33 -14.04 -29.55
CA GLN H 27 21.67 -13.96 -30.11
C GLN H 27 21.74 -14.50 -31.54
N ILE H 28 20.69 -14.25 -32.32
CA ILE H 28 20.62 -14.73 -33.71
C ILE H 28 21.67 -14.00 -34.54
N ALA H 29 22.54 -14.76 -35.19
CA ALA H 29 23.59 -14.19 -36.02
C ALA H 29 23.08 -13.87 -37.41
N LEU H 30 23.55 -12.76 -37.98
CA LEU H 30 23.25 -12.40 -39.37
C LEU H 30 24.17 -13.17 -40.32
N ARG H 31 23.93 -14.46 -40.44
CA ARG H 31 24.69 -15.32 -41.33
C ARG H 31 23.78 -16.41 -41.89
N GLN H 32 23.86 -16.62 -43.21
CA GLN H 32 23.05 -17.64 -43.87
C GLN H 32 23.64 -19.02 -43.62
N THR H 33 22.77 -19.96 -43.24
CA THR H 33 23.16 -21.35 -43.04
C THR H 33 22.55 -22.19 -44.16
N ARG H 34 23.13 -23.37 -44.37
CA ARG H 34 22.68 -24.28 -45.43
C ARG H 34 22.06 -25.55 -44.85
N THR H 35 20.98 -25.99 -45.48
CA THR H 35 20.39 -27.30 -45.21
C THR H 35 20.90 -28.25 -46.31
N ASN H 36 21.68 -29.25 -45.89
CA ASN H 36 22.54 -30.00 -46.82
C ASN H 36 21.93 -31.32 -47.32
N GLY H 37 20.68 -31.27 -47.75
CA GLY H 37 20.01 -32.39 -48.40
C GLY H 37 19.91 -32.14 -49.90
N GLU H 38 18.67 -32.02 -50.39
CA GLU H 38 18.38 -31.64 -51.79
C GLU H 38 16.88 -31.57 -52.02
N LYS H 42 19.50 -22.54 -48.86
CA LYS H 42 20.34 -21.61 -48.11
C LYS H 42 19.53 -20.39 -47.64
N LYS H 43 19.33 -20.29 -46.33
CA LYS H 43 18.50 -19.24 -45.74
C LYS H 43 19.11 -18.66 -44.47
N LEU H 44 18.52 -17.56 -43.99
CA LEU H 44 18.89 -16.96 -42.71
C LEU H 44 18.12 -17.65 -41.58
N LEU H 45 16.81 -17.79 -41.76
CA LEU H 45 15.95 -18.55 -40.85
C LEU H 45 15.27 -19.70 -41.59
N HIS H 46 15.53 -20.93 -41.16
CA HIS H 46 14.90 -22.12 -41.73
C HIS H 46 13.68 -22.48 -40.88
N TRP H 47 12.55 -22.70 -41.54
CA TRP H 47 11.29 -23.00 -40.83
C TRP H 47 10.36 -23.78 -41.74
N ALA H 48 10.13 -25.05 -41.39
CA ALA H 48 9.28 -25.94 -42.17
C ALA H 48 8.88 -27.18 -41.39
N ASP H 49 7.92 -27.92 -41.94
CA ASP H 49 7.46 -29.18 -41.34
C ASP H 49 8.56 -30.23 -41.44
N TYR H 50 8.72 -31.01 -40.38
CA TYR H 50 9.64 -32.14 -40.34
C TYR H 50 11.12 -31.77 -40.49
N LEU H 51 11.45 -30.49 -40.29
CA LEU H 51 12.83 -30.03 -40.35
C LEU H 51 13.56 -30.57 -39.13
N LEU H 52 14.80 -31.02 -39.33
CA LEU H 52 15.59 -31.68 -38.30
C LEU H 52 14.89 -32.96 -37.79
N ASP H 53 14.12 -33.59 -38.66
CA ASP H 53 13.33 -34.79 -38.31
C ASP H 53 12.37 -34.55 -37.14
N SER H 54 11.79 -33.37 -37.09
CA SER H 54 10.80 -33.03 -36.07
C SER H 54 9.51 -33.82 -36.33
N ASP H 55 8.79 -34.13 -35.25
CA ASP H 55 7.48 -34.79 -35.37
C ASP H 55 6.45 -33.84 -35.97
N ASN H 56 6.63 -32.53 -35.73
CA ASN H 56 5.84 -31.49 -36.40
C ASN H 56 6.78 -30.42 -36.96
N LYS H 57 6.68 -29.18 -36.47
CA LYS H 57 7.51 -28.10 -37.00
C LYS H 57 8.96 -28.15 -36.50
N GLY H 58 9.88 -27.66 -37.33
CA GLY H 58 11.29 -27.58 -36.98
C GLY H 58 11.86 -26.23 -37.39
N ILE H 59 12.73 -25.66 -36.55
CA ILE H 59 13.40 -24.39 -36.85
C ILE H 59 14.92 -24.53 -36.74
N MET H 60 15.64 -23.78 -37.58
CA MET H 60 17.10 -23.79 -37.58
C MET H 60 17.62 -22.42 -38.01
N PHE H 61 18.68 -21.96 -37.35
CA PHE H 61 19.28 -20.66 -37.63
C PHE H 61 20.70 -20.53 -37.09
N ALA H 62 21.39 -19.47 -37.52
CA ALA H 62 22.75 -19.18 -37.05
C ALA H 62 22.72 -18.43 -35.72
N ARG H 63 23.69 -18.73 -34.86
CA ARG H 63 23.76 -18.17 -33.51
C ARG H 63 25.14 -17.60 -33.22
N LEU H 64 25.19 -16.50 -32.50
CA LEU H 64 26.44 -15.82 -32.17
C LEU H 64 26.77 -16.00 -30.69
N GLY H 65 27.79 -16.80 -30.39
CA GLY H 65 28.18 -17.11 -29.01
C GLY H 65 29.43 -16.36 -28.56
N TRP H 66 29.39 -15.89 -27.31
CA TRP H 66 30.42 -15.01 -26.76
C TRP H 66 31.16 -15.64 -25.59
N HIS H 67 30.41 -16.28 -24.70
CA HIS H 67 30.96 -16.93 -23.52
C HIS H 67 30.81 -18.43 -23.69
N ASN H 68 31.93 -19.12 -23.82
CA ASN H 68 31.92 -20.56 -24.10
C ASN H 68 33.26 -21.20 -23.72
N PRO H 69 33.23 -22.17 -22.78
CA PRO H 69 34.45 -22.92 -22.47
C PRO H 69 34.93 -23.68 -23.71
N GLN H 70 36.22 -23.52 -24.04
CA GLN H 70 36.83 -23.99 -25.30
C GLN H 70 37.06 -22.84 -26.28
N GLN H 71 36.05 -21.96 -26.41
CA GLN H 71 36.19 -20.75 -27.25
C GLN H 71 37.29 -19.87 -26.69
N GLN H 72 38.28 -19.55 -27.54
CA GLN H 72 39.39 -18.69 -27.14
C GLN H 72 39.60 -17.52 -28.11
N PHE H 73 38.52 -16.82 -28.42
CA PHE H 73 38.58 -15.52 -29.08
C PHE H 73 37.26 -14.77 -28.87
N PRO H 74 37.32 -13.48 -28.44
CA PRO H 74 36.13 -12.76 -28.02
C PRO H 74 35.33 -12.06 -29.13
N ARG H 75 35.52 -12.48 -30.39
CA ARG H 75 34.82 -11.88 -31.52
C ARG H 75 33.32 -12.11 -31.45
N GLY H 76 32.94 -13.35 -31.14
CA GLY H 76 31.58 -13.81 -31.29
C GLY H 76 31.58 -15.03 -32.22
N GLU H 77 31.69 -16.21 -31.62
CA GLU H 77 31.78 -17.46 -32.38
C GLU H 77 30.44 -17.80 -33.00
N VAL H 78 30.41 -17.92 -34.32
CA VAL H 78 29.17 -18.19 -35.04
C VAL H 78 28.96 -19.69 -35.21
N THR H 79 27.83 -20.19 -34.73
CA THR H 79 27.48 -21.60 -34.84
C THR H 79 26.01 -21.74 -35.20
N LYS H 80 25.68 -22.86 -35.83
CA LYS H 80 24.32 -23.15 -36.23
C LYS H 80 23.57 -23.81 -35.05
N VAL H 81 22.30 -23.45 -34.89
CA VAL H 81 21.44 -24.01 -33.83
C VAL H 81 20.04 -24.28 -34.36
N GLY H 82 19.29 -25.10 -33.64
CA GLY H 82 17.93 -25.44 -34.06
C GLY H 82 17.07 -26.01 -32.95
N TYR H 83 15.76 -26.05 -33.21
CA TYR H 83 14.78 -26.61 -32.29
C TYR H 83 13.80 -27.52 -33.01
N ARG H 84 13.28 -28.49 -32.27
CA ARG H 84 12.36 -29.47 -32.80
C ARG H 84 11.54 -30.14 -31.69
N ILE H 85 10.55 -30.93 -32.10
CA ILE H 85 9.81 -31.79 -31.20
C ILE H 85 10.07 -33.25 -31.58
N LYS H 86 10.44 -34.06 -30.59
CA LYS H 86 10.59 -35.50 -30.82
C LYS H 86 10.11 -36.26 -29.61
N ASP H 87 9.21 -37.23 -29.84
CA ASP H 87 8.59 -38.01 -28.77
C ASP H 87 8.01 -37.09 -27.69
N GLU H 88 7.29 -36.05 -28.13
CA GLU H 88 6.67 -35.06 -27.25
C GLU H 88 7.63 -34.39 -26.27
N ARG H 89 8.86 -34.16 -26.73
CA ARG H 89 9.85 -33.39 -25.98
C ARG H 89 10.37 -32.25 -26.87
N LEU H 90 10.48 -31.05 -26.32
CA LEU H 90 11.17 -29.96 -27.01
C LEU H 90 12.66 -30.27 -26.94
N GLU H 91 13.32 -30.32 -28.09
CA GLU H 91 14.74 -30.63 -28.14
C GLU H 91 15.52 -29.54 -28.87
N ARG H 92 16.67 -29.17 -28.29
CA ARG H 92 17.60 -28.25 -28.94
C ARG H 92 18.63 -29.07 -29.73
N VAL H 93 18.86 -28.67 -30.97
CA VAL H 93 19.90 -29.28 -31.79
C VAL H 93 21.00 -28.24 -31.99
N TRP H 94 22.26 -28.66 -31.80
CA TRP H 94 23.41 -27.77 -31.91
C TRP H 94 24.51 -28.35 -32.79
N TRP H 95 24.99 -27.54 -33.74
CA TRP H 95 26.11 -27.89 -34.60
C TRP H 95 27.35 -27.12 -34.16
N ARG H 96 28.35 -27.84 -33.66
CA ARG H 96 29.54 -27.20 -33.10
C ARG H 96 30.54 -26.72 -34.16
N TYR H 97 30.64 -27.47 -35.26
CA TYR H 97 31.66 -27.22 -36.27
C TYR H 97 31.05 -26.75 -37.59
N PRO H 98 31.86 -26.13 -38.47
CA PRO H 98 31.36 -25.67 -39.77
C PRO H 98 30.80 -26.80 -40.66
N ASP H 99 30.00 -26.42 -41.64
CA ASP H 99 29.32 -27.36 -42.53
C ASP H 99 30.26 -27.86 -43.63
N THR H 100 30.34 -29.18 -43.78
CA THR H 100 31.20 -29.79 -44.81
C THR H 100 30.52 -31.02 -45.43
N PRO H 101 31.05 -31.52 -46.56
CA PRO H 101 30.42 -32.66 -47.25
C PRO H 101 30.52 -34.01 -46.51
N ALA H 102 31.38 -34.09 -45.49
CA ALA H 102 31.49 -35.31 -44.66
C ALA H 102 30.31 -35.44 -43.71
N GLY H 103 29.79 -34.30 -43.24
CA GLY H 103 28.73 -34.28 -42.24
C GLY H 103 29.27 -33.87 -40.89
N GLN H 104 28.50 -34.12 -39.85
CA GLN H 104 28.84 -33.67 -38.50
C GLN H 104 27.99 -34.41 -37.49
N GLU H 105 28.53 -34.65 -36.29
CA GLU H 105 27.75 -35.18 -35.18
C GLU H 105 26.99 -34.04 -34.50
N GLY H 106 25.68 -33.98 -34.70
CA GLY H 106 24.84 -32.98 -34.05
C GLY H 106 24.62 -33.31 -32.59
N VAL H 107 24.50 -32.28 -31.76
CA VAL H 107 24.25 -32.45 -30.33
C VAL H 107 22.76 -32.21 -30.04
N VAL H 108 22.02 -33.29 -29.84
CA VAL H 108 20.59 -33.20 -29.53
C VAL H 108 20.39 -33.24 -28.03
N THR H 109 19.79 -32.18 -27.49
CA THR H 109 19.56 -32.04 -26.05
C THR H 109 18.07 -31.79 -25.78
N PRO H 110 17.41 -32.71 -25.07
CA PRO H 110 16.01 -32.47 -24.68
C PRO H 110 15.91 -31.43 -23.58
N LEU H 111 15.13 -30.37 -23.83
CA LEU H 111 14.98 -29.26 -22.89
C LEU H 111 13.72 -29.37 -22.03
N LEU H 112 12.60 -29.72 -22.66
CA LEU H 112 11.31 -29.69 -21.99
C LEU H 112 10.46 -30.90 -22.39
N SER H 113 9.99 -31.62 -21.37
CA SER H 113 9.15 -32.80 -21.56
C SER H 113 7.69 -32.40 -21.80
N ASP H 114 6.88 -33.38 -22.19
CA ASP H 114 5.44 -33.19 -22.41
C ASP H 114 5.11 -31.93 -23.24
N VAL H 115 5.83 -31.76 -24.35
CA VAL H 115 5.57 -30.66 -25.29
C VAL H 115 5.03 -31.26 -26.59
N GLU H 116 3.77 -30.97 -26.91
CA GLU H 116 3.13 -31.50 -28.12
C GLU H 116 3.64 -30.82 -29.38
N GLU H 117 3.49 -29.49 -29.43
CA GLU H 117 3.71 -28.71 -30.65
C GLU H 117 4.72 -27.59 -30.48
N LEU H 118 5.45 -27.33 -31.57
CA LEU H 118 6.29 -26.15 -31.69
C LEU H 118 5.69 -25.28 -32.79
N ASN H 119 5.59 -23.98 -32.53
CA ASN H 119 5.06 -23.04 -33.50
C ASN H 119 5.81 -21.72 -33.39
N VAL H 120 6.11 -21.10 -34.52
CA VAL H 120 6.86 -19.86 -34.55
C VAL H 120 6.23 -18.88 -35.52
N ARG H 121 6.07 -17.64 -35.09
CA ARG H 121 5.53 -16.56 -35.89
C ARG H 121 6.57 -15.46 -36.01
N PHE H 122 6.60 -14.78 -37.16
CA PHE H 122 7.60 -13.75 -37.45
C PHE H 122 6.94 -12.40 -37.72
N TYR H 123 7.53 -11.34 -37.20
CA TYR H 123 6.96 -9.98 -37.33
C TYR H 123 7.60 -9.19 -38.47
N ASP H 124 6.82 -8.91 -39.52
CA ASP H 124 7.34 -8.26 -40.74
C ASP H 124 7.34 -6.72 -40.69
N GLY H 125 7.15 -6.15 -39.49
CA GLY H 125 7.15 -4.71 -39.28
C GLY H 125 5.78 -4.14 -38.97
N LYS H 126 4.75 -4.70 -39.59
CA LYS H 126 3.36 -4.27 -39.35
C LYS H 126 2.44 -5.38 -38.81
N GLN H 127 2.74 -6.64 -39.13
CA GLN H 127 1.95 -7.77 -38.65
C GLN H 127 2.79 -9.04 -38.45
N TRP H 128 2.23 -9.98 -37.70
CA TRP H 128 2.82 -11.31 -37.52
C TRP H 128 2.42 -12.25 -38.67
N ILE H 129 3.40 -12.90 -39.28
CA ILE H 129 3.16 -13.83 -40.38
C ILE H 129 3.64 -15.25 -40.06
N ASN H 130 3.21 -16.21 -40.87
CA ASN H 130 3.41 -17.64 -40.58
C ASN H 130 4.71 -18.22 -41.12
N GLU H 131 5.28 -17.59 -42.15
CA GLU H 131 6.52 -18.06 -42.75
C GLU H 131 7.52 -16.90 -42.86
N TRP H 132 8.75 -17.21 -43.25
CA TRP H 132 9.76 -16.18 -43.50
C TRP H 132 10.61 -16.53 -44.72
N SER H 133 10.19 -16.00 -45.87
CA SER H 133 10.84 -16.28 -47.15
C SER H 133 12.04 -15.36 -47.41
N ASN H 134 12.11 -14.24 -46.69
CA ASN H 134 13.19 -13.26 -46.88
C ASN H 134 14.52 -13.78 -46.35
N GLU H 135 15.43 -14.11 -47.27
CA GLU H 135 16.75 -14.66 -46.93
C GLU H 135 17.79 -13.57 -46.71
N LEU H 136 17.46 -12.32 -47.03
CA LEU H 136 18.42 -11.22 -46.99
C LEU H 136 18.47 -10.52 -45.63
N THR H 137 17.32 -10.39 -44.98
CA THR H 137 17.21 -9.71 -43.69
C THR H 137 16.32 -10.46 -42.70
N LEU H 138 16.62 -10.33 -41.41
CA LEU H 138 15.85 -10.98 -40.33
C LEU H 138 14.52 -10.27 -40.07
N PRO H 139 13.56 -10.97 -39.44
CA PRO H 139 12.33 -10.32 -39.03
C PRO H 139 12.57 -9.49 -37.77
N ALA H 140 11.80 -8.41 -37.63
CA ALA H 140 11.95 -7.49 -36.49
C ALA H 140 11.77 -8.21 -35.15
N ALA H 141 10.81 -9.14 -35.10
CA ALA H 141 10.56 -9.92 -33.88
C ALA H 141 10.17 -11.36 -34.21
N ILE H 142 10.46 -12.27 -33.27
CA ILE H 142 10.10 -13.68 -33.41
C ILE H 142 9.34 -14.13 -32.17
N SER H 143 8.19 -14.77 -32.38
CA SER H 143 7.37 -15.29 -31.29
C SER H 143 7.37 -16.82 -31.30
N VAL H 144 8.07 -17.42 -30.34
CA VAL H 144 8.12 -18.89 -30.23
C VAL H 144 7.03 -19.37 -29.29
N GLU H 145 6.12 -20.18 -29.83
CA GLU H 145 4.97 -20.70 -29.08
C GLU H 145 5.10 -22.20 -28.86
N LEU H 146 5.10 -22.61 -27.59
CA LEU H 146 5.17 -24.01 -27.20
C LEU H 146 3.83 -24.46 -26.64
N THR H 147 3.31 -25.57 -27.16
CA THR H 147 2.06 -26.16 -26.67
C THR H 147 2.38 -27.31 -25.72
N LEU H 148 2.25 -27.05 -24.41
CA LEU H 148 2.53 -28.07 -23.39
C LEU H 148 1.27 -28.87 -23.09
N LYS H 149 1.45 -30.14 -22.75
CA LYS H 149 0.32 -31.03 -22.44
C LYS H 149 -0.46 -30.58 -21.21
N ASP H 150 0.24 -30.05 -20.23
CA ASP H 150 -0.37 -29.66 -18.96
C ASP H 150 -0.84 -28.20 -18.95
N TYR H 151 0.03 -27.28 -19.39
CA TYR H 151 -0.26 -25.84 -19.34
C TYR H 151 -0.84 -25.27 -20.63
N GLY H 152 -0.74 -26.01 -21.74
CA GLY H 152 -1.27 -25.54 -23.01
C GLY H 152 -0.29 -24.60 -23.68
N LYS H 153 -0.80 -23.60 -24.38
CA LYS H 153 0.03 -22.69 -25.16
C LYS H 153 0.74 -21.65 -24.29
N ILE H 154 2.08 -21.64 -24.36
CA ILE H 154 2.85 -20.52 -23.80
C ILE H 154 3.78 -19.95 -24.88
N ALA H 155 3.79 -18.63 -25.02
CA ALA H 155 4.55 -17.95 -26.07
C ALA H 155 5.59 -17.00 -25.49
N ARG H 156 6.69 -16.84 -26.20
CA ARG H 156 7.76 -15.90 -25.83
C ARG H 156 8.20 -15.10 -27.04
N THR H 157 8.22 -13.77 -26.90
CA THR H 157 8.63 -12.87 -27.99
C THR H 157 10.10 -12.48 -27.86
N TYR H 158 10.80 -12.45 -29.00
CA TYR H 158 12.21 -12.08 -29.05
C TYR H 158 12.44 -11.00 -30.10
N LEU H 159 13.11 -9.92 -29.70
CA LEU H 159 13.52 -8.89 -30.65
C LEU H 159 14.86 -9.28 -31.26
N THR H 160 14.98 -9.11 -32.57
CA THR H 160 16.22 -9.43 -33.28
C THR H 160 17.07 -8.16 -33.43
N PRO H 161 18.42 -8.31 -33.45
CA PRO H 161 19.27 -7.11 -33.62
C PRO H 161 19.18 -6.50 -35.02
N GLN I 1 21.69 -47.33 -21.04
CA GLN I 1 21.86 -48.59 -21.82
C GLN I 1 22.13 -48.30 -23.30
N VAL I 2 22.84 -49.22 -23.98
CA VAL I 2 23.12 -49.07 -25.41
C VAL I 2 21.83 -49.20 -26.22
N GLN I 3 21.57 -48.24 -27.09
CA GLN I 3 20.35 -48.25 -27.90
C GLN I 3 20.60 -48.58 -29.37
N LEU I 4 21.84 -48.43 -29.82
CA LEU I 4 22.19 -48.80 -31.18
C LEU I 4 23.41 -49.72 -31.20
N GLN I 5 23.17 -51.01 -31.45
CA GLN I 5 24.22 -52.03 -31.51
C GLN I 5 24.28 -52.65 -32.91
N GLU I 6 25.44 -52.57 -33.55
CA GLU I 6 25.60 -53.03 -34.93
C GLU I 6 26.02 -54.50 -35.03
N SER I 7 25.71 -55.09 -36.17
CA SER I 7 26.13 -56.46 -36.52
C SER I 7 26.57 -56.51 -37.99
N GLY I 8 26.98 -57.68 -38.44
CA GLY I 8 27.61 -57.84 -39.74
C GLY I 8 29.10 -57.57 -39.62
N GLY I 9 29.71 -57.11 -40.71
CA GLY I 9 31.12 -56.74 -40.71
C GLY I 9 32.07 -57.92 -40.72
N GLY I 10 33.29 -57.68 -41.18
CA GLY I 10 34.34 -58.69 -41.19
C GLY I 10 35.15 -58.69 -42.47
N LEU I 11 35.93 -59.75 -42.67
CA LEU I 11 36.78 -59.88 -43.85
C LEU I 11 35.95 -60.40 -45.03
N VAL I 12 36.02 -59.68 -46.14
CA VAL I 12 35.36 -60.08 -47.39
C VAL I 12 36.24 -59.72 -48.58
N GLN I 13 36.21 -60.55 -49.61
CA GLN I 13 37.04 -60.32 -50.80
C GLN I 13 36.48 -59.16 -51.63
N PRO I 14 37.37 -58.38 -52.29
CA PRO I 14 36.94 -57.24 -53.09
C PRO I 14 35.95 -57.66 -54.17
N GLY I 15 34.83 -56.92 -54.26
CA GLY I 15 33.73 -57.26 -55.15
C GLY I 15 32.65 -58.10 -54.48
N GLY I 16 32.92 -58.54 -53.25
CA GLY I 16 31.95 -59.34 -52.49
C GLY I 16 30.85 -58.49 -51.88
N SER I 17 29.84 -59.15 -51.35
CA SER I 17 28.69 -58.48 -50.73
C SER I 17 28.68 -58.69 -49.22
N LEU I 18 27.97 -57.81 -48.52
CA LEU I 18 27.84 -57.91 -47.08
C LEU I 18 26.62 -57.13 -46.59
N ARG I 19 25.94 -57.64 -45.58
CA ARG I 19 24.76 -56.98 -45.02
C ARG I 19 24.98 -56.62 -43.54
N LEU I 20 25.16 -55.33 -43.27
CA LEU I 20 25.25 -54.85 -41.90
C LEU I 20 23.85 -54.72 -41.32
N SER I 21 23.73 -54.99 -40.02
CA SER I 21 22.46 -54.85 -39.30
C SER I 21 22.66 -53.95 -38.10
N CYS I 22 21.56 -53.39 -37.60
CA CYS I 22 21.60 -52.50 -36.44
C CYS I 22 20.41 -52.74 -35.51
N ALA I 23 20.67 -53.31 -34.34
CA ALA I 23 19.63 -53.57 -33.35
C ALA I 23 19.25 -52.28 -32.62
N ALA I 24 18.03 -51.81 -32.86
CA ALA I 24 17.52 -50.59 -32.20
C ALA I 24 16.72 -50.93 -30.95
N SER I 25 16.89 -50.12 -29.91
CA SER I 25 16.20 -50.35 -28.65
C SER I 25 16.18 -49.09 -27.78
N GLY I 26 15.20 -48.99 -26.90
CA GLY I 26 15.14 -47.90 -25.93
C GLY I 26 14.51 -46.60 -26.41
N PHE I 27 13.99 -46.59 -27.64
CA PHE I 27 13.29 -45.40 -28.18
C PHE I 27 12.33 -45.77 -29.32
N ALA I 28 11.47 -44.83 -29.69
CA ALA I 28 10.45 -45.05 -30.71
C ALA I 28 11.03 -45.10 -32.13
N PHE I 29 11.74 -46.19 -32.42
CA PHE I 29 12.50 -46.37 -33.65
C PHE I 29 11.75 -45.97 -34.92
N SER I 30 10.49 -46.38 -35.04
CA SER I 30 9.72 -46.19 -36.28
C SER I 30 9.52 -44.71 -36.63
N GLY I 31 9.47 -43.86 -35.62
CA GLY I 31 9.27 -42.43 -35.82
C GLY I 31 10.53 -41.62 -36.06
N TYR I 32 11.70 -42.27 -36.02
CA TYR I 32 12.97 -41.59 -36.23
C TYR I 32 13.53 -41.79 -37.62
N ALA I 33 14.24 -40.78 -38.12
CA ALA I 33 15.03 -40.91 -39.33
C ALA I 33 16.37 -41.49 -38.89
N MET I 34 16.83 -42.50 -39.60
CA MET I 34 18.07 -43.21 -39.24
C MET I 34 19.10 -43.08 -40.34
N SER I 35 20.36 -43.32 -40.00
CA SER I 35 21.48 -43.21 -40.95
C SER I 35 22.60 -44.19 -40.66
N TRP I 36 23.48 -44.36 -41.65
CA TRP I 36 24.73 -45.08 -41.48
C TRP I 36 25.90 -44.12 -41.68
N VAL I 37 26.91 -44.26 -40.84
CA VAL I 37 28.11 -43.41 -40.87
C VAL I 37 29.33 -44.32 -40.80
N ARG I 38 30.41 -43.94 -41.49
CA ARG I 38 31.63 -44.73 -41.47
C ARG I 38 32.87 -43.90 -41.19
N GLN I 39 33.90 -44.55 -40.66
CA GLN I 39 35.22 -43.94 -40.47
C GLN I 39 36.29 -44.83 -41.09
N ALA I 40 36.74 -44.46 -42.28
CA ALA I 40 37.84 -45.15 -42.94
C ALA I 40 39.16 -44.77 -42.28
N PRO I 41 40.17 -45.66 -42.34
CA PRO I 41 41.45 -45.35 -41.68
C PRO I 41 42.12 -44.13 -42.30
N GLY I 42 42.57 -43.21 -41.45
CA GLY I 42 43.22 -41.97 -41.89
C GLY I 42 42.26 -40.84 -42.24
N LYS I 43 40.98 -41.04 -41.92
CA LYS I 43 39.95 -40.04 -42.19
C LYS I 43 39.01 -39.91 -40.98
N GLY I 44 38.32 -38.78 -40.90
CA GLY I 44 37.33 -38.55 -39.84
C GLY I 44 36.04 -39.31 -40.13
N LEU I 45 35.06 -39.14 -39.25
CA LEU I 45 33.74 -39.75 -39.46
C LEU I 45 33.06 -39.11 -40.65
N GLU I 46 32.47 -39.93 -41.52
CA GLU I 46 31.81 -39.44 -42.72
C GLU I 46 30.46 -40.11 -42.94
N TRP I 47 29.46 -39.30 -43.29
CA TRP I 47 28.10 -39.77 -43.49
C TRP I 47 28.02 -40.61 -44.76
N VAL I 48 27.40 -41.78 -44.67
CA VAL I 48 27.31 -42.74 -45.78
C VAL I 48 25.93 -42.70 -46.43
N SER I 49 24.90 -43.02 -45.65
CA SER I 49 23.53 -43.09 -46.15
C SER I 49 22.52 -42.76 -45.05
N GLY I 50 21.28 -42.52 -45.45
CA GLY I 50 20.22 -42.17 -44.50
C GLY I 50 18.83 -42.58 -44.99
N ILE I 51 17.98 -42.98 -44.06
CA ILE I 51 16.59 -43.34 -44.39
C ILE I 51 15.60 -42.58 -43.49
N ASN I 52 14.61 -41.97 -44.12
CA ASN I 52 13.59 -41.19 -43.42
C ASN I 52 12.57 -42.08 -42.73
N ARG I 53 11.72 -41.47 -41.90
CA ARG I 53 10.67 -42.22 -41.20
C ARG I 53 9.63 -42.78 -42.18
N ASP I 54 9.38 -42.06 -43.28
CA ASP I 54 8.40 -42.48 -44.28
C ASP I 54 8.94 -43.57 -45.23
N GLY I 55 10.27 -43.67 -45.33
CA GLY I 55 10.91 -44.68 -46.18
C GLY I 55 11.85 -44.12 -47.24
N SER I 56 11.79 -42.80 -47.46
CA SER I 56 12.68 -42.15 -48.41
C SER I 56 14.14 -42.31 -48.02
N THR I 57 15.01 -42.51 -49.00
CA THR I 57 16.42 -42.77 -48.75
C THR I 57 17.33 -41.72 -49.39
N SER I 58 18.59 -41.69 -48.94
CA SER I 58 19.61 -40.79 -49.49
C SER I 58 20.98 -41.43 -49.38
N TYR I 59 21.83 -41.19 -50.38
CA TYR I 59 23.15 -41.81 -50.46
C TYR I 59 24.21 -40.83 -50.91
N THR I 60 25.44 -41.03 -50.42
CA THR I 60 26.60 -40.26 -50.87
C THR I 60 26.99 -40.77 -52.25
N ALA I 61 27.55 -39.87 -53.06
CA ALA I 61 27.94 -40.20 -54.43
C ALA I 61 28.81 -41.46 -54.57
N PRO I 62 29.86 -41.61 -53.72
CA PRO I 62 30.77 -42.74 -53.91
C PRO I 62 30.17 -44.11 -53.63
N VAL I 63 29.10 -44.16 -52.85
CA VAL I 63 28.45 -45.41 -52.44
C VAL I 63 27.10 -45.65 -53.11
N LYS I 64 26.65 -44.69 -53.92
CA LYS I 64 25.35 -44.78 -54.57
C LYS I 64 25.33 -45.85 -55.65
N GLY I 65 24.19 -46.52 -55.76
CA GLY I 65 24.00 -47.59 -56.73
C GLY I 65 24.56 -48.93 -56.27
N ARG I 66 25.42 -48.89 -55.25
CA ARG I 66 26.07 -50.09 -54.73
C ARG I 66 25.55 -50.44 -53.34
N PHE I 67 25.40 -49.42 -52.48
CA PHE I 67 24.83 -49.60 -51.14
C PHE I 67 23.31 -49.38 -51.15
N THR I 68 22.60 -50.07 -50.26
CA THR I 68 21.16 -49.93 -50.13
C THR I 68 20.75 -49.93 -48.66
N ILE I 69 20.13 -48.84 -48.22
CA ILE I 69 19.68 -48.72 -46.85
C ILE I 69 18.21 -49.13 -46.77
N SER I 70 17.86 -49.84 -45.69
CA SER I 70 16.48 -50.28 -45.47
C SER I 70 16.22 -50.46 -43.98
N ARG I 71 14.95 -50.63 -43.63
CA ARG I 71 14.51 -50.64 -42.25
C ARG I 71 13.37 -51.63 -42.02
N ASP I 72 13.39 -52.31 -40.86
CA ASP I 72 12.30 -53.19 -40.45
C ASP I 72 11.69 -52.66 -39.15
N ASN I 73 10.53 -52.02 -39.27
CA ASN I 73 9.86 -51.39 -38.12
C ASN I 73 9.23 -52.39 -37.15
N ALA I 74 9.01 -53.62 -37.61
CA ALA I 74 8.48 -54.68 -36.75
C ALA I 74 9.49 -55.07 -35.67
N LYS I 75 10.71 -55.37 -36.10
CA LYS I 75 11.78 -55.84 -35.21
C LYS I 75 12.70 -54.71 -34.75
N ASN I 76 12.44 -53.49 -35.22
CA ASN I 76 13.30 -52.33 -34.95
C ASN I 76 14.76 -52.60 -35.34
N ILE I 77 14.98 -52.88 -36.62
CA ILE I 77 16.31 -53.13 -37.16
C ILE I 77 16.56 -52.32 -38.42
N LEU I 78 17.71 -51.66 -38.48
CA LEU I 78 18.16 -50.92 -39.66
C LEU I 78 19.20 -51.76 -40.40
N TYR I 79 19.08 -51.83 -41.72
CA TYR I 79 19.98 -52.64 -42.54
C TYR I 79 20.80 -51.78 -43.50
N LEU I 80 21.94 -52.31 -43.92
CA LEU I 80 22.74 -51.73 -44.98
C LEU I 80 23.27 -52.84 -45.88
N GLN I 81 22.61 -53.06 -47.02
CA GLN I 81 23.05 -54.04 -47.99
C GLN I 81 24.18 -53.46 -48.82
N MET I 82 25.39 -53.96 -48.60
CA MET I 82 26.58 -53.48 -49.30
C MET I 82 26.96 -54.45 -50.41
N ASN I 83 26.97 -53.96 -51.64
CA ASN I 83 27.33 -54.77 -52.80
C ASN I 83 28.53 -54.17 -53.54
N SER I 84 29.22 -55.02 -54.30
CA SER I 84 30.40 -54.61 -55.07
C SER I 84 31.41 -53.87 -54.20
N LEU I 85 31.74 -54.46 -53.06
CA LEU I 85 32.56 -53.80 -52.04
C LEU I 85 33.99 -53.57 -52.52
N ARG I 86 34.40 -52.30 -52.57
CA ARG I 86 35.76 -51.91 -52.96
C ARG I 86 36.66 -51.78 -51.73
N PRO I 87 38.00 -51.82 -51.94
CA PRO I 87 38.93 -51.61 -50.83
C PRO I 87 38.77 -50.27 -50.11
N GLU I 88 38.35 -49.24 -50.85
CA GLU I 88 38.13 -47.90 -50.28
C GLU I 88 37.01 -47.86 -49.24
N ASP I 89 36.12 -48.86 -49.29
CA ASP I 89 35.01 -48.97 -48.32
C ASP I 89 35.47 -49.49 -46.97
N THR I 90 36.69 -50.01 -46.88
CA THR I 90 37.21 -50.51 -45.61
C THR I 90 37.15 -49.41 -44.56
N ALA I 91 36.30 -49.60 -43.56
CA ALA I 91 36.08 -48.61 -42.52
C ALA I 91 35.32 -49.20 -41.33
N VAL I 92 35.24 -48.42 -40.25
CA VAL I 92 34.41 -48.78 -39.11
C VAL I 92 33.02 -48.19 -39.36
N TYR I 93 32.03 -49.05 -39.61
CA TYR I 93 30.68 -48.60 -39.93
C TYR I 93 29.81 -48.45 -38.70
N TYR I 94 29.34 -47.23 -38.47
CA TYR I 94 28.49 -46.90 -37.33
C TYR I 94 27.05 -46.69 -37.76
N CYS I 95 26.14 -47.02 -36.85
CA CYS I 95 24.72 -46.85 -37.03
C CYS I 95 24.26 -45.71 -36.12
N ALA I 96 23.54 -44.73 -36.68
CA ALA I 96 23.16 -43.53 -35.92
C ALA I 96 21.79 -42.98 -36.31
N LYS I 97 21.24 -42.15 -35.42
CA LYS I 97 20.02 -41.40 -35.71
C LYS I 97 20.35 -40.24 -36.63
N TRP I 98 19.38 -39.85 -37.46
CA TRP I 98 19.64 -38.94 -38.59
C TRP I 98 18.86 -37.62 -38.42
N LEU I 99 19.54 -36.52 -38.69
CA LEU I 99 18.97 -35.17 -38.55
C LEU I 99 18.49 -34.60 -39.88
N GLY I 100 18.65 -35.35 -40.97
CA GLY I 100 18.50 -34.82 -42.32
C GLY I 100 19.83 -34.25 -42.77
N GLY I 101 19.94 -33.94 -44.06
CA GLY I 101 21.22 -33.55 -44.62
C GLY I 101 22.20 -34.71 -44.54
N ARG I 102 23.37 -34.46 -43.95
CA ARG I 102 24.39 -35.51 -43.74
C ARG I 102 24.83 -35.55 -42.27
N ASP I 103 23.98 -35.08 -41.37
CA ASP I 103 24.32 -34.93 -39.96
C ASP I 103 23.63 -35.97 -39.10
N TRP I 104 24.35 -36.49 -38.10
CA TRP I 104 23.88 -37.60 -37.30
C TRP I 104 24.01 -37.31 -35.81
N TYR I 105 23.51 -38.23 -34.99
CA TYR I 105 23.65 -38.14 -33.53
C TYR I 105 23.31 -39.48 -32.88
N ASP I 106 23.65 -39.62 -31.60
CA ASP I 106 23.50 -40.88 -30.87
C ASP I 106 24.10 -42.04 -31.64
N ARG I 107 25.37 -41.89 -31.97
CA ARG I 107 26.10 -42.86 -32.78
C ARG I 107 26.33 -44.15 -31.99
N GLY I 108 26.20 -45.29 -32.67
CA GLY I 108 26.44 -46.59 -32.05
C GLY I 108 27.91 -46.90 -31.88
N GLN I 109 28.22 -48.08 -31.36
CA GLN I 109 29.62 -48.47 -31.11
C GLN I 109 30.33 -48.86 -32.40
N GLY I 110 29.63 -49.53 -33.30
CA GLY I 110 30.15 -49.81 -34.65
C GLY I 110 30.62 -51.24 -34.90
N THR I 111 30.80 -51.57 -36.18
CA THR I 111 31.37 -52.86 -36.59
C THR I 111 32.42 -52.65 -37.69
N GLN I 112 33.48 -53.47 -37.63
CA GLN I 112 34.59 -53.34 -38.58
C GLN I 112 34.27 -54.10 -39.86
N VAL I 113 34.27 -53.36 -40.98
CA VAL I 113 34.19 -53.95 -42.29
C VAL I 113 35.51 -53.66 -42.99
N THR I 114 36.17 -54.72 -43.43
CA THR I 114 37.48 -54.59 -44.06
C THR I 114 37.56 -55.55 -45.25
N VAL I 115 37.84 -54.98 -46.42
CA VAL I 115 37.88 -55.75 -47.66
C VAL I 115 39.29 -55.66 -48.27
N SER I 116 39.94 -56.82 -48.37
CA SER I 116 41.35 -56.90 -48.79
C SER I 116 41.58 -56.41 -50.22
N ILE J 1 11.00 19.81 9.04
CA ILE J 1 9.84 20.74 8.93
C ILE J 1 8.65 20.02 8.28
N ASN J 2 8.19 18.95 8.95
CA ASN J 2 7.03 18.19 8.50
C ASN J 2 5.73 18.85 8.97
N THR J 3 4.60 18.27 8.57
CA THR J 3 3.28 18.80 8.89
C THR J 3 2.36 17.71 9.43
N VAL J 4 1.55 18.06 10.42
CA VAL J 4 0.51 17.16 10.92
C VAL J 4 -0.79 17.41 10.15
N GLY J 5 -0.78 17.05 8.87
CA GLY J 5 -2.00 16.96 8.06
C GLY J 5 -2.56 15.55 8.12
N TYR J 6 -2.21 14.83 9.18
CA TYR J 6 -2.83 13.54 9.49
C TYR J 6 -4.11 13.77 10.30
N LEU J 7 -4.20 14.94 10.95
CA LEU J 7 -5.43 15.37 11.62
C LEU J 7 -6.55 15.48 10.59
N GLU J 8 -6.23 16.07 9.44
CA GLU J 8 -7.18 16.18 8.34
C GLU J 8 -7.68 14.81 7.90
N GLN J 9 -6.73 13.91 7.66
CA GLN J 9 -7.02 12.54 7.23
C GLN J 9 -7.92 11.79 8.23
N LYS J 10 -7.64 11.97 9.52
CA LYS J 10 -8.39 11.33 10.59
C LYS J 10 -9.86 11.79 10.61
N MET J 11 -10.07 13.08 10.43
CA MET J 11 -11.41 13.67 10.45
C MET J 11 -12.21 13.30 9.20
N PHE J 12 -11.59 13.45 8.03
CA PHE J 12 -12.27 13.18 6.76
C PHE J 12 -12.56 11.69 6.57
N ALA J 13 -11.69 10.83 7.05
CA ALA J 13 -11.93 9.39 7.00
C ALA J 13 -13.12 9.01 7.88
N ALA J 14 -13.23 9.66 9.04
CA ALA J 14 -14.35 9.43 9.96
C ALA J 14 -15.66 9.91 9.35
N MET J 15 -15.63 11.02 8.61
CA MET J 15 -16.82 11.56 7.94
C MET J 15 -17.34 10.59 6.90
N VAL J 16 -16.43 10.03 6.11
CA VAL J 16 -16.77 9.04 5.10
C VAL J 16 -17.37 7.79 5.75
N ALA J 17 -16.74 7.34 6.83
CA ALA J 17 -17.22 6.17 7.57
C ALA J 17 -18.64 6.37 8.09
N ASP J 18 -18.92 7.58 8.59
CA ASP J 18 -20.28 7.94 9.08
C ASP J 18 -21.30 7.89 7.95
N ASN J 19 -20.93 8.44 6.79
CA ASN J 19 -21.83 8.48 5.63
C ASN J 19 -22.22 7.09 5.15
N GLN J 20 -21.24 6.19 5.08
CA GLN J 20 -21.46 4.82 4.63
C GLN J 20 -22.21 3.98 5.66
N MET J 21 -21.94 4.22 6.94
CA MET J 21 -22.70 3.59 8.02
C MET J 21 -24.18 3.93 7.91
N ALA J 22 -24.47 5.19 7.55
CA ALA J 22 -25.85 5.63 7.36
C ALA J 22 -26.50 4.97 6.14
N MET J 23 -25.70 4.77 5.10
CA MET J 23 -26.18 4.19 3.84
C MET J 23 -26.59 2.73 4.00
N VAL J 24 -25.81 1.98 4.78
CA VAL J 24 -26.13 0.57 5.06
C VAL J 24 -27.34 0.47 6.00
N MET J 25 -27.55 1.50 6.83
CA MET J 25 -28.70 1.56 7.71
C MET J 25 -30.02 1.84 6.96
N LEU J 26 -29.92 2.33 5.73
CA LEU J 26 -31.11 2.56 4.89
C LEU J 26 -31.76 1.26 4.44
N ASN J 27 -30.97 0.19 4.29
CA ASN J 27 -31.48 -1.14 3.92
C ASN J 27 -30.80 -2.27 4.71
N PRO J 28 -31.22 -2.48 5.99
CA PRO J 28 -30.61 -3.51 6.84
C PRO J 28 -30.84 -4.96 6.37
N LYS J 29 -31.96 -5.21 5.70
CA LYS J 29 -32.21 -6.51 5.08
C LYS J 29 -31.33 -6.64 3.84
N ASN J 30 -30.95 -7.88 3.51
CA ASN J 30 -29.92 -8.19 2.50
C ASN J 30 -28.53 -7.69 2.92
N LEU J 31 -28.35 -6.37 2.98
CA LEU J 31 -27.13 -5.73 3.52
C LEU J 31 -25.88 -5.94 2.65
N LYS J 32 -25.43 -7.20 2.57
CA LYS J 32 -24.30 -7.60 1.71
C LYS J 32 -22.95 -7.06 2.17
N ALA J 33 -21.90 -7.68 1.65
CA ALA J 33 -20.52 -7.24 1.87
C ALA J 33 -20.09 -6.42 0.66
N SER J 34 -20.28 -5.10 0.76
CA SER J 34 -19.98 -4.20 -0.34
C SER J 34 -18.68 -3.43 -0.13
N ASN J 35 -18.23 -2.77 -1.19
CA ASN J 35 -17.08 -1.86 -1.15
C ASN J 35 -17.24 -0.78 -2.22
N GLY J 36 -16.57 0.34 -2.04
CA GLY J 36 -16.67 1.44 -2.99
C GLY J 36 -15.79 2.63 -2.69
N GLU J 37 -16.18 3.77 -3.28
CA GLU J 37 -15.37 4.97 -3.27
C GLU J 37 -16.24 6.20 -2.93
N GLU J 38 -15.67 7.16 -2.21
CA GLU J 38 -16.38 8.41 -1.89
C GLU J 38 -15.43 9.61 -2.03
N GLU J 39 -15.85 10.59 -2.83
CA GLU J 39 -15.09 11.82 -2.99
C GLU J 39 -15.46 12.80 -1.87
N LEU J 40 -14.47 13.20 -1.08
CA LEU J 40 -14.70 14.10 0.05
C LEU J 40 -13.44 14.90 0.37
N ALA J 41 -13.62 16.19 0.65
CA ALA J 41 -12.51 17.08 0.97
C ALA J 41 -11.46 17.14 -0.14
N GLY J 42 -11.91 17.04 -1.39
CA GLY J 42 -11.02 17.05 -2.55
C GLY J 42 -10.07 15.87 -2.62
N GLN J 43 -10.53 14.71 -2.15
CA GLN J 43 -9.71 13.51 -2.08
C GLN J 43 -10.57 12.25 -2.19
N THR J 44 -9.99 11.20 -2.77
CA THR J 44 -10.70 9.93 -2.93
C THR J 44 -10.51 9.05 -1.70
N TRP J 45 -11.61 8.48 -1.21
CA TRP J 45 -11.60 7.60 -0.04
C TRP J 45 -12.19 6.25 -0.40
N TYR J 46 -11.47 5.18 -0.07
CA TYR J 46 -11.87 3.82 -0.41
C TYR J 46 -12.45 3.13 0.81
N TRP J 47 -13.73 2.79 0.74
CA TRP J 47 -14.44 2.21 1.88
C TRP J 47 -14.85 0.76 1.65
N LYS J 48 -15.00 0.02 2.74
CA LYS J 48 -15.53 -1.34 2.70
C LYS J 48 -16.53 -1.53 3.85
N VAL J 49 -17.70 -2.09 3.54
CA VAL J 49 -18.61 -2.58 4.58
C VAL J 49 -18.51 -4.09 4.61
N ALA J 50 -18.31 -4.66 5.80
CA ALA J 50 -18.13 -6.10 5.96
C ALA J 50 -18.97 -6.63 7.13
N PRO J 51 -19.98 -7.45 6.83
CA PRO J 51 -20.77 -8.12 7.87
C PRO J 51 -19.92 -8.94 8.84
N VAL J 52 -20.36 -8.99 10.09
CA VAL J 52 -19.69 -9.77 11.13
C VAL J 52 -20.71 -10.69 11.80
N ALA J 53 -20.37 -11.96 11.93
CA ALA J 53 -21.26 -12.94 12.54
C ALA J 53 -21.52 -12.60 14.02
N THR J 54 -22.75 -12.85 14.46
CA THR J 54 -23.14 -12.62 15.85
C THR J 54 -24.35 -13.50 16.21
N THR J 55 -24.22 -14.26 17.30
CA THR J 55 -25.25 -15.23 17.71
C THR J 55 -26.42 -14.59 18.47
N GLN J 56 -26.36 -13.28 18.70
CA GLN J 56 -27.46 -12.54 19.33
C GLN J 56 -28.59 -12.32 18.31
N PRO J 57 -29.86 -12.43 18.75
CA PRO J 57 -31.01 -12.39 17.84
C PRO J 57 -31.31 -10.99 17.29
N LEU J 58 -31.56 -10.92 15.97
CA LEU J 58 -31.85 -9.67 15.23
C LEU J 58 -30.64 -8.74 15.10
N LEU J 59 -29.92 -8.51 16.19
CA LEU J 59 -28.65 -7.80 16.14
C LEU J 59 -27.77 -8.37 15.03
N LYS J 60 -27.43 -7.54 14.05
CA LYS J 60 -26.69 -7.97 12.88
C LYS J 60 -25.54 -6.99 12.60
N ALA J 61 -24.37 -7.29 13.16
CA ALA J 61 -23.24 -6.37 13.14
C ALA J 61 -22.53 -6.30 11.79
N PHE J 62 -21.89 -5.15 11.53
CA PHE J 62 -21.06 -4.93 10.35
C PHE J 62 -19.94 -3.91 10.64
N ASP J 63 -18.83 -4.05 9.91
CA ASP J 63 -17.68 -3.15 10.05
C ASP J 63 -17.57 -2.23 8.84
N VAL J 64 -17.59 -0.92 9.07
CA VAL J 64 -17.26 0.04 8.02
C VAL J 64 -15.82 0.50 8.21
N SER J 65 -14.98 0.26 7.19
CA SER J 65 -13.58 0.69 7.22
C SER J 65 -13.29 1.60 6.02
N VAL J 66 -12.47 2.62 6.22
CA VAL J 66 -12.10 3.54 5.14
C VAL J 66 -10.58 3.72 5.05
N ALA J 67 -10.07 3.78 3.82
CA ALA J 67 -8.62 3.87 3.56
C ALA J 67 -8.31 5.02 2.61
N ALA J 68 -7.07 5.49 2.63
CA ALA J 68 -6.65 6.63 1.78
C ALA J 68 -6.12 6.19 0.41
N GLU J 69 -5.61 4.95 0.33
CA GLU J 69 -5.18 4.38 -0.96
C GLU J 69 -6.02 3.16 -1.34
N LYS J 70 -5.99 2.84 -2.62
CA LYS J 70 -6.72 1.69 -3.17
C LYS J 70 -6.46 0.41 -2.37
N GLN J 71 -5.18 0.11 -2.16
CA GLN J 71 -4.77 -1.15 -1.52
C GLN J 71 -4.34 -0.99 -0.04
N ALA J 72 -4.32 0.24 0.46
CA ALA J 72 -3.79 0.53 1.80
C ALA J 72 -4.67 -0.02 2.91
N SER J 73 -4.09 -0.22 4.08
CA SER J 73 -4.84 -0.64 5.26
C SER J 73 -5.69 0.53 5.74
N PRO J 74 -6.84 0.24 6.36
CA PRO J 74 -7.76 1.32 6.74
C PRO J 74 -7.21 2.21 7.85
N ILE J 75 -7.47 3.51 7.74
CA ILE J 75 -7.08 4.48 8.75
C ILE J 75 -8.10 4.49 9.89
N ILE J 76 -9.33 4.07 9.60
CA ILE J 76 -10.36 3.95 10.61
C ILE J 76 -11.28 2.76 10.31
N THR J 77 -11.69 2.05 11.37
CA THR J 77 -12.64 0.94 11.26
C THR J 77 -13.63 1.03 12.41
N VAL J 78 -14.93 1.07 12.08
CA VAL J 78 -15.98 1.26 13.09
C VAL J 78 -17.04 0.17 12.99
N ARG J 79 -17.35 -0.45 14.13
CA ARG J 79 -18.38 -1.50 14.17
C ARG J 79 -19.75 -0.88 14.51
N SER J 80 -20.79 -1.43 13.89
CA SER J 80 -22.16 -0.94 14.10
C SER J 80 -23.12 -2.12 14.22
N TYR J 81 -24.06 -2.00 15.16
CA TYR J 81 -25.07 -3.04 15.40
C TYR J 81 -26.44 -2.58 14.91
N GLU K 2 2.00 27.54 14.36
CA GLU K 2 2.42 28.84 13.77
C GLU K 2 1.42 29.26 12.71
N LEU K 3 1.21 28.37 11.74
CA LEU K 3 0.04 28.38 10.87
C LEU K 3 -0.59 26.99 10.81
N SER K 4 0.15 25.97 11.23
CA SER K 4 -0.43 24.67 11.55
C SER K 4 -1.49 24.84 12.66
N GLN K 5 -1.27 25.81 13.55
CA GLN K 5 -2.26 26.16 14.57
C GLN K 5 -3.56 26.64 13.92
N GLU K 6 -3.42 27.42 12.84
CA GLU K 6 -4.56 27.89 12.06
C GLU K 6 -5.34 26.74 11.42
N ARG K 7 -4.62 25.74 10.90
CA ARG K 7 -5.26 24.59 10.25
C ARG K 7 -5.88 23.62 11.25
N THR K 8 -5.27 23.50 12.43
CA THR K 8 -5.86 22.73 13.50
C THR K 8 -7.14 23.39 14.01
N ALA K 9 -7.15 24.72 14.07
CA ALA K 9 -8.33 25.48 14.47
C ALA K 9 -9.43 25.39 13.41
N ARG K 10 -9.04 25.31 12.14
CA ARG K 10 -10.00 25.18 11.03
C ARG K 10 -10.78 23.87 11.13
N LEU K 11 -10.10 22.79 11.50
CA LEU K 11 -10.77 21.51 11.69
C LEU K 11 -11.72 21.56 12.89
N ASN K 12 -11.32 22.26 13.95
CA ASN K 12 -12.19 22.49 15.11
C ASN K 12 -13.44 23.27 14.71
N GLU K 13 -13.26 24.29 13.88
CA GLU K 13 -14.38 25.10 13.40
C GLU K 13 -15.36 24.25 12.59
N LEU K 14 -14.82 23.38 11.74
CA LEU K 14 -15.65 22.49 10.93
C LEU K 14 -16.46 21.51 11.81
N GLN K 15 -15.84 21.02 12.89
CA GLN K 15 -16.53 20.13 13.83
C GLN K 15 -17.64 20.85 14.61
N ARG K 16 -17.40 22.10 15.01
CA ARG K 16 -18.45 22.90 15.66
C ARG K 16 -19.66 23.02 14.73
N ALA K 17 -19.39 23.29 13.45
CA ALA K 17 -20.46 23.42 12.45
C ALA K 17 -21.20 22.11 12.24
N LEU K 18 -20.44 21.03 12.05
CA LEU K 18 -21.03 19.72 11.80
C LEU K 18 -21.89 19.22 12.97
N VAL K 19 -21.39 19.41 14.20
CA VAL K 19 -22.13 19.01 15.39
C VAL K 19 -23.42 19.82 15.56
N MET K 20 -23.39 21.09 15.18
CA MET K 20 -24.60 21.91 15.19
C MET K 20 -25.61 21.40 14.17
N MET K 21 -25.11 21.02 12.99
CA MET K 21 -25.95 20.43 11.96
C MET K 21 -26.51 19.09 12.38
N ASP K 22 -25.71 18.29 13.09
CA ASP K 22 -26.16 17.01 13.63
C ASP K 22 -27.34 17.19 14.57
N SER K 23 -27.27 18.21 15.42
CA SER K 23 -28.30 18.46 16.41
C SER K 23 -29.64 18.92 15.80
N ASP K 24 -29.61 19.42 14.57
CA ASP K 24 -30.82 19.82 13.87
C ASP K 24 -31.34 18.72 12.95
N PHE K 25 -30.48 18.26 12.04
CA PHE K 25 -30.89 17.29 11.02
C PHE K 25 -31.21 15.90 11.57
N ARG K 26 -30.66 15.53 12.72
CA ARG K 26 -31.02 14.27 13.38
C ARG K 26 -32.32 14.39 14.17
N GLN K 27 -32.69 15.61 14.53
CA GLN K 27 -33.85 15.86 15.36
C GLN K 27 -34.96 16.59 14.60
N ILE K 28 -35.14 16.24 13.32
CA ILE K 28 -36.17 16.88 12.51
C ILE K 28 -37.54 16.47 13.01
N ALA K 29 -38.37 17.47 13.33
CA ALA K 29 -39.71 17.23 13.83
C ALA K 29 -40.68 16.99 12.67
N LEU K 30 -41.62 16.08 12.89
CA LEU K 30 -42.72 15.85 11.94
C LEU K 30 -43.81 16.88 12.15
N ARG K 31 -43.51 18.12 11.76
CA ARG K 31 -44.45 19.22 11.83
C ARG K 31 -44.25 20.18 10.67
N GLN K 32 -45.34 20.56 10.02
CA GLN K 32 -45.30 21.48 8.90
C GLN K 32 -45.08 22.90 9.39
N THR K 33 -44.13 23.61 8.77
CA THR K 33 -43.90 25.00 9.06
C THR K 33 -44.32 25.86 7.88
N ARG K 34 -44.53 27.14 8.12
CA ARG K 34 -45.01 28.06 7.10
C ARG K 34 -43.95 29.10 6.76
N THR K 35 -43.84 29.43 5.48
CA THR K 35 -43.02 30.57 5.02
C THR K 35 -43.92 31.74 4.67
N PRO K 40 -44.85 32.32 0.41
CA PRO K 40 -46.23 31.87 0.59
C PRO K 40 -46.39 30.36 0.39
N SER K 41 -45.99 29.57 1.40
CA SER K 41 -46.00 28.11 1.32
C SER K 41 -46.12 27.46 2.70
N LYS K 42 -46.58 26.21 2.73
CA LYS K 42 -46.63 25.38 3.95
C LYS K 42 -46.10 23.96 3.65
N LYS K 43 -44.93 23.64 4.20
CA LYS K 43 -44.25 22.37 3.91
C LYS K 43 -43.61 21.75 5.16
N LEU K 44 -43.13 20.51 5.03
CA LEU K 44 -42.32 19.87 6.07
C LEU K 44 -40.86 20.28 5.94
N LEU K 45 -40.33 20.18 4.73
CA LEU K 45 -38.97 20.63 4.41
C LEU K 45 -39.03 21.71 3.36
N HIS K 46 -38.54 22.90 3.68
CA HIS K 46 -38.43 23.99 2.71
C HIS K 46 -37.03 24.00 2.11
N TRP K 47 -36.98 24.09 0.78
CA TRP K 47 -35.71 24.01 0.06
C TRP K 47 -35.83 24.72 -1.28
N ALA K 48 -35.14 25.86 -1.40
CA ALA K 48 -35.18 26.66 -2.63
C ALA K 48 -34.02 27.65 -2.67
N ASP K 49 -33.87 28.29 -3.83
CA ASP K 49 -32.87 29.34 -3.99
C ASP K 49 -33.29 30.60 -3.26
N TYR K 50 -32.32 31.25 -2.63
CA TYR K 50 -32.52 32.53 -1.96
C TYR K 50 -33.50 32.48 -0.77
N LEU K 51 -33.74 31.28 -0.24
CA LEU K 51 -34.57 31.10 0.93
C LEU K 51 -33.81 31.60 2.15
N LEU K 52 -34.52 32.31 3.03
CA LEU K 52 -33.92 32.98 4.19
C LEU K 52 -32.86 34.01 3.75
N ASP K 53 -33.07 34.59 2.56
CA ASP K 53 -32.13 35.55 1.98
C ASP K 53 -30.72 35.00 1.79
N SER K 54 -30.64 33.72 1.45
CA SER K 54 -29.36 33.06 1.19
C SER K 54 -28.75 33.59 -0.10
N ASP K 55 -27.42 33.64 -0.16
CA ASP K 55 -26.72 34.04 -1.39
C ASP K 55 -26.90 32.99 -2.48
N ASN K 56 -27.05 31.73 -2.07
CA ASN K 56 -27.46 30.67 -2.99
C ASN K 56 -28.62 29.86 -2.39
N LYS K 57 -28.42 28.57 -2.09
CA LYS K 57 -29.52 27.74 -1.59
C LYS K 57 -29.80 28.02 -0.12
N GLY K 58 -31.05 27.81 0.27
CA GLY K 58 -31.47 27.95 1.66
C GLY K 58 -32.41 26.83 2.07
N ILE K 59 -32.26 26.36 3.30
CA ILE K 59 -33.10 25.28 3.82
C ILE K 59 -33.76 25.70 5.14
N MET K 60 -34.97 25.19 5.38
CA MET K 60 -35.72 25.49 6.60
C MET K 60 -36.62 24.32 6.96
N PHE K 61 -36.69 23.99 8.25
CA PHE K 61 -37.53 22.88 8.72
C PHE K 61 -37.81 22.94 10.22
N ALA K 62 -38.75 22.11 10.67
CA ALA K 62 -39.11 22.03 12.10
C ALA K 62 -38.14 21.12 12.85
N ARG K 63 -37.85 21.49 14.09
CA ARG K 63 -36.88 20.79 14.92
C ARG K 63 -37.46 20.47 16.30
N LEU K 64 -37.12 19.29 16.83
CA LEU K 64 -37.62 18.87 18.15
C LEU K 64 -36.49 18.88 19.19
N GLY K 65 -36.56 19.80 20.14
CA GLY K 65 -35.52 19.96 21.17
C GLY K 65 -35.99 19.55 22.56
N TRP K 66 -35.07 19.16 23.43
CA TRP K 66 -35.43 18.73 24.79
C TRP K 66 -34.73 19.46 25.94
N HIS K 67 -33.52 19.97 25.69
CA HIS K 67 -32.67 20.48 26.76
C HIS K 67 -32.38 21.99 26.59
N ASN K 68 -33.46 22.77 26.45
CA ASN K 68 -33.35 24.22 26.28
C ASN K 68 -32.98 24.89 27.62
N PRO K 69 -31.78 25.51 27.70
CA PRO K 69 -31.33 26.09 28.98
C PRO K 69 -32.15 27.31 29.43
N GLN K 70 -32.92 27.90 28.51
CA GLN K 70 -33.81 29.02 28.82
C GLN K 70 -34.77 28.68 29.97
N GLN K 71 -35.44 27.53 29.86
CA GLN K 71 -36.35 27.03 30.90
C GLN K 71 -36.21 25.51 31.01
N GLN K 72 -35.35 25.07 31.93
CA GLN K 72 -35.04 23.64 32.09
C GLN K 72 -36.05 22.94 33.02
N PHE K 73 -37.17 22.53 32.43
CA PHE K 73 -38.24 21.83 33.16
C PHE K 73 -38.63 20.55 32.42
N GLY K 76 -39.82 18.99 26.23
CA GLY K 76 -40.00 18.69 24.80
C GLY K 76 -40.56 19.87 24.05
N GLU K 77 -39.84 20.35 23.03
CA GLU K 77 -40.17 21.62 22.38
C GLU K 77 -39.95 21.54 20.88
N VAL K 78 -40.96 21.95 20.11
CA VAL K 78 -40.84 22.06 18.66
C VAL K 78 -40.56 23.51 18.26
N THR K 79 -39.48 23.70 17.51
CA THR K 79 -39.09 25.02 17.03
C THR K 79 -38.61 24.94 15.60
N LYS K 80 -38.76 26.05 14.87
CA LYS K 80 -38.35 26.13 13.47
C LYS K 80 -36.86 26.47 13.40
N VAL K 81 -36.16 25.84 12.46
CA VAL K 81 -34.72 26.08 12.24
C VAL K 81 -34.40 26.13 10.76
N GLY K 82 -33.24 26.68 10.42
CA GLY K 82 -32.82 26.79 9.03
C GLY K 82 -31.34 27.05 8.82
N TYR K 83 -30.90 26.85 7.58
CA TYR K 83 -29.51 27.10 7.19
C TYR K 83 -29.43 27.91 5.90
N ARG K 84 -28.35 28.68 5.78
CA ARG K 84 -28.12 29.51 4.59
C ARG K 84 -26.65 29.86 4.43
N ILE K 85 -26.32 30.47 3.28
CA ILE K 85 -25.01 31.04 3.05
C ILE K 85 -25.16 32.56 2.91
N LYS K 86 -24.38 33.32 3.68
CA LYS K 86 -24.35 34.78 3.53
C LYS K 86 -22.92 35.30 3.73
N ASP K 87 -22.45 36.07 2.76
CA ASP K 87 -21.08 36.57 2.74
C ASP K 87 -20.06 35.44 2.89
N GLU K 88 -20.30 34.35 2.17
CA GLU K 88 -19.44 33.14 2.19
C GLU K 88 -19.25 32.55 3.60
N ARG K 89 -20.29 32.62 4.41
CA ARG K 89 -20.33 31.95 5.72
C ARG K 89 -21.58 31.08 5.78
N LEU K 90 -21.44 29.86 6.29
CA LEU K 90 -22.60 29.04 6.63
C LEU K 90 -23.21 29.62 7.89
N GLU K 91 -24.50 29.92 7.84
CA GLU K 91 -25.20 30.49 8.98
C GLU K 91 -26.41 29.66 9.35
N ARG K 92 -26.59 29.46 10.65
CA ARG K 92 -27.80 28.84 11.18
C ARG K 92 -28.81 29.94 11.54
N VAL K 93 -30.05 29.73 11.12
CA VAL K 93 -31.16 30.62 11.49
C VAL K 93 -32.08 29.87 12.42
N TRP K 94 -32.45 30.50 13.54
CA TRP K 94 -33.30 29.87 14.56
C TRP K 94 -34.47 30.75 14.97
N TRP K 95 -35.67 30.17 14.93
CA TRP K 95 -36.90 30.85 15.37
C TRP K 95 -37.31 30.27 16.72
N ARG K 96 -37.26 31.10 17.76
CA ARG K 96 -37.51 30.65 19.12
C ARG K 96 -38.99 30.50 19.45
N TYR K 97 -39.81 31.38 18.88
CA TYR K 97 -41.22 31.47 19.24
C TYR K 97 -42.13 31.07 18.08
N PRO K 98 -43.42 30.80 18.37
CA PRO K 98 -44.33 30.38 17.30
C PRO K 98 -44.64 31.53 16.34
N ASP K 99 -44.98 31.17 15.10
CA ASP K 99 -45.20 32.16 14.04
C ASP K 99 -46.41 33.02 14.35
N THR K 100 -46.40 34.26 13.88
CA THR K 100 -47.51 35.19 14.08
C THR K 100 -47.43 36.34 13.08
N PRO K 101 -48.57 36.91 12.66
CA PRO K 101 -48.54 38.12 11.82
C PRO K 101 -47.54 39.21 12.28
N ALA K 102 -47.40 39.38 13.58
CA ALA K 102 -46.40 40.31 14.14
C ALA K 102 -44.98 39.97 13.67
N GLY K 103 -44.70 38.67 13.52
CA GLY K 103 -43.38 38.19 13.13
C GLY K 103 -42.52 38.01 14.37
N GLN K 104 -41.24 37.75 14.16
CA GLN K 104 -40.32 37.56 15.27
C GLN K 104 -38.88 37.82 14.89
N GLU K 105 -38.07 38.10 15.90
CA GLU K 105 -36.65 38.33 15.73
C GLU K 105 -35.96 36.98 15.57
N GLY K 106 -35.48 36.70 14.37
CA GLY K 106 -34.73 35.48 14.11
C GLY K 106 -33.32 35.58 14.67
N VAL K 107 -32.77 34.45 15.10
CA VAL K 107 -31.41 34.39 15.62
C VAL K 107 -30.49 33.82 14.53
N VAL K 108 -29.72 34.71 13.91
CA VAL K 108 -28.75 34.30 12.89
C VAL K 108 -27.38 34.11 13.52
N THR K 109 -26.85 32.90 13.40
CA THR K 109 -25.57 32.54 13.99
C THR K 109 -24.63 31.95 12.95
N PRO K 110 -23.54 32.66 12.62
CA PRO K 110 -22.54 32.09 11.70
C PRO K 110 -21.80 30.91 12.29
N LEU K 111 -21.84 29.76 11.61
CA LEU K 111 -21.19 28.54 12.07
C LEU K 111 -19.82 28.31 11.46
N LEU K 112 -19.71 28.49 10.16
CA LEU K 112 -18.49 28.14 9.43
C LEU K 112 -18.14 29.20 8.38
N SER K 113 -16.91 29.70 8.46
CA SER K 113 -16.42 30.70 7.53
C SER K 113 -15.93 30.06 6.22
N ASP K 114 -15.66 30.90 5.23
CA ASP K 114 -15.16 30.46 3.92
C ASP K 114 -15.95 29.28 3.34
N VAL K 115 -17.28 29.39 3.36
CA VAL K 115 -18.15 28.39 2.75
C VAL K 115 -18.88 29.02 1.57
N GLU K 116 -18.56 28.56 0.36
CA GLU K 116 -19.12 29.13 -0.87
C GLU K 116 -20.57 28.72 -1.07
N GLU K 117 -20.82 27.41 -1.08
CA GLU K 117 -22.12 26.88 -1.46
C GLU K 117 -22.72 25.92 -0.45
N LEU K 118 -24.05 25.94 -0.37
CA LEU K 118 -24.81 24.95 0.38
C LEU K 118 -25.61 24.15 -0.62
N ASN K 119 -25.65 22.84 -0.43
CA ASN K 119 -26.41 21.95 -1.29
C ASN K 119 -26.96 20.78 -0.48
N VAL K 120 -28.19 20.37 -0.78
CA VAL K 120 -28.85 19.31 -0.04
C VAL K 120 -29.53 18.35 -1.02
N ARG K 121 -29.34 17.05 -0.77
CA ARG K 121 -29.98 16.01 -1.57
C ARG K 121 -30.84 15.15 -0.64
N PHE K 122 -31.96 14.66 -1.16
CA PHE K 122 -32.92 13.90 -0.37
C PHE K 122 -33.07 12.49 -0.94
N TYR K 123 -32.99 11.48 -0.07
CA TYR K 123 -33.14 10.09 -0.50
C TYR K 123 -34.59 9.64 -0.33
N ASP K 124 -35.21 9.21 -1.43
CA ASP K 124 -36.65 8.87 -1.42
C ASP K 124 -36.93 7.37 -1.33
N GLY K 125 -35.95 6.59 -0.87
CA GLY K 125 -36.09 5.14 -0.76
C GLY K 125 -35.41 4.40 -1.89
N LYS K 126 -35.48 4.97 -3.09
CA LYS K 126 -34.87 4.35 -4.28
C LYS K 126 -33.62 5.09 -4.77
N GLN K 127 -33.61 6.41 -4.62
CA GLN K 127 -32.56 7.24 -5.23
C GLN K 127 -32.50 8.64 -4.64
N TRP K 128 -31.31 9.24 -4.68
CA TRP K 128 -31.12 10.61 -4.22
C TRP K 128 -31.68 11.60 -5.23
N ILE K 129 -32.54 12.50 -4.77
CA ILE K 129 -33.14 13.51 -5.64
C ILE K 129 -32.82 14.94 -5.19
N ASN K 130 -33.10 15.88 -6.08
CA ASN K 130 -32.70 17.28 -6.00
C ASN K 130 -33.64 18.14 -5.18
N GLU K 131 -34.92 17.78 -5.17
CA GLU K 131 -35.95 18.55 -4.48
C GLU K 131 -36.75 17.63 -3.58
N TRP K 132 -37.64 18.23 -2.79
CA TRP K 132 -38.57 17.46 -1.96
C TRP K 132 -39.96 18.10 -1.92
N SER K 133 -40.81 17.66 -2.84
CA SER K 133 -42.16 18.22 -2.99
C SER K 133 -43.17 17.59 -2.04
N ASN K 134 -42.84 16.43 -1.49
CA ASN K 134 -43.74 15.71 -0.59
C ASN K 134 -43.88 16.40 0.77
N GLU K 135 -45.04 17.00 1.01
CA GLU K 135 -45.31 17.76 2.23
C GLU K 135 -45.91 16.89 3.35
N LEU K 136 -46.25 15.64 3.01
CA LEU K 136 -46.92 14.74 3.96
C LEU K 136 -45.94 13.92 4.79
N THR K 137 -44.85 13.46 4.16
CA THR K 137 -43.86 12.62 4.84
C THR K 137 -42.43 13.08 4.53
N LEU K 138 -41.51 12.82 5.46
CA LEU K 138 -40.10 13.19 5.31
C LEU K 138 -39.33 12.19 4.43
N PRO K 139 -38.18 12.63 3.88
CA PRO K 139 -37.36 11.68 3.13
C PRO K 139 -36.61 10.75 4.08
N ALA K 140 -36.33 9.54 3.61
CA ALA K 140 -35.64 8.52 4.41
C ALA K 140 -34.27 9.01 4.91
N ALA K 141 -33.56 9.74 4.04
CA ALA K 141 -32.25 10.29 4.39
C ALA K 141 -32.02 11.66 3.75
N ILE K 142 -31.19 12.46 4.40
CA ILE K 142 -30.83 13.80 3.91
C ILE K 142 -29.31 13.94 3.86
N SER K 143 -28.77 14.36 2.72
CA SER K 143 -27.33 14.57 2.56
C SER K 143 -27.02 16.05 2.41
N VAL K 144 -26.43 16.65 3.46
CA VAL K 144 -26.04 18.06 3.41
C VAL K 144 -24.60 18.19 2.90
N GLU K 145 -24.44 18.88 1.79
CA GLU K 145 -23.13 19.07 1.16
C GLU K 145 -22.68 20.53 1.26
N LEU K 146 -21.54 20.76 1.91
CA LEU K 146 -20.95 22.09 2.04
C LEU K 146 -19.71 22.21 1.15
N THR K 147 -19.67 23.25 0.33
CA THR K 147 -18.49 23.53 -0.51
C THR K 147 -17.62 24.59 0.17
N LEU K 148 -16.52 24.15 0.77
CA LEU K 148 -15.59 25.05 1.45
C LEU K 148 -14.54 25.54 0.47
N LYS K 149 -14.06 26.77 0.68
CA LYS K 149 -13.06 27.38 -0.21
C LYS K 149 -11.72 26.64 -0.15
N ASP K 150 -11.37 26.12 1.03
CA ASP K 150 -10.09 25.45 1.22
C ASP K 150 -10.16 23.94 0.95
N TYR K 151 -11.16 23.27 1.53
CA TYR K 151 -11.26 21.80 1.43
C TYR K 151 -12.16 21.31 0.31
N GLY K 152 -12.98 22.20 -0.26
CA GLY K 152 -13.90 21.80 -1.32
C GLY K 152 -15.16 21.17 -0.75
N LYS K 153 -15.69 20.18 -1.45
CA LYS K 153 -16.96 19.55 -1.09
C LYS K 153 -16.81 18.56 0.07
N ILE K 154 -17.55 18.80 1.16
CA ILE K 154 -17.70 17.80 2.21
C ILE K 154 -19.18 17.56 2.47
N ALA K 155 -19.58 16.30 2.54
CA ALA K 155 -20.98 15.93 2.70
C ALA K 155 -21.21 15.13 3.97
N ARG K 156 -22.40 15.27 4.53
CA ARG K 156 -22.79 14.51 5.71
C ARG K 156 -24.22 13.98 5.55
N THR K 157 -24.40 12.68 5.76
CA THR K 157 -25.71 12.04 5.62
C THR K 157 -26.42 11.91 6.96
N TYR K 158 -27.73 12.15 6.95
CA TYR K 158 -28.56 12.09 8.15
C TYR K 158 -29.79 11.23 7.89
N LEU K 159 -30.01 10.25 8.76
CA LEU K 159 -31.23 9.43 8.70
C LEU K 159 -32.34 10.12 9.48
N THR K 160 -33.53 10.16 8.90
CA THR K 160 -34.67 10.82 9.52
C THR K 160 -35.51 9.80 10.29
N GLN L 3 -24.37 49.76 13.05
CA GLN L 3 -24.54 49.03 11.75
C GLN L 3 -25.77 49.56 10.99
N LEU L 4 -26.86 49.77 11.72
CA LEU L 4 -28.07 50.37 11.16
C LEU L 4 -28.58 51.51 12.05
N GLN L 5 -28.32 52.75 11.63
CA GLN L 5 -28.79 53.94 12.35
C GLN L 5 -29.93 54.57 11.56
N GLU L 6 -31.09 54.69 12.19
CA GLU L 6 -32.27 55.29 11.58
C GLU L 6 -32.22 56.80 11.71
N SER L 7 -33.21 57.48 11.12
CA SER L 7 -33.38 58.93 11.27
C SER L 7 -34.76 59.34 10.79
N GLY L 8 -35.32 60.38 11.43
CA GLY L 8 -36.65 60.87 11.10
C GLY L 8 -37.46 61.14 12.36
N GLY L 9 -38.59 60.46 12.50
CA GLY L 9 -39.42 60.55 13.71
C GLY L 9 -40.23 61.82 13.79
N GLY L 10 -41.00 61.95 14.87
CA GLY L 10 -41.92 63.09 15.07
C GLY L 10 -43.37 62.75 14.75
N LEU L 11 -44.22 63.77 14.69
CA LEU L 11 -45.62 63.59 14.29
C LEU L 11 -46.20 64.89 13.73
N PRO L 14 -51.88 64.24 12.64
CA PRO L 14 -52.62 63.15 12.00
C PRO L 14 -52.98 63.47 10.54
N GLY L 15 -52.68 62.53 9.64
CA GLY L 15 -52.88 62.73 8.21
C GLY L 15 -51.65 63.28 7.51
N GLY L 16 -50.63 63.66 8.28
CA GLY L 16 -49.39 64.18 7.73
C GLY L 16 -48.48 63.09 7.19
N SER L 17 -47.43 63.51 6.50
CA SER L 17 -46.46 62.58 5.91
C SER L 17 -45.12 62.67 6.61
N LEU L 18 -44.32 61.61 6.47
CA LEU L 18 -42.98 61.55 7.06
C LEU L 18 -42.13 60.50 6.35
N ARG L 19 -40.84 60.78 6.21
CA ARG L 19 -39.90 59.89 5.54
C ARG L 19 -38.80 59.46 6.50
N LEU L 20 -38.87 58.21 6.96
CA LEU L 20 -37.82 57.63 7.77
C LEU L 20 -36.67 57.21 6.88
N SER L 21 -35.44 57.32 7.38
CA SER L 21 -34.25 56.87 6.67
C SER L 21 -33.44 55.94 7.55
N CYS L 22 -32.57 55.14 6.93
CA CYS L 22 -31.74 54.19 7.65
C CYS L 22 -30.33 54.13 7.04
N ALA L 23 -29.35 54.63 7.78
CA ALA L 23 -27.95 54.60 7.35
C ALA L 23 -27.36 53.20 7.54
N ALA L 24 -27.06 52.52 6.43
CA ALA L 24 -26.47 51.19 6.47
C ALA L 24 -24.95 51.28 6.36
N SER L 25 -24.26 50.42 7.12
CA SER L 25 -22.80 50.41 7.15
C SER L 25 -22.25 49.10 7.73
N GLY L 26 -21.04 48.74 7.32
CA GLY L 26 -20.34 47.58 7.87
C GLY L 26 -20.69 46.22 7.27
N PHE L 27 -21.50 46.22 6.20
CA PHE L 27 -21.84 44.98 5.50
C PHE L 27 -22.31 45.25 4.06
N ALA L 28 -22.38 44.19 3.26
CA ALA L 28 -22.74 44.29 1.84
C ALA L 28 -24.23 44.57 1.65
N PHE L 29 -24.64 45.80 1.96
CA PHE L 29 -26.05 46.23 1.97
C PHE L 29 -26.86 45.81 0.75
N SER L 30 -26.28 45.98 -0.43
CA SER L 30 -26.98 45.74 -1.70
C SER L 30 -27.44 44.29 -1.86
N GLY L 31 -26.69 43.35 -1.29
CA GLY L 31 -27.01 41.93 -1.37
C GLY L 31 -27.94 41.40 -0.30
N TYR L 32 -28.38 42.27 0.63
CA TYR L 32 -29.27 41.87 1.71
C TYR L 32 -30.71 42.28 1.47
N ALA L 33 -31.64 41.47 1.95
CA ALA L 33 -33.04 41.83 2.02
C ALA L 33 -33.20 42.62 3.31
N MET L 34 -33.88 43.75 3.24
CA MET L 34 -34.02 44.65 4.38
C MET L 34 -35.49 44.84 4.73
N SER L 35 -35.74 45.28 5.97
CA SER L 35 -37.10 45.45 6.48
C SER L 35 -37.23 46.61 7.45
N TRP L 36 -38.48 47.00 7.70
CA TRP L 36 -38.82 47.94 8.75
C TRP L 36 -39.68 47.24 9.79
N VAL L 37 -39.41 47.51 11.07
CA VAL L 37 -40.14 46.92 12.19
C VAL L 37 -40.53 48.02 13.15
N ARG L 38 -41.70 47.90 13.78
CA ARG L 38 -42.14 48.92 14.75
C ARG L 38 -42.60 48.31 16.08
N GLN L 39 -42.54 49.11 17.13
CA GLN L 39 -43.10 48.75 18.44
C GLN L 39 -44.00 49.87 18.93
N ALA L 40 -45.30 49.69 18.77
CA ALA L 40 -46.30 50.63 19.30
C ALA L 40 -46.40 50.46 20.82
N PRO L 41 -46.74 51.54 21.55
CA PRO L 41 -46.85 51.40 23.01
C PRO L 41 -47.91 50.38 23.42
N GLY L 42 -47.55 49.50 24.35
CA GLY L 42 -48.45 48.45 24.84
C GLY L 42 -48.49 47.20 23.97
N LYS L 43 -47.57 47.13 23.01
CA LYS L 43 -47.46 45.96 22.12
C LYS L 43 -46.01 45.57 21.96
N GLY L 44 -45.79 44.32 21.54
CA GLY L 44 -44.44 43.82 21.24
C GLY L 44 -43.96 44.35 19.90
N LEU L 45 -42.76 43.92 19.50
CA LEU L 45 -42.22 44.31 18.20
C LEU L 45 -43.02 43.63 17.10
N GLU L 46 -43.37 44.39 16.06
CA GLU L 46 -44.17 43.86 14.95
C GLU L 46 -43.59 44.29 13.59
N TRP L 47 -43.58 43.35 12.65
CA TRP L 47 -43.03 43.57 11.33
C TRP L 47 -43.96 44.49 10.55
N VAL L 48 -43.38 45.52 9.91
CA VAL L 48 -44.15 46.50 9.13
C VAL L 48 -44.05 46.24 7.63
N SER L 49 -42.83 46.32 7.11
CA SER L 49 -42.60 46.16 5.67
C SER L 49 -41.23 45.57 5.40
N GLY L 50 -41.02 45.12 4.16
CA GLY L 50 -39.76 44.50 3.76
C GLY L 50 -39.46 44.66 2.29
N ILE L 51 -38.17 44.79 1.96
CA ILE L 51 -37.74 44.95 0.58
C ILE L 51 -36.63 43.93 0.25
N ASN L 52 -36.82 43.21 -0.85
CA ASN L 52 -35.86 42.20 -1.28
C ASN L 52 -34.64 42.83 -1.94
N ARG L 53 -33.65 41.98 -2.15
CA ARG L 53 -32.41 42.32 -2.83
C ARG L 53 -32.65 42.84 -4.25
N ASP L 54 -33.60 42.21 -4.93
CA ASP L 54 -33.93 42.55 -6.33
C ASP L 54 -34.80 43.79 -6.45
N GLY L 55 -35.51 44.15 -5.39
CA GLY L 55 -36.38 45.34 -5.38
C GLY L 55 -37.83 45.05 -5.02
N SER L 56 -38.22 43.78 -5.04
CA SER L 56 -39.56 43.36 -4.67
C SER L 56 -39.89 43.78 -3.24
N THR L 57 -41.13 44.21 -3.00
CA THR L 57 -41.55 44.71 -1.68
C THR L 57 -42.69 43.89 -1.08
N SER L 58 -42.91 44.08 0.21
CA SER L 58 -44.01 43.44 0.95
C SER L 58 -44.46 44.32 2.11
N TYR L 59 -45.77 44.35 2.36
CA TYR L 59 -46.35 45.20 3.39
C TYR L 59 -47.40 44.46 4.20
N THR L 60 -47.53 44.84 5.47
CA THR L 60 -48.62 44.35 6.33
C THR L 60 -49.92 45.04 5.93
N ALA L 61 -51.04 44.35 6.13
CA ALA L 61 -52.36 44.86 5.76
C ALA L 61 -52.61 46.31 6.20
N PRO L 62 -52.39 46.63 7.50
CA PRO L 62 -52.56 48.01 7.99
C PRO L 62 -51.88 49.09 7.16
N VAL L 63 -50.63 48.84 6.75
CA VAL L 63 -49.85 49.82 5.99
C VAL L 63 -49.68 49.37 4.53
N LYS L 64 -50.78 48.95 3.92
CA LYS L 64 -50.73 48.38 2.57
C LYS L 64 -50.42 49.43 1.50
N GLY L 65 -51.35 50.35 1.27
CA GLY L 65 -51.20 51.35 0.21
C GLY L 65 -50.57 52.66 0.66
N ARG L 66 -50.46 52.85 1.97
CA ARG L 66 -50.04 54.13 2.54
C ARG L 66 -48.52 54.24 2.68
N PHE L 67 -47.91 53.22 3.29
CA PHE L 67 -46.46 53.18 3.47
C PHE L 67 -45.79 52.67 2.20
N THR L 68 -44.56 53.16 1.95
CA THR L 68 -43.79 52.72 0.79
C THR L 68 -42.32 52.53 1.17
N ILE L 69 -41.83 51.31 0.99
CA ILE L 69 -40.44 50.97 1.31
C ILE L 69 -39.61 51.10 0.04
N SER L 70 -38.41 51.63 0.17
CA SER L 70 -37.47 51.78 -0.95
C SER L 70 -36.04 51.77 -0.45
N ARG L 71 -35.10 51.65 -1.39
CA ARG L 71 -33.69 51.49 -1.05
C ARG L 71 -32.79 52.22 -2.06
N ASP L 72 -31.70 52.79 -1.56
CA ASP L 72 -30.67 53.42 -2.42
C ASP L 72 -29.35 52.68 -2.23
N ASN L 73 -29.01 51.85 -3.22
CA ASN L 73 -27.80 51.01 -3.15
C ASN L 73 -26.50 51.79 -3.31
N ALA L 74 -26.59 52.99 -3.88
CA ALA L 74 -25.41 53.85 -4.05
C ALA L 74 -24.89 54.34 -2.70
N LYS L 75 -25.78 54.90 -1.90
CA LYS L 75 -25.43 55.48 -0.60
C LYS L 75 -25.68 54.51 0.57
N ASN L 76 -26.19 53.32 0.26
CA ASN L 76 -26.56 52.33 1.28
C ASN L 76 -27.55 52.89 2.30
N ILE L 77 -28.71 53.30 1.81
CA ILE L 77 -29.77 53.88 2.64
C ILE L 77 -31.10 53.21 2.34
N LEU L 78 -31.80 52.79 3.40
CA LEU L 78 -33.16 52.26 3.28
C LEU L 78 -34.15 53.34 3.71
N TYR L 79 -35.22 53.51 2.94
CA TYR L 79 -36.23 54.53 3.21
C TYR L 79 -37.58 53.91 3.56
N LEU L 80 -38.40 54.70 4.25
CA LEU L 80 -39.81 54.36 4.47
C LEU L 80 -40.64 55.62 4.36
N GLN L 81 -41.26 55.81 3.19
CA GLN L 81 -42.15 56.95 2.97
C GLN L 81 -43.50 56.65 3.61
N MET L 82 -43.81 57.36 4.70
CA MET L 82 -45.04 57.17 5.43
C MET L 82 -46.03 58.28 5.08
N ASN L 83 -47.19 57.88 4.54
CA ASN L 83 -48.25 58.82 4.15
C ASN L 83 -49.52 58.56 4.95
N SER L 84 -50.37 59.59 5.04
CA SER L 84 -51.67 59.47 5.70
C SER L 84 -51.53 58.86 7.09
N LEU L 85 -50.59 59.41 7.86
CA LEU L 85 -50.19 58.82 9.14
C LEU L 85 -51.29 58.93 10.20
N ARG L 86 -51.75 57.77 10.69
CA ARG L 86 -52.80 57.69 11.71
C ARG L 86 -52.20 57.64 13.12
N PRO L 87 -53.00 57.96 14.14
CA PRO L 87 -52.52 57.82 15.53
C PRO L 87 -52.07 56.41 15.90
N GLU L 88 -52.68 55.39 15.32
CA GLU L 88 -52.33 53.99 15.59
C GLU L 88 -50.89 53.64 15.15
N ASP L 89 -50.33 54.44 14.23
CA ASP L 89 -48.98 54.24 13.75
C ASP L 89 -47.91 54.76 14.72
N THR L 90 -48.33 55.49 15.74
CA THR L 90 -47.39 55.99 16.75
C THR L 90 -46.65 54.82 17.39
N ALA L 91 -45.33 54.76 17.13
CA ALA L 91 -44.50 53.65 17.58
C ALA L 91 -43.02 53.99 17.44
N VAL L 92 -42.17 53.13 18.00
CA VAL L 92 -40.72 53.24 17.79
C VAL L 92 -40.37 52.41 16.57
N TYR L 93 -39.98 53.07 15.48
CA TYR L 93 -39.70 52.40 14.21
C TYR L 93 -38.24 51.98 14.10
N TYR L 94 -38.03 50.67 13.96
CA TYR L 94 -36.70 50.09 13.85
C TYR L 94 -36.41 49.63 12.42
N CYS L 95 -35.14 49.71 12.04
CA CYS L 95 -34.65 49.30 10.75
C CYS L 95 -33.86 48.02 10.96
N ALA L 96 -34.15 46.98 10.17
CA ALA L 96 -33.54 45.65 10.37
C ALA L 96 -33.31 44.88 9.07
N LYS L 97 -32.41 43.89 9.14
CA LYS L 97 -32.20 42.96 8.05
C LYS L 97 -33.35 41.96 8.02
N TRP L 98 -33.68 41.48 6.82
CA TRP L 98 -34.91 40.73 6.57
C TRP L 98 -34.64 39.28 6.17
N LEU L 99 -35.38 38.36 6.78
CA LEU L 99 -35.23 36.92 6.52
C LEU L 99 -36.23 36.37 5.50
N GLY L 100 -37.20 37.20 5.08
CA GLY L 100 -38.09 36.83 3.98
C GLY L 100 -39.57 36.75 4.30
N GLY L 101 -39.93 36.26 5.47
CA GLY L 101 -41.34 36.17 5.86
C GLY L 101 -41.79 37.48 6.44
N ARG L 102 -42.04 37.49 7.74
CA ARG L 102 -42.20 38.71 8.53
C ARG L 102 -41.15 38.72 9.66
N ASP L 103 -40.03 38.04 9.42
CA ASP L 103 -39.02 37.82 10.44
C ASP L 103 -37.75 38.62 10.15
N TRP L 104 -37.16 39.20 11.18
CA TRP L 104 -36.03 40.11 11.02
C TRP L 104 -34.85 39.73 11.92
N TYR L 105 -33.74 40.45 11.77
CA TYR L 105 -32.56 40.27 12.63
C TYR L 105 -31.62 41.47 12.49
N ASP L 106 -30.65 41.56 13.41
CA ASP L 106 -29.74 42.70 13.49
C ASP L 106 -30.51 44.03 13.48
N ARG L 107 -31.42 44.15 14.43
CA ARG L 107 -32.30 45.31 14.53
C ARG L 107 -31.53 46.55 14.97
N GLY L 108 -31.86 47.69 14.38
CA GLY L 108 -31.21 48.96 14.73
C GLY L 108 -31.73 49.53 16.03
N GLN L 109 -31.21 50.71 16.42
CA GLN L 109 -31.59 51.33 17.69
C GLN L 109 -32.99 51.96 17.63
N GLY L 110 -33.32 52.55 16.49
CA GLY L 110 -34.69 53.04 16.23
C GLY L 110 -34.88 54.55 16.32
N THR L 111 -36.01 55.02 15.80
CA THR L 111 -36.43 56.43 15.93
C THR L 111 -37.90 56.52 16.31
N GLN L 112 -38.24 57.50 17.14
CA GLN L 112 -39.59 57.67 17.65
C GLN L 112 -40.45 58.46 16.67
N VAL L 113 -41.52 57.83 16.18
CA VAL L 113 -42.52 58.53 15.38
C VAL L 113 -43.84 58.54 16.16
CL CL M . -11.55 29.89 16.13
CL CL N . 13.39 -31.96 -12.81
CL CL O . 27.18 -17.41 -25.01
CL CL P . -31.63 19.64 22.64
#